data_8W0H
#
_entry.id   8W0H
#
_cell.length_a   113.915
_cell.length_b   113.915
_cell.length_c   354.437
_cell.angle_alpha   90.00
_cell.angle_beta   90.00
_cell.angle_gamma   120.00
#
_symmetry.space_group_name_H-M   'P 31 2 1'
#
loop_
_entity.id
_entity.type
_entity.pdbx_description
1 polymer 'Acetyl-coenzyme A synthetase 2'
2 non-polymer 'CHLORIDE ION'
3 non-polymer "5'-O-{(R)-hydroxy[(propan-2-yl)oxy]phosphoryl}adenosine"
4 non-polymer 'TETRAETHYLENE GLYCOL'
5 non-polymer 'TRIETHYLENE GLYCOL'
6 non-polymer 'SULFATE ION'
#
_entity_poly.entity_id   1
_entity_poly.type   'polypeptide(L)'
_entity_poly.pdbx_seq_one_letter_code
;MHHHHHHHHENLYFQGPTEQTHNVVHEANGVKLRETPKEFFERQPNKGHIHDVNQYKQMYEQSIKDPQGFFGPLAKELLS
WDHDFHTVKSGTLKNGDAAWFLGGELNASYNCVDRHAFANPDKPALICEADDEKDSHILTYGDLLREVSKVAGVLQSWGI
KKGDTVAVYLPMNAQAIIAMLAIARLGAAHSVIFAGFSAGSIKDRVNDASCKALITCDEGKRGGRTTNIKKLCDEALVDC
PTVEKVLVYKRTNNPEIHLTEGRDYYWDVETAKFPGYLPPVSVNSEDPLFLLYTSGSTGTPKGVVHSTAGYLLGAALSTK
YIFDIHPEDILFTAGDVGWITGHTYALYGPLLLGVPTIIFEGTPAYPDYGRFWQIVEKHKATHFYVAPTALRLLRKAGEQ
EIAKYDLSSLRTLGSVGEPISPDIWEWYNEFVGKNQCHISDTYWQTESGSHLIAPLAGVVPNKPGSASYPFFGIDAALID
PVTGVEIEGNDAEGVLAIKDHWPSMARTVYKNHTKYMDTYMNPYPGYYFTGDGAARDHDGYYWIRGRVDDVVNVSGHRLS
TAEIEAALIEDKKVSEAAVVGIHDDITGQAVIAYVALKEGNSDEDSEGLRKELVLQVRKTIGPFAAPKSVIIVQDLPKTR
SGKIMRRILRKVSSNEADQLGDISTLSNPQSVEGIISAFGAQFGKK
;
_entity_poly.pdbx_strand_id   A,B,C
#
loop_
_chem_comp.id
_chem_comp.type
_chem_comp.name
_chem_comp.formula
CL non-polymer 'CHLORIDE ION' 'Cl -1'
PG4 non-polymer 'TETRAETHYLENE GLYCOL' 'C8 H18 O5'
PGE non-polymer 'TRIETHYLENE GLYCOL' 'C6 H14 O4'
SO4 non-polymer 'SULFATE ION' 'O4 S -2'
YHQ non-polymer 5'-O-{(R)-hydroxy[(propan-2-yl)oxy]phosphoryl}adenosine 'C13 H20 N5 O7 P'
#
# COMPACT_ATOMS: atom_id res chain seq x y z
N GLN A 20 -56.78 2.10 22.85
CA GLN A 20 -57.17 1.27 21.72
C GLN A 20 -57.59 2.13 20.53
N THR A 21 -57.78 3.42 20.76
CA THR A 21 -58.18 4.37 19.73
C THR A 21 -57.08 5.41 19.56
N HIS A 22 -56.83 5.82 18.32
CA HIS A 22 -55.78 6.77 17.99
C HIS A 22 -56.39 8.09 17.55
N ASN A 23 -55.90 9.18 18.16
CA ASN A 23 -56.32 10.52 17.77
C ASN A 23 -55.42 11.13 16.71
N VAL A 24 -54.20 10.64 16.58
CA VAL A 24 -53.22 11.17 15.63
C VAL A 24 -52.92 10.15 14.52
N VAL A 25 -52.62 8.91 14.89
CA VAL A 25 -52.26 7.88 13.92
C VAL A 25 -53.57 7.23 13.47
N HIS A 26 -54.22 7.86 12.48
CA HIS A 26 -55.48 7.33 11.99
C HIS A 26 -55.29 6.05 11.19
N GLU A 27 -54.11 5.82 10.62
CA GLU A 27 -53.87 4.59 9.88
C GLU A 27 -54.04 3.37 10.77
N ALA A 28 -53.75 3.50 12.05
CA ALA A 28 -53.72 2.37 12.97
C ALA A 28 -55.09 1.99 13.52
N ASN A 29 -56.11 2.84 13.34
CA ASN A 29 -57.41 2.55 13.90
C ASN A 29 -58.04 1.33 13.23
N GLY A 30 -58.45 0.37 14.04
CA GLY A 30 -59.14 -0.81 13.51
C GLY A 30 -58.28 -1.68 12.62
N VAL A 31 -57.02 -1.87 12.98
CA VAL A 31 -56.09 -2.68 12.19
C VAL A 31 -55.67 -3.87 13.05
N LYS A 32 -56.12 -5.06 12.67
CA LYS A 32 -55.79 -6.26 13.42
C LYS A 32 -54.38 -6.72 13.06
N LEU A 33 -53.65 -7.21 14.06
CA LEU A 33 -52.33 -7.75 13.80
C LEU A 33 -52.44 -8.97 12.91
N ARG A 34 -51.65 -9.01 11.84
CA ARG A 34 -51.67 -10.10 10.88
C ARG A 34 -50.48 -11.00 11.18
N GLU A 35 -50.78 -12.17 11.77
CA GLU A 35 -49.77 -13.10 12.21
C GLU A 35 -49.07 -13.76 11.02
N THR A 36 -47.93 -14.35 11.30
CA THR A 36 -47.16 -15.06 10.28
C THR A 36 -47.81 -16.41 10.00
N PRO A 37 -48.18 -16.71 8.75
CA PRO A 37 -48.84 -17.99 8.48
C PRO A 37 -47.98 -19.18 8.88
N LYS A 38 -48.66 -20.27 9.25
CA LYS A 38 -47.95 -21.46 9.69
C LYS A 38 -47.11 -22.07 8.58
N GLU A 39 -47.53 -21.92 7.31
CA GLU A 39 -46.75 -22.48 6.21
C GLU A 39 -45.34 -21.91 6.17
N PHE A 40 -45.17 -20.66 6.62
CA PHE A 40 -43.83 -20.07 6.68
C PHE A 40 -42.91 -20.93 7.54
N PHE A 41 -43.34 -21.28 8.75
CA PHE A 41 -42.49 -22.07 9.64
C PHE A 41 -42.34 -23.49 9.13
N GLU A 42 -43.30 -24.00 8.38
CA GLU A 42 -43.14 -25.30 7.73
C GLU A 42 -42.06 -25.24 6.67
N ARG A 43 -42.03 -24.16 5.88
CA ARG A 43 -41.06 -24.02 4.80
C ARG A 43 -39.68 -23.58 5.28
N GLN A 44 -39.54 -23.19 6.53
CA GLN A 44 -38.23 -22.84 7.05
C GLN A 44 -37.32 -24.06 6.98
N PRO A 45 -36.10 -23.95 6.44
CA PRO A 45 -35.22 -25.12 6.40
C PRO A 45 -34.76 -25.57 7.77
N ASN A 46 -34.56 -24.64 8.70
CA ASN A 46 -34.05 -24.96 10.03
C ASN A 46 -34.85 -24.15 11.04
N LYS A 47 -34.45 -24.21 12.31
CA LYS A 47 -35.00 -23.31 13.30
C LYS A 47 -34.71 -21.87 12.90
N GLY A 48 -35.69 -21.01 13.10
CA GLY A 48 -35.50 -19.59 12.80
C GLY A 48 -34.38 -18.98 13.62
N HIS A 49 -33.84 -17.88 13.10
CA HIS A 49 -32.72 -17.23 13.78
C HIS A 49 -33.19 -16.52 15.05
N ILE A 50 -34.45 -16.11 15.09
CA ILE A 50 -35.07 -15.54 16.29
C ILE A 50 -36.42 -16.21 16.46
N HIS A 51 -36.75 -16.55 17.70
CA HIS A 51 -37.96 -17.34 17.97
C HIS A 51 -39.22 -16.49 17.89
N ASP A 52 -39.32 -15.48 18.76
CA ASP A 52 -40.53 -14.70 18.91
C ASP A 52 -40.17 -13.22 19.03
N VAL A 53 -41.20 -12.39 19.18
CA VAL A 53 -40.98 -10.96 19.33
C VAL A 53 -40.24 -10.66 20.63
N ASN A 54 -40.47 -11.46 21.67
CA ASN A 54 -39.83 -11.19 22.95
C ASN A 54 -38.31 -11.31 22.86
N GLN A 55 -37.82 -12.36 22.20
CA GLN A 55 -36.38 -12.48 22.02
C GLN A 55 -35.83 -11.33 21.20
N TYR A 56 -36.55 -10.92 20.16
CA TYR A 56 -36.13 -9.78 19.36
C TYR A 56 -36.09 -8.52 20.20
N LYS A 57 -37.12 -8.30 21.02
CA LYS A 57 -37.15 -7.12 21.89
C LYS A 57 -35.87 -7.05 22.74
N GLN A 58 -35.44 -8.18 23.30
CA GLN A 58 -34.25 -8.20 24.13
C GLN A 58 -33.00 -7.96 23.30
N MET A 59 -32.91 -8.59 22.13
CA MET A 59 -31.76 -8.34 21.25
C MET A 59 -31.71 -6.89 20.83
N TYR A 60 -32.86 -6.31 20.47
CA TYR A 60 -32.89 -4.90 20.11
C TYR A 60 -32.38 -4.04 21.25
N GLU A 61 -32.82 -4.34 22.49
CA GLU A 61 -32.38 -3.56 23.64
C GLU A 61 -30.86 -3.56 23.74
N GLN A 62 -30.21 -4.70 23.51
CA GLN A 62 -28.76 -4.75 23.61
C GLN A 62 -28.10 -3.97 22.47
N SER A 63 -28.65 -4.06 21.26
CA SER A 63 -28.08 -3.32 20.14
C SER A 63 -28.13 -1.82 20.38
N ILE A 64 -29.00 -1.36 21.26
CA ILE A 64 -29.14 0.05 21.56
C ILE A 64 -28.40 0.43 22.83
N LYS A 65 -28.52 -0.38 23.89
CA LYS A 65 -27.87 -0.05 25.15
C LYS A 65 -26.42 -0.50 25.20
N ASP A 66 -26.07 -1.55 24.44
CA ASP A 66 -24.71 -2.11 24.45
C ASP A 66 -24.32 -2.47 23.02
N PRO A 67 -24.10 -1.47 22.17
CA PRO A 67 -23.71 -1.78 20.78
C PRO A 67 -22.40 -2.55 20.71
N GLN A 68 -21.46 -2.27 21.61
CA GLN A 68 -20.17 -2.95 21.56
C GLN A 68 -20.32 -4.44 21.82
N GLY A 69 -21.13 -4.80 22.80
CA GLY A 69 -21.35 -6.20 23.11
C GLY A 69 -22.28 -6.93 22.15
N PHE A 70 -23.02 -6.19 21.31
CA PHE A 70 -23.96 -6.78 20.37
C PHE A 70 -23.35 -6.96 18.98
N PHE A 71 -22.84 -5.87 18.41
CA PHE A 71 -22.30 -5.93 17.05
C PHE A 71 -20.88 -6.49 17.01
N GLY A 72 -20.13 -6.40 18.12
CA GLY A 72 -18.81 -6.95 18.18
C GLY A 72 -18.79 -8.42 17.79
N PRO A 73 -19.51 -9.25 18.54
CA PRO A 73 -19.57 -10.67 18.19
C PRO A 73 -20.19 -10.94 16.83
N LEU A 74 -21.22 -10.16 16.45
CA LEU A 74 -21.85 -10.38 15.16
C LEU A 74 -20.91 -10.06 14.02
N ALA A 75 -20.07 -9.03 14.19
CA ALA A 75 -19.08 -8.70 13.17
C ALA A 75 -18.07 -9.83 13.00
N LYS A 76 -17.60 -10.40 14.11
CA LYS A 76 -16.68 -11.52 14.03
C LYS A 76 -17.33 -12.76 13.44
N GLU A 77 -18.65 -12.88 13.58
CA GLU A 77 -19.35 -14.07 13.08
C GLU A 77 -19.64 -13.97 11.59
N LEU A 78 -20.28 -12.88 11.16
CA LEU A 78 -20.80 -12.82 9.80
C LEU A 78 -19.77 -12.37 8.78
N LEU A 79 -18.71 -11.70 9.20
CA LEU A 79 -17.71 -11.19 8.28
C LEU A 79 -16.35 -11.82 8.55
N SER A 80 -15.61 -12.05 7.47
CA SER A 80 -14.26 -12.61 7.54
C SER A 80 -13.26 -11.46 7.46
N TRP A 81 -12.33 -11.41 8.41
CA TRP A 81 -11.46 -10.27 8.60
C TRP A 81 -10.03 -10.62 8.23
N ASP A 82 -9.40 -9.74 7.45
CA ASP A 82 -7.96 -9.84 7.23
C ASP A 82 -7.19 -9.33 8.44
N HIS A 83 -7.76 -8.37 9.17
CA HIS A 83 -7.18 -7.88 10.41
C HIS A 83 -8.30 -7.62 11.39
N ASP A 84 -8.09 -8.03 12.65
CA ASP A 84 -9.12 -7.86 13.66
C ASP A 84 -9.25 -6.39 14.05
N PHE A 85 -10.47 -5.99 14.37
CA PHE A 85 -10.74 -4.64 14.86
C PHE A 85 -10.55 -4.60 16.37
N HIS A 86 -10.23 -3.40 16.87
CA HIS A 86 -9.99 -3.20 18.28
C HIS A 86 -11.09 -2.41 18.98
N THR A 87 -11.88 -1.65 18.23
CA THR A 87 -12.96 -0.83 18.78
C THR A 87 -14.19 -1.01 17.91
N VAL A 88 -15.32 -1.35 18.54
CA VAL A 88 -16.53 -1.62 17.79
C VAL A 88 -17.12 -0.34 17.22
N LYS A 89 -17.18 0.72 18.03
CA LYS A 89 -17.98 1.89 17.72
C LYS A 89 -17.22 3.15 18.11
N SER A 90 -17.33 4.18 17.26
CA SER A 90 -16.67 5.45 17.52
C SER A 90 -17.46 6.57 16.87
N GLY A 91 -17.21 7.79 17.35
CA GLY A 91 -17.79 8.97 16.76
C GLY A 91 -19.21 9.23 17.22
N THR A 92 -19.67 10.44 16.97
CA THR A 92 -21.01 10.85 17.33
C THR A 92 -21.73 11.41 16.11
N LEU A 93 -23.06 11.32 16.14
CA LEU A 93 -23.86 11.85 15.06
C LEU A 93 -23.67 13.35 14.89
N LYS A 94 -23.60 14.08 16.01
CA LYS A 94 -23.54 15.54 15.95
C LYS A 94 -22.24 16.04 15.32
N ASN A 95 -21.13 15.31 15.56
CA ASN A 95 -19.84 15.71 14.99
C ASN A 95 -19.58 15.11 13.62
N GLY A 96 -20.44 14.23 13.12
CA GLY A 96 -20.24 13.66 11.81
C GLY A 96 -18.94 12.91 11.63
N ASP A 97 -18.54 12.14 12.64
CA ASP A 97 -17.32 11.36 12.61
C ASP A 97 -17.59 9.91 13.01
N ALA A 98 -18.75 9.39 12.62
CA ALA A 98 -19.11 8.03 12.96
C ALA A 98 -18.19 7.02 12.28
N ALA A 99 -17.79 6.00 13.03
CA ALA A 99 -16.93 4.96 12.52
C ALA A 99 -17.19 3.67 13.30
N TRP A 100 -17.07 2.54 12.61
CA TRP A 100 -17.36 1.23 13.18
C TRP A 100 -16.23 0.27 12.89
N PHE A 101 -15.92 -0.58 13.88
CA PHE A 101 -14.93 -1.65 13.71
C PHE A 101 -13.58 -1.08 13.30
N LEU A 102 -13.13 -0.09 14.08
CA LEU A 102 -11.89 0.61 13.76
C LEU A 102 -10.71 -0.32 13.95
N GLY A 103 -9.73 -0.21 13.06
CA GLY A 103 -8.59 -1.09 13.04
C GLY A 103 -8.76 -2.35 12.23
N GLY A 104 -9.99 -2.72 11.91
CA GLY A 104 -10.22 -3.91 11.14
C GLY A 104 -9.88 -3.72 9.68
N GLU A 105 -9.50 -4.83 9.03
CA GLU A 105 -9.23 -4.86 7.60
C GLU A 105 -9.92 -6.07 7.01
N LEU A 106 -10.42 -5.91 5.79
CA LEU A 106 -11.20 -6.96 5.12
C LEU A 106 -11.30 -6.57 3.65
N ASN A 107 -12.02 -7.39 2.88
CA ASN A 107 -12.26 -7.12 1.47
C ASN A 107 -13.65 -7.62 1.11
N ALA A 108 -14.43 -6.77 0.44
CA ALA A 108 -15.82 -7.10 0.16
C ALA A 108 -15.93 -8.30 -0.78
N SER A 109 -15.07 -8.38 -1.79
CA SER A 109 -15.17 -9.47 -2.75
C SER A 109 -14.77 -10.81 -2.13
N TYR A 110 -13.79 -10.81 -1.21
CA TYR A 110 -13.47 -12.04 -0.49
C TYR A 110 -14.66 -12.52 0.33
N ASN A 111 -15.36 -11.60 0.97
CA ASN A 111 -16.51 -11.98 1.79
C ASN A 111 -17.70 -12.40 0.94
N CYS A 112 -17.82 -11.84 -0.27
CA CYS A 112 -18.96 -12.16 -1.13
C CYS A 112 -18.68 -13.30 -2.10
N VAL A 113 -17.42 -13.61 -2.38
CA VAL A 113 -17.08 -14.58 -3.43
C VAL A 113 -16.11 -15.63 -2.92
N ASP A 114 -14.89 -15.20 -2.59
CA ASP A 114 -13.80 -16.16 -2.38
C ASP A 114 -14.14 -17.18 -1.31
N ARG A 115 -14.51 -16.71 -0.11
CA ARG A 115 -14.67 -17.62 1.00
C ARG A 115 -15.74 -18.67 0.72
N HIS A 116 -16.71 -18.37 -0.14
CA HIS A 116 -17.71 -19.36 -0.51
C HIS A 116 -17.20 -20.28 -1.60
N ALA A 117 -16.43 -19.76 -2.56
CA ALA A 117 -15.88 -20.60 -3.61
C ALA A 117 -14.92 -21.63 -3.03
N PHE A 118 -14.17 -21.25 -1.99
CA PHE A 118 -13.24 -22.20 -1.38
C PHE A 118 -13.98 -23.33 -0.68
N ALA A 119 -15.18 -23.06 -0.18
CA ALA A 119 -15.99 -24.07 0.49
C ALA A 119 -16.77 -24.91 -0.51
N ASN A 120 -17.56 -24.25 -1.34
CA ASN A 120 -18.34 -24.94 -2.37
C ASN A 120 -18.14 -24.19 -3.69
N PRO A 121 -17.09 -24.52 -4.49
CA PRO A 121 -16.93 -23.72 -5.72
C PRO A 121 -18.03 -23.94 -6.73
N ASP A 122 -18.83 -24.99 -6.60
CA ASP A 122 -19.90 -25.27 -7.56
C ASP A 122 -21.28 -24.83 -7.09
N LYS A 123 -21.39 -24.21 -5.91
CA LYS A 123 -22.68 -23.71 -5.46
C LYS A 123 -23.11 -22.53 -6.33
N PRO A 124 -24.38 -22.47 -6.73
CA PRO A 124 -24.83 -21.33 -7.54
C PRO A 124 -24.65 -20.02 -6.80
N ALA A 125 -24.15 -19.01 -7.52
CA ALA A 125 -23.97 -17.67 -6.96
C ALA A 125 -24.88 -16.67 -7.65
N LEU A 126 -24.69 -16.45 -8.95
CA LEU A 126 -25.52 -15.54 -9.74
C LEU A 126 -26.43 -16.35 -10.65
N ILE A 127 -27.73 -16.25 -10.42
CA ILE A 127 -28.73 -16.84 -11.31
C ILE A 127 -29.17 -15.70 -12.23
N CYS A 128 -28.53 -15.62 -13.40
CA CYS A 128 -28.75 -14.52 -14.33
C CYS A 128 -29.90 -14.85 -15.26
N GLU A 129 -31.05 -14.24 -15.03
CA GLU A 129 -32.19 -14.33 -15.93
C GLU A 129 -32.13 -13.15 -16.90
N ALA A 130 -31.81 -13.43 -18.16
CA ALA A 130 -31.67 -12.38 -19.16
C ALA A 130 -33.04 -11.91 -19.63
N ASP A 131 -33.04 -10.84 -20.41
CA ASP A 131 -34.28 -10.31 -20.97
C ASP A 131 -35.01 -11.38 -21.79
N ASP A 132 -34.27 -12.06 -22.67
CA ASP A 132 -34.75 -13.26 -23.33
C ASP A 132 -34.22 -14.47 -22.57
N GLU A 133 -35.13 -15.36 -22.16
CA GLU A 133 -34.73 -16.51 -21.36
C GLU A 133 -33.73 -17.40 -22.07
N LYS A 134 -33.63 -17.33 -23.40
CA LYS A 134 -32.66 -18.15 -24.11
C LYS A 134 -31.23 -17.76 -23.77
N ASP A 135 -31.02 -16.58 -23.19
CA ASP A 135 -29.69 -16.11 -22.82
C ASP A 135 -29.41 -16.26 -21.32
N SER A 136 -30.28 -16.93 -20.59
CA SER A 136 -30.07 -17.11 -19.16
C SER A 136 -28.97 -18.12 -18.90
N HIS A 137 -28.28 -17.95 -17.77
CA HIS A 137 -27.21 -18.85 -17.36
C HIS A 137 -27.00 -18.68 -15.87
N ILE A 138 -26.15 -19.53 -15.30
CA ILE A 138 -25.88 -19.53 -13.87
C ILE A 138 -24.38 -19.52 -13.66
N LEU A 139 -23.92 -18.63 -12.78
CA LEU A 139 -22.52 -18.58 -12.36
C LEU A 139 -22.42 -19.12 -10.95
N THR A 140 -21.59 -20.15 -10.77
CA THR A 140 -21.29 -20.63 -9.43
C THR A 140 -20.29 -19.70 -8.75
N TYR A 141 -20.13 -19.89 -7.44
CA TYR A 141 -19.17 -19.07 -6.70
C TYR A 141 -17.76 -19.24 -7.26
N GLY A 142 -17.42 -20.43 -7.73
CA GLY A 142 -16.15 -20.61 -8.41
C GLY A 142 -16.08 -19.83 -9.70
N ASP A 143 -17.16 -19.87 -10.50
CA ASP A 143 -17.20 -19.09 -11.73
C ASP A 143 -17.06 -17.60 -11.44
N LEU A 144 -17.75 -17.12 -10.40
CA LEU A 144 -17.72 -15.70 -10.10
C LEU A 144 -16.32 -15.25 -9.68
N LEU A 145 -15.59 -16.10 -8.95
CA LEU A 145 -14.23 -15.74 -8.57
C LEU A 145 -13.34 -15.57 -9.79
N ARG A 146 -13.47 -16.47 -10.77
CA ARG A 146 -12.64 -16.36 -11.97
C ARG A 146 -13.00 -15.11 -12.76
N GLU A 147 -14.30 -14.83 -12.90
CA GLU A 147 -14.71 -13.67 -13.68
C GLU A 147 -14.29 -12.37 -12.99
N VAL A 148 -14.53 -12.28 -11.68
CA VAL A 148 -14.12 -11.09 -10.94
C VAL A 148 -12.61 -10.93 -10.97
N SER A 149 -11.88 -12.03 -10.83
CA SER A 149 -10.42 -11.95 -10.81
C SER A 149 -9.88 -11.42 -12.14
N LYS A 150 -10.49 -11.84 -13.24
CA LYS A 150 -10.02 -11.40 -14.56
C LYS A 150 -10.28 -9.92 -14.77
N VAL A 151 -11.49 -9.46 -14.44
CA VAL A 151 -11.80 -8.04 -14.62
C VAL A 151 -10.96 -7.20 -13.68
N ALA A 152 -10.78 -7.66 -12.43
CA ALA A 152 -9.89 -6.96 -11.52
C ALA A 152 -8.46 -6.96 -12.06
N GLY A 153 -8.06 -8.04 -12.72
CA GLY A 153 -6.74 -8.08 -13.34
C GLY A 153 -6.61 -7.06 -14.46
N VAL A 154 -7.67 -6.88 -15.25
CA VAL A 154 -7.67 -5.84 -16.27
C VAL A 154 -7.56 -4.47 -15.62
N LEU A 155 -8.43 -4.20 -14.65
CA LEU A 155 -8.44 -2.88 -14.01
C LEU A 155 -7.10 -2.57 -13.37
N GLN A 156 -6.51 -3.55 -12.69
CA GLN A 156 -5.23 -3.32 -12.03
C GLN A 156 -4.16 -2.93 -13.06
N SER A 157 -4.17 -3.57 -14.22
CA SER A 157 -3.21 -3.25 -15.26
C SER A 157 -3.37 -1.82 -15.77
N TRP A 158 -4.56 -1.25 -15.66
CA TRP A 158 -4.79 0.11 -16.11
C TRP A 158 -4.35 1.13 -15.08
N GLY A 159 -3.84 0.69 -13.93
CA GLY A 159 -3.40 1.58 -12.88
C GLY A 159 -4.45 1.83 -11.81
N ILE A 160 -5.61 1.19 -11.91
CA ILE A 160 -6.65 1.33 -10.91
C ILE A 160 -6.13 0.72 -9.62
N LYS A 161 -5.85 1.56 -8.62
CA LYS A 161 -5.34 1.12 -7.33
C LYS A 161 -6.28 1.60 -6.24
N LYS A 162 -5.96 1.23 -5.00
CA LYS A 162 -6.81 1.60 -3.88
C LYS A 162 -6.92 3.10 -3.76
N GLY A 163 -8.15 3.59 -3.52
CA GLY A 163 -8.44 5.00 -3.46
C GLY A 163 -9.00 5.57 -4.75
N ASP A 164 -8.92 4.83 -5.85
CA ASP A 164 -9.52 5.27 -7.10
C ASP A 164 -11.01 4.94 -7.11
N THR A 165 -11.74 5.62 -7.98
CA THR A 165 -13.16 5.33 -8.21
C THR A 165 -13.33 4.92 -9.66
N VAL A 166 -14.14 3.88 -9.87
CA VAL A 166 -14.42 3.34 -11.19
C VAL A 166 -15.93 3.38 -11.41
N ALA A 167 -16.35 4.01 -12.50
CA ALA A 167 -17.77 4.14 -12.82
C ALA A 167 -18.26 2.90 -13.56
N VAL A 168 -19.52 2.56 -13.32
CA VAL A 168 -20.16 1.42 -13.96
C VAL A 168 -21.49 1.90 -14.54
N TYR A 169 -21.66 1.75 -15.84
CA TYR A 169 -22.88 2.10 -16.55
C TYR A 169 -23.35 0.85 -17.29
N LEU A 170 -24.04 -0.03 -16.58
CA LEU A 170 -24.48 -1.32 -17.11
C LEU A 170 -25.90 -1.60 -16.67
N PRO A 171 -26.65 -2.38 -17.47
CA PRO A 171 -27.98 -2.83 -17.00
C PRO A 171 -27.88 -3.80 -15.85
N MET A 172 -29.01 -4.37 -15.43
CA MET A 172 -29.04 -5.26 -14.28
C MET A 172 -28.82 -6.70 -14.75
N ASN A 173 -27.56 -7.04 -14.99
CA ASN A 173 -27.18 -8.37 -15.42
C ASN A 173 -25.92 -8.79 -14.67
N ALA A 174 -25.43 -9.99 -15.01
CA ALA A 174 -24.30 -10.56 -14.28
C ALA A 174 -23.04 -9.72 -14.44
N GLN A 175 -22.87 -9.04 -15.58
CA GLN A 175 -21.67 -8.23 -15.78
C GLN A 175 -21.65 -7.04 -14.84
N ALA A 176 -22.81 -6.46 -14.53
CA ALA A 176 -22.86 -5.37 -13.56
C ALA A 176 -22.36 -5.83 -12.20
N ILE A 177 -22.82 -7.00 -11.75
CA ILE A 177 -22.39 -7.52 -10.46
C ILE A 177 -20.89 -7.81 -10.50
N ILE A 178 -20.41 -8.38 -11.60
CA ILE A 178 -18.99 -8.69 -11.73
C ILE A 178 -18.16 -7.41 -11.68
N ALA A 179 -18.61 -6.36 -12.36
CA ALA A 179 -17.87 -5.12 -12.38
C ALA A 179 -17.74 -4.53 -10.98
N MET A 180 -18.84 -4.49 -10.25
CA MET A 180 -18.82 -3.94 -8.89
C MET A 180 -17.86 -4.71 -8.00
N LEU A 181 -17.90 -6.04 -8.08
CA LEU A 181 -17.04 -6.86 -7.23
C LEU A 181 -15.57 -6.76 -7.65
N ALA A 182 -15.31 -6.61 -8.95
CA ALA A 182 -13.93 -6.49 -9.41
C ALA A 182 -13.31 -5.19 -8.94
N ILE A 183 -14.08 -4.09 -8.98
CA ILE A 183 -13.58 -2.81 -8.49
C ILE A 183 -13.30 -2.92 -6.99
N ALA A 184 -14.23 -3.48 -6.23
CA ALA A 184 -14.05 -3.60 -4.78
C ALA A 184 -12.88 -4.53 -4.45
N ARG A 185 -12.55 -5.47 -5.33
CA ARG A 185 -11.45 -6.39 -5.05
C ARG A 185 -10.12 -5.65 -5.00
N LEU A 186 -9.98 -4.55 -5.72
CA LEU A 186 -8.74 -3.80 -5.76
C LEU A 186 -8.64 -2.73 -4.69
N GLY A 187 -9.67 -2.59 -3.85
CA GLY A 187 -9.71 -1.50 -2.89
C GLY A 187 -10.26 -0.20 -3.43
N ALA A 188 -10.71 -0.18 -4.68
CA ALA A 188 -11.33 0.99 -5.27
C ALA A 188 -12.83 0.99 -5.00
N ALA A 189 -13.42 2.17 -5.06
CA ALA A 189 -14.84 2.36 -4.83
C ALA A 189 -15.57 2.43 -6.16
N HIS A 190 -16.57 1.59 -6.33
CA HIS A 190 -17.37 1.60 -7.55
C HIS A 190 -18.51 2.61 -7.40
N SER A 191 -18.77 3.34 -8.48
CA SER A 191 -19.85 4.32 -8.54
C SER A 191 -20.78 3.88 -9.67
N VAL A 192 -21.81 3.12 -9.31
CA VAL A 192 -22.72 2.55 -10.30
C VAL A 192 -23.68 3.64 -10.77
N ILE A 193 -23.85 3.74 -12.09
CA ILE A 193 -24.75 4.71 -12.71
C ILE A 193 -25.90 3.93 -13.32
N PHE A 194 -27.10 4.16 -12.80
CA PHE A 194 -28.29 3.47 -13.30
C PHE A 194 -28.39 3.62 -14.81
N ALA A 195 -28.63 2.50 -15.50
CA ALA A 195 -28.59 2.47 -16.95
C ALA A 195 -29.66 3.34 -17.60
N GLY A 196 -30.65 3.81 -16.84
CA GLY A 196 -31.67 4.68 -17.36
C GLY A 196 -31.32 6.15 -17.39
N PHE A 197 -30.09 6.50 -17.04
CA PHE A 197 -29.66 7.89 -17.09
C PHE A 197 -29.19 8.24 -18.51
N SER A 198 -29.17 9.53 -18.80
CA SER A 198 -28.70 10.05 -20.07
C SER A 198 -27.29 10.60 -19.90
N ALA A 199 -26.70 11.05 -21.01
CA ALA A 199 -25.32 11.53 -20.97
C ALA A 199 -25.12 12.65 -19.97
N GLY A 200 -26.14 13.46 -19.71
CA GLY A 200 -25.99 14.53 -18.74
C GLY A 200 -25.77 14.03 -17.34
N SER A 201 -26.59 13.08 -16.90
CA SER A 201 -26.42 12.51 -15.57
C SER A 201 -25.13 11.71 -15.47
N ILE A 202 -24.74 11.03 -16.54
CA ILE A 202 -23.47 10.33 -16.55
C ILE A 202 -22.32 11.31 -16.36
N LYS A 203 -22.38 12.46 -17.04
CA LYS A 203 -21.29 13.42 -16.95
C LYS A 203 -21.09 13.88 -15.51
N ASP A 204 -22.19 14.30 -14.86
CA ASP A 204 -22.08 14.85 -13.51
C ASP A 204 -21.47 13.84 -12.56
N ARG A 205 -21.91 12.58 -12.63
CA ARG A 205 -21.42 11.57 -11.69
C ARG A 205 -19.96 11.23 -11.96
N VAL A 206 -19.58 11.07 -13.22
CA VAL A 206 -18.22 10.68 -13.54
C VAL A 206 -17.24 11.78 -13.15
N ASN A 207 -17.57 13.04 -13.45
CA ASN A 207 -16.65 14.14 -13.18
C ASN A 207 -16.59 14.50 -11.71
N ASP A 208 -17.67 14.28 -10.95
CA ASP A 208 -17.64 14.56 -9.53
C ASP A 208 -16.71 13.60 -8.80
N ALA A 209 -16.74 12.32 -9.17
CA ALA A 209 -15.89 11.33 -8.54
C ALA A 209 -14.50 11.26 -9.16
N SER A 210 -14.26 11.94 -10.28
CA SER A 210 -12.97 11.92 -10.96
C SER A 210 -12.58 10.49 -11.32
N CYS A 211 -13.54 9.75 -11.87
CA CYS A 211 -13.32 8.35 -12.19
C CYS A 211 -12.19 8.21 -13.20
N LYS A 212 -11.31 7.23 -12.94
CA LYS A 212 -10.22 6.95 -13.86
C LYS A 212 -10.62 5.97 -14.96
N ALA A 213 -11.66 5.18 -14.74
CA ALA A 213 -12.08 4.19 -15.71
C ALA A 213 -13.61 4.06 -15.68
N LEU A 214 -14.14 3.42 -16.71
CA LEU A 214 -15.58 3.21 -16.87
C LEU A 214 -15.80 1.82 -17.43
N ILE A 215 -16.75 1.09 -16.86
CA ILE A 215 -17.14 -0.22 -17.36
C ILE A 215 -18.57 -0.11 -17.87
N THR A 216 -18.77 -0.52 -19.12
CA THR A 216 -20.07 -0.40 -19.76
C THR A 216 -20.20 -1.50 -20.81
N CYS A 217 -21.25 -1.42 -21.61
CA CYS A 217 -21.49 -2.38 -22.67
C CYS A 217 -21.91 -1.62 -23.93
N ASP A 218 -21.92 -2.33 -25.06
CA ASP A 218 -22.25 -1.69 -26.32
C ASP A 218 -23.72 -1.29 -26.37
N GLU A 219 -24.62 -2.25 -26.10
CA GLU A 219 -26.05 -1.97 -26.10
C GLU A 219 -26.73 -2.88 -25.09
N GLY A 220 -27.96 -2.52 -24.74
CA GLY A 220 -28.72 -3.26 -23.76
C GLY A 220 -29.99 -3.89 -24.30
N LYS A 221 -30.47 -4.93 -23.62
CA LYS A 221 -31.71 -5.62 -23.97
C LYS A 221 -32.64 -5.56 -22.78
N ARG A 222 -33.75 -4.84 -22.92
CA ARG A 222 -34.74 -4.68 -21.86
C ARG A 222 -36.12 -4.61 -22.50
N GLY A 223 -36.99 -5.54 -22.11
CA GLY A 223 -38.32 -5.59 -22.68
C GLY A 223 -38.36 -5.98 -24.15
N GLY A 224 -37.31 -6.60 -24.66
CA GLY A 224 -37.21 -6.92 -26.07
C GLY A 224 -36.69 -5.80 -26.93
N ARG A 225 -36.54 -4.60 -26.38
CA ARG A 225 -36.05 -3.45 -27.12
C ARG A 225 -34.57 -3.24 -26.87
N THR A 226 -33.83 -2.90 -27.92
CA THR A 226 -32.40 -2.63 -27.80
C THR A 226 -32.19 -1.20 -27.33
N THR A 227 -31.35 -1.04 -26.30
CA THR A 227 -31.07 0.26 -25.72
C THR A 227 -29.65 0.71 -26.09
N ASN A 228 -29.51 2.02 -26.28
CA ASN A 228 -28.22 2.62 -26.65
C ASN A 228 -27.45 2.94 -25.37
N ILE A 229 -26.47 2.11 -25.04
CA ILE A 229 -25.70 2.27 -23.82
C ILE A 229 -24.39 2.98 -24.15
N LYS A 230 -23.60 2.39 -25.03
CA LYS A 230 -22.29 2.96 -25.36
C LYS A 230 -22.44 4.33 -26.02
N LYS A 231 -23.50 4.53 -26.81
CA LYS A 231 -23.70 5.83 -27.44
C LYS A 231 -23.88 6.93 -26.39
N LEU A 232 -24.62 6.63 -25.33
CA LEU A 232 -24.79 7.62 -24.26
C LEU A 232 -23.49 7.88 -23.52
N CYS A 233 -22.63 6.85 -23.37
CA CYS A 233 -21.34 7.06 -22.73
C CYS A 233 -20.46 7.98 -23.56
N ASP A 234 -20.32 7.69 -24.85
CA ASP A 234 -19.49 8.53 -25.72
C ASP A 234 -19.94 9.98 -25.66
N GLU A 235 -21.25 10.22 -25.57
CA GLU A 235 -21.73 11.60 -25.52
C GLU A 235 -21.25 12.31 -24.26
N ALA A 236 -21.25 11.61 -23.13
CA ALA A 236 -20.80 12.24 -21.89
C ALA A 236 -19.29 12.32 -21.81
N LEU A 237 -18.59 11.28 -22.31
CA LEU A 237 -17.16 11.16 -22.08
C LEU A 237 -16.36 12.22 -22.81
N VAL A 238 -16.96 12.98 -23.74
CA VAL A 238 -16.23 14.08 -24.36
C VAL A 238 -15.97 15.19 -23.34
N ASP A 239 -16.73 15.23 -22.25
CA ASP A 239 -16.54 16.19 -21.18
C ASP A 239 -16.03 15.55 -19.89
N CYS A 240 -15.40 14.36 -19.98
CA CYS A 240 -14.91 13.61 -18.82
C CYS A 240 -13.42 13.38 -18.97
N PRO A 241 -12.59 14.39 -18.65
CA PRO A 241 -11.14 14.24 -18.89
C PRO A 241 -10.46 13.25 -17.97
N THR A 242 -11.10 12.85 -16.86
CA THR A 242 -10.46 11.94 -15.94
C THR A 242 -10.50 10.48 -16.39
N VAL A 243 -11.48 10.11 -17.21
CA VAL A 243 -11.61 8.72 -17.65
C VAL A 243 -10.51 8.41 -18.65
N GLU A 244 -9.62 7.50 -18.29
CA GLU A 244 -8.48 7.14 -19.12
C GLU A 244 -8.74 5.94 -20.00
N LYS A 245 -9.56 5.00 -19.53
CA LYS A 245 -9.85 3.79 -20.29
C LYS A 245 -11.28 3.35 -19.99
N VAL A 246 -11.89 2.67 -20.95
CA VAL A 246 -13.26 2.19 -20.84
C VAL A 246 -13.31 0.74 -21.30
N LEU A 247 -13.87 -0.12 -20.45
CA LEU A 247 -14.05 -1.53 -20.73
C LEU A 247 -15.47 -1.75 -21.22
N VAL A 248 -15.61 -2.33 -22.41
CA VAL A 248 -16.90 -2.44 -23.09
C VAL A 248 -17.25 -3.92 -23.22
N TYR A 249 -18.42 -4.29 -22.71
CA TYR A 249 -18.90 -5.66 -22.78
C TYR A 249 -19.81 -5.84 -24.00
N LYS A 250 -19.62 -6.95 -24.71
CA LYS A 250 -20.40 -7.24 -25.91
C LYS A 250 -21.71 -7.92 -25.49
N ARG A 251 -22.69 -7.09 -25.15
CA ARG A 251 -24.00 -7.63 -24.80
C ARG A 251 -24.76 -8.07 -26.06
N THR A 252 -24.74 -7.25 -27.10
CA THR A 252 -25.39 -7.56 -28.37
C THR A 252 -24.40 -7.82 -29.49
N ASN A 253 -23.12 -7.51 -29.31
CA ASN A 253 -22.11 -7.73 -30.33
C ASN A 253 -22.44 -6.98 -31.62
N ASN A 254 -23.10 -5.83 -31.49
CA ASN A 254 -23.47 -5.04 -32.66
C ASN A 254 -22.23 -4.44 -33.30
N PRO A 255 -21.91 -4.76 -34.56
CA PRO A 255 -20.68 -4.26 -35.16
C PRO A 255 -20.68 -2.77 -35.46
N GLU A 256 -21.82 -2.09 -35.33
CA GLU A 256 -21.91 -0.67 -35.63
C GLU A 256 -21.58 0.21 -34.44
N ILE A 257 -21.26 -0.36 -33.28
CA ILE A 257 -20.93 0.41 -32.10
C ILE A 257 -19.44 0.77 -32.14
N HIS A 258 -19.16 2.07 -32.12
CA HIS A 258 -17.79 2.56 -32.28
C HIS A 258 -17.07 2.61 -30.95
N LEU A 259 -15.80 2.21 -30.96
CA LEU A 259 -14.92 2.31 -29.81
C LEU A 259 -13.79 3.27 -30.12
N THR A 260 -13.59 4.25 -29.25
CA THR A 260 -12.51 5.23 -29.42
C THR A 260 -11.17 4.55 -29.19
N GLU A 261 -10.30 4.61 -30.19
CA GLU A 261 -8.99 3.96 -30.08
C GLU A 261 -8.15 4.64 -29.00
N GLY A 262 -7.49 3.83 -28.18
CA GLY A 262 -6.66 4.31 -27.10
C GLY A 262 -7.39 4.51 -25.80
N ARG A 263 -8.72 4.49 -25.82
CA ARG A 263 -9.53 4.66 -24.62
C ARG A 263 -10.42 3.45 -24.36
N ASP A 264 -11.14 2.97 -25.38
CA ASP A 264 -12.13 1.92 -25.21
C ASP A 264 -11.52 0.57 -25.56
N TYR A 265 -11.79 -0.43 -24.70
CA TYR A 265 -11.31 -1.79 -24.90
C TYR A 265 -12.44 -2.76 -24.60
N TYR A 266 -12.36 -3.94 -25.23
CA TYR A 266 -13.43 -4.93 -25.14
C TYR A 266 -13.26 -5.82 -23.91
N TRP A 267 -14.38 -6.10 -23.25
CA TRP A 267 -14.40 -6.95 -22.07
C TRP A 267 -13.75 -8.30 -22.35
N ASP A 268 -14.26 -9.03 -23.34
CA ASP A 268 -13.79 -10.40 -23.57
C ASP A 268 -12.32 -10.43 -23.97
N VAL A 269 -11.86 -9.42 -24.72
CA VAL A 269 -10.48 -9.40 -25.18
C VAL A 269 -9.53 -9.23 -24.01
N GLU A 270 -9.83 -8.28 -23.11
CA GLU A 270 -8.89 -7.95 -22.04
C GLU A 270 -8.90 -8.99 -20.93
N THR A 271 -10.08 -9.47 -20.53
CA THR A 271 -10.14 -10.47 -19.48
C THR A 271 -9.46 -11.77 -19.90
N ALA A 272 -9.41 -12.04 -21.21
CA ALA A 272 -8.75 -13.25 -21.67
C ALA A 272 -7.25 -13.21 -21.45
N LYS A 273 -6.69 -12.03 -21.18
CA LYS A 273 -5.25 -11.87 -20.99
C LYS A 273 -4.81 -12.17 -19.56
N PHE A 274 -5.75 -12.34 -18.63
CA PHE A 274 -5.42 -12.42 -17.22
C PHE A 274 -5.97 -13.69 -16.60
N PRO A 275 -5.33 -14.17 -15.53
CA PRO A 275 -5.74 -15.46 -14.95
C PRO A 275 -7.01 -15.34 -14.12
N GLY A 276 -7.52 -16.52 -13.74
CA GLY A 276 -8.74 -16.66 -12.98
C GLY A 276 -8.63 -16.47 -11.49
N TYR A 277 -7.49 -16.03 -10.98
CA TYR A 277 -7.38 -15.62 -9.59
C TYR A 277 -6.48 -14.40 -9.48
N LEU A 278 -6.93 -13.42 -8.71
CA LEU A 278 -6.15 -12.23 -8.37
C LEU A 278 -6.28 -11.99 -6.87
N PRO A 279 -5.17 -11.77 -6.16
CA PRO A 279 -5.27 -11.52 -4.72
C PRO A 279 -6.17 -10.32 -4.44
N PRO A 280 -7.05 -10.41 -3.46
CA PRO A 280 -7.82 -9.24 -3.04
C PRO A 280 -6.96 -8.28 -2.25
N VAL A 281 -7.36 -7.01 -2.27
CA VAL A 281 -6.65 -5.93 -1.60
C VAL A 281 -7.37 -5.61 -0.29
N SER A 282 -6.66 -5.77 0.82
CA SER A 282 -7.24 -5.44 2.12
C SER A 282 -7.44 -3.93 2.24
N VAL A 283 -8.61 -3.54 2.76
CA VAL A 283 -8.93 -2.15 3.01
C VAL A 283 -9.33 -2.03 4.48
N ASN A 284 -9.32 -0.80 4.97
CA ASN A 284 -9.78 -0.55 6.33
C ASN A 284 -11.29 -0.65 6.41
N SER A 285 -11.80 -0.88 7.62
CA SER A 285 -13.23 -0.95 7.83
C SER A 285 -13.92 0.29 7.26
N GLU A 286 -13.31 1.46 7.46
CA GLU A 286 -13.91 2.72 7.07
C GLU A 286 -13.40 3.22 5.72
N ASP A 287 -12.67 2.40 4.98
CA ASP A 287 -12.35 2.75 3.60
C ASP A 287 -13.61 2.68 2.76
N PRO A 288 -13.82 3.62 1.84
CA PRO A 288 -15.09 3.64 1.08
C PRO A 288 -15.22 2.39 0.22
N LEU A 289 -16.40 1.75 0.33
CA LEU A 289 -16.71 0.64 -0.55
C LEU A 289 -17.27 1.11 -1.88
N PHE A 290 -18.18 2.09 -1.86
CA PHE A 290 -18.79 2.53 -3.10
C PHE A 290 -19.41 3.92 -2.92
N LEU A 291 -19.63 4.57 -4.07
CA LEU A 291 -20.42 5.77 -4.16
C LEU A 291 -21.75 5.44 -4.83
N LEU A 292 -22.81 6.13 -4.41
CA LEU A 292 -24.11 6.00 -5.06
C LEU A 292 -24.78 7.36 -5.01
N TYR A 293 -24.86 8.02 -6.16
CA TYR A 293 -25.36 9.39 -6.23
C TYR A 293 -26.88 9.38 -6.09
N THR A 294 -27.37 10.06 -5.04
CA THR A 294 -28.78 10.18 -4.77
C THR A 294 -29.23 11.62 -4.96
N SER A 295 -30.53 11.80 -5.18
CA SER A 295 -31.11 13.11 -5.42
C SER A 295 -31.82 13.60 -4.17
N GLY A 296 -31.43 14.80 -3.71
CA GLY A 296 -32.09 15.46 -2.62
C GLY A 296 -32.65 16.80 -3.06
N SER A 297 -33.19 17.54 -2.09
CA SER A 297 -33.72 18.87 -2.33
C SER A 297 -32.58 19.88 -2.48
N THR A 298 -31.74 19.65 -3.48
CA THR A 298 -30.52 20.43 -3.65
C THR A 298 -30.32 20.91 -5.08
N GLY A 299 -30.71 20.10 -6.06
CA GLY A 299 -30.53 20.47 -7.45
C GLY A 299 -29.44 19.68 -8.15
N THR A 300 -28.36 19.37 -7.43
CA THR A 300 -27.27 18.57 -7.97
C THR A 300 -27.16 17.26 -7.20
N PRO A 301 -27.12 16.11 -7.89
CA PRO A 301 -27.01 14.83 -7.17
C PRO A 301 -25.76 14.80 -6.30
N LYS A 302 -25.91 14.26 -5.10
CA LYS A 302 -24.81 14.20 -4.14
C LYS A 302 -24.30 12.76 -4.05
N GLY A 303 -22.98 12.60 -4.04
CA GLY A 303 -22.39 11.29 -4.00
C GLY A 303 -22.37 10.70 -2.60
N VAL A 304 -23.27 9.76 -2.32
CA VAL A 304 -23.35 9.14 -1.01
C VAL A 304 -22.25 8.09 -0.90
N VAL A 305 -21.46 8.17 0.17
CA VAL A 305 -20.30 7.31 0.38
C VAL A 305 -20.60 6.38 1.54
N HIS A 306 -20.37 5.08 1.33
CA HIS A 306 -20.57 4.07 2.35
C HIS A 306 -19.23 3.42 2.71
N SER A 307 -19.08 3.09 3.98
CA SER A 307 -17.90 2.37 4.43
C SER A 307 -17.95 0.93 3.93
N THR A 308 -16.95 0.13 4.31
CA THR A 308 -16.89 -1.25 3.88
C THR A 308 -17.46 -2.17 4.96
N ALA A 309 -16.77 -2.28 6.10
CA ALA A 309 -17.18 -3.24 7.13
C ALA A 309 -18.55 -2.88 7.69
N GLY A 310 -18.75 -1.60 8.02
CA GLY A 310 -20.06 -1.19 8.54
C GLY A 310 -21.18 -1.49 7.58
N TYR A 311 -21.01 -1.14 6.30
CA TYR A 311 -22.04 -1.40 5.31
C TYR A 311 -22.27 -2.90 5.14
N LEU A 312 -21.19 -3.67 4.99
CA LEU A 312 -21.33 -5.10 4.74
C LEU A 312 -22.07 -5.78 5.88
N LEU A 313 -21.72 -5.46 7.12
CA LEU A 313 -22.42 -6.06 8.26
C LEU A 313 -23.90 -5.73 8.22
N GLY A 314 -24.24 -4.47 7.96
CA GLY A 314 -25.64 -4.11 7.85
C GLY A 314 -26.37 -4.92 6.78
N ALA A 315 -25.71 -5.16 5.65
CA ALA A 315 -26.33 -5.93 4.58
C ALA A 315 -26.57 -7.38 5.02
N ALA A 316 -25.55 -8.01 5.60
CA ALA A 316 -25.69 -9.39 6.04
C ALA A 316 -26.68 -9.51 7.20
N LEU A 317 -26.60 -8.58 8.16
CA LEU A 317 -27.44 -8.67 9.35
C LEU A 317 -28.91 -8.53 8.98
N SER A 318 -29.25 -7.51 8.20
CA SER A 318 -30.64 -7.30 7.81
C SER A 318 -31.14 -8.44 6.92
N THR A 319 -30.33 -8.85 5.94
CA THR A 319 -30.74 -9.95 5.06
C THR A 319 -30.97 -11.23 5.86
N LYS A 320 -30.11 -11.53 6.82
CA LYS A 320 -30.25 -12.75 7.60
C LYS A 320 -31.51 -12.74 8.45
N TYR A 321 -31.77 -11.63 9.14
CA TYR A 321 -32.78 -11.59 10.19
C TYR A 321 -34.13 -11.04 9.71
N ILE A 322 -34.14 -9.98 8.91
CA ILE A 322 -35.43 -9.42 8.48
C ILE A 322 -36.09 -10.34 7.46
N PHE A 323 -35.30 -10.91 6.54
CA PHE A 323 -35.84 -11.82 5.55
C PHE A 323 -35.76 -13.28 5.96
N ASP A 324 -35.06 -13.59 7.07
CA ASP A 324 -34.89 -14.97 7.54
C ASP A 324 -34.26 -15.83 6.43
N ILE A 325 -33.02 -15.49 6.11
CA ILE A 325 -32.27 -16.14 5.05
C ILE A 325 -31.38 -17.23 5.66
N HIS A 326 -31.48 -18.43 5.11
CA HIS A 326 -30.69 -19.58 5.51
C HIS A 326 -29.83 -20.05 4.34
N PRO A 327 -28.81 -20.89 4.60
CA PRO A 327 -27.93 -21.31 3.51
C PRO A 327 -28.65 -21.98 2.36
N GLU A 328 -29.79 -22.59 2.61
CA GLU A 328 -30.52 -23.34 1.59
C GLU A 328 -31.45 -22.47 0.75
N ASP A 329 -31.48 -21.17 1.00
CA ASP A 329 -32.50 -20.31 0.40
C ASP A 329 -32.01 -19.69 -0.90
N ILE A 330 -32.96 -19.16 -1.66
CA ILE A 330 -32.71 -18.47 -2.92
C ILE A 330 -33.44 -17.14 -2.89
N LEU A 331 -32.73 -16.05 -3.13
CA LEU A 331 -33.27 -14.70 -3.04
C LEU A 331 -33.44 -14.11 -4.43
N PHE A 332 -34.61 -13.54 -4.69
CA PHE A 332 -34.91 -12.88 -5.96
C PHE A 332 -35.32 -11.45 -5.65
N THR A 333 -34.35 -10.54 -5.65
CA THR A 333 -34.61 -9.12 -5.50
C THR A 333 -34.86 -8.54 -6.89
N ALA A 334 -36.12 -8.19 -7.17
CA ALA A 334 -36.49 -7.64 -8.47
C ALA A 334 -36.15 -6.14 -8.51
N GLY A 335 -34.86 -5.86 -8.39
CA GLY A 335 -34.36 -4.50 -8.41
C GLY A 335 -33.21 -4.31 -9.36
N ASP A 336 -32.57 -3.15 -9.30
CA ASP A 336 -31.48 -2.79 -10.20
C ASP A 336 -30.32 -2.25 -9.40
N VAL A 337 -29.10 -2.67 -9.76
CA VAL A 337 -27.91 -2.21 -9.07
C VAL A 337 -27.69 -0.71 -9.23
N GLY A 338 -28.40 -0.07 -10.16
CA GLY A 338 -28.33 1.38 -10.24
C GLY A 338 -28.90 2.09 -9.03
N TRP A 339 -29.57 1.37 -8.14
CA TRP A 339 -30.14 1.92 -6.93
C TRP A 339 -29.70 1.07 -5.74
N ILE A 340 -29.84 1.65 -4.55
CA ILE A 340 -29.31 1.00 -3.35
C ILE A 340 -29.96 -0.36 -3.11
N THR A 341 -31.18 -0.55 -3.59
CA THR A 341 -31.85 -1.83 -3.38
C THR A 341 -31.11 -2.96 -4.07
N GLY A 342 -30.64 -2.72 -5.30
CA GLY A 342 -29.81 -3.70 -5.97
C GLY A 342 -28.46 -3.87 -5.30
N HIS A 343 -27.89 -2.76 -4.81
CA HIS A 343 -26.61 -2.83 -4.10
C HIS A 343 -26.71 -3.79 -2.92
N THR A 344 -27.64 -3.54 -2.00
CA THR A 344 -27.60 -4.18 -0.70
C THR A 344 -28.22 -5.58 -0.72
N TYR A 345 -29.33 -5.76 -1.43
CA TYR A 345 -30.12 -6.99 -1.31
C TYR A 345 -30.22 -7.79 -2.60
N ALA A 346 -29.55 -7.37 -3.67
CA ALA A 346 -29.35 -8.22 -4.83
C ALA A 346 -27.91 -8.68 -4.97
N LEU A 347 -26.95 -7.94 -4.42
CA LEU A 347 -25.54 -8.28 -4.52
C LEU A 347 -24.97 -8.61 -3.14
N TYR A 348 -24.87 -7.64 -2.23
CA TYR A 348 -24.05 -7.82 -1.03
C TYR A 348 -24.76 -8.69 0.00
N GLY A 349 -26.03 -8.43 0.27
CA GLY A 349 -26.77 -9.21 1.23
C GLY A 349 -26.66 -10.71 0.99
N PRO A 350 -27.19 -11.17 -0.14
CA PRO A 350 -27.21 -12.63 -0.37
C PRO A 350 -25.83 -13.23 -0.55
N LEU A 351 -24.92 -12.55 -1.24
CA LEU A 351 -23.61 -13.13 -1.49
C LEU A 351 -22.78 -13.22 -0.22
N LEU A 352 -22.92 -12.23 0.68
CA LEU A 352 -22.26 -12.32 1.97
C LEU A 352 -22.69 -13.59 2.71
N LEU A 353 -24.00 -13.86 2.70
CA LEU A 353 -24.54 -15.06 3.34
C LEU A 353 -24.32 -16.32 2.53
N GLY A 354 -23.78 -16.20 1.32
CA GLY A 354 -23.42 -17.37 0.54
C GLY A 354 -24.56 -18.04 -0.20
N VAL A 355 -25.70 -17.38 -0.33
CA VAL A 355 -26.86 -17.98 -0.99
C VAL A 355 -26.95 -17.49 -2.43
N PRO A 356 -27.64 -18.21 -3.32
CA PRO A 356 -27.82 -17.71 -4.69
C PRO A 356 -28.76 -16.50 -4.71
N THR A 357 -28.48 -15.60 -5.65
CA THR A 357 -29.29 -14.41 -5.86
C THR A 357 -29.66 -14.33 -7.33
N ILE A 358 -30.94 -14.10 -7.62
CA ILE A 358 -31.45 -14.07 -8.98
C ILE A 358 -31.26 -12.67 -9.54
N ILE A 359 -30.52 -12.56 -10.64
CA ILE A 359 -30.23 -11.30 -11.31
C ILE A 359 -31.06 -11.26 -12.59
N PHE A 360 -32.11 -10.43 -12.59
CA PHE A 360 -33.06 -10.35 -13.70
C PHE A 360 -32.80 -9.08 -14.49
N GLU A 361 -32.59 -9.24 -15.80
CA GLU A 361 -32.19 -8.12 -16.66
C GLU A 361 -33.37 -7.35 -17.24
N GLY A 362 -34.51 -8.01 -17.42
CA GLY A 362 -35.63 -7.46 -18.15
C GLY A 362 -36.69 -6.81 -17.27
N THR A 363 -37.93 -6.94 -17.70
CA THR A 363 -39.08 -6.33 -17.05
C THR A 363 -40.09 -7.42 -16.66
N PRO A 364 -40.99 -7.12 -15.72
CA PRO A 364 -42.02 -8.11 -15.37
C PRO A 364 -43.07 -8.35 -16.44
N ALA A 365 -42.99 -7.66 -17.57
CA ALA A 365 -44.00 -7.77 -18.61
C ALA A 365 -43.53 -8.46 -19.89
N TYR A 366 -42.22 -8.74 -20.01
CA TYR A 366 -41.66 -9.35 -21.21
C TYR A 366 -41.12 -10.73 -20.89
N PRO A 367 -41.52 -11.78 -21.62
CA PRO A 367 -42.45 -11.79 -22.76
C PRO A 367 -43.92 -11.68 -22.36
N ASP A 368 -44.24 -11.91 -21.09
CA ASP A 368 -45.61 -11.75 -20.60
C ASP A 368 -45.55 -11.27 -19.15
N TYR A 369 -46.72 -11.03 -18.57
CA TYR A 369 -46.83 -10.52 -17.21
C TYR A 369 -46.72 -11.62 -16.16
N GLY A 370 -46.29 -12.82 -16.55
CA GLY A 370 -45.99 -13.87 -15.61
C GLY A 370 -44.49 -14.15 -15.54
N ARG A 371 -43.71 -13.17 -16.01
CA ARG A 371 -42.26 -13.35 -16.10
C ARG A 371 -41.64 -13.51 -14.72
N PHE A 372 -42.03 -12.67 -13.77
CA PHE A 372 -41.52 -12.80 -12.40
C PHE A 372 -41.83 -14.19 -11.85
N TRP A 373 -43.06 -14.67 -12.04
CA TRP A 373 -43.49 -15.91 -11.42
C TRP A 373 -42.91 -17.13 -12.09
N GLN A 374 -42.68 -17.06 -13.41
CA GLN A 374 -41.97 -18.14 -14.09
C GLN A 374 -40.55 -18.28 -13.55
N ILE A 375 -39.89 -17.15 -13.26
CA ILE A 375 -38.55 -17.20 -12.72
C ILE A 375 -38.54 -17.83 -11.33
N VAL A 376 -39.52 -17.47 -10.49
CA VAL A 376 -39.59 -18.03 -9.15
C VAL A 376 -39.77 -19.54 -9.20
N GLU A 377 -40.69 -20.01 -10.06
CA GLU A 377 -40.91 -21.45 -10.19
C GLU A 377 -39.68 -22.14 -10.78
N LYS A 378 -39.03 -21.50 -11.75
CA LYS A 378 -37.91 -22.13 -12.43
C LYS A 378 -36.78 -22.47 -11.47
N HIS A 379 -36.49 -21.58 -10.52
CA HIS A 379 -35.37 -21.74 -9.61
C HIS A 379 -35.79 -22.01 -8.17
N LYS A 380 -37.08 -22.24 -7.91
CA LYS A 380 -37.58 -22.50 -6.56
C LYS A 380 -37.11 -21.43 -5.59
N ALA A 381 -37.28 -20.17 -5.99
CA ALA A 381 -36.89 -19.06 -5.14
C ALA A 381 -37.73 -19.04 -3.86
N THR A 382 -37.05 -18.85 -2.73
CA THR A 382 -37.72 -18.83 -1.43
C THR A 382 -38.02 -17.43 -0.92
N HIS A 383 -37.40 -16.40 -1.50
CA HIS A 383 -37.57 -15.03 -1.05
C HIS A 383 -37.76 -14.12 -2.25
N PHE A 384 -38.78 -13.26 -2.19
CA PHE A 384 -39.09 -12.34 -3.26
C PHE A 384 -39.14 -10.92 -2.70
N TYR A 385 -38.56 -9.97 -3.43
CA TYR A 385 -38.36 -8.62 -2.94
C TYR A 385 -38.56 -7.66 -4.13
N VAL A 386 -39.61 -6.85 -4.07
CA VAL A 386 -39.99 -5.98 -5.18
C VAL A 386 -40.64 -4.71 -4.62
N ALA A 387 -40.81 -3.68 -5.50
CA ALA A 387 -41.44 -2.43 -5.12
C ALA A 387 -42.94 -2.47 -5.40
N PRO A 388 -43.74 -1.72 -4.64
CA PRO A 388 -45.20 -1.75 -4.87
C PRO A 388 -45.61 -1.36 -6.28
N THR A 389 -44.81 -0.58 -6.99
CA THR A 389 -45.17 -0.19 -8.35
C THR A 389 -45.38 -1.41 -9.24
N ALA A 390 -44.48 -2.40 -9.14
CA ALA A 390 -44.65 -3.62 -9.92
C ALA A 390 -45.92 -4.36 -9.51
N LEU A 391 -46.22 -4.38 -8.21
CA LEU A 391 -47.43 -5.05 -7.74
C LEU A 391 -48.67 -4.40 -8.32
N ARG A 392 -48.70 -3.07 -8.37
CA ARG A 392 -49.84 -2.37 -8.97
C ARG A 392 -49.97 -2.69 -10.45
N LEU A 393 -48.84 -2.72 -11.16
CA LEU A 393 -48.88 -3.05 -12.59
C LEU A 393 -49.39 -4.46 -12.80
N LEU A 394 -48.85 -5.43 -12.05
CA LEU A 394 -49.24 -6.82 -12.24
C LEU A 394 -50.67 -7.07 -11.79
N ARG A 395 -51.16 -6.31 -10.81
CA ARG A 395 -52.58 -6.41 -10.45
C ARG A 395 -53.47 -5.93 -11.59
N LYS A 396 -53.01 -4.92 -12.33
CA LYS A 396 -53.84 -4.32 -13.37
C LYS A 396 -53.90 -5.19 -14.63
N ALA A 397 -52.78 -5.84 -15.00
CA ALA A 397 -52.72 -6.48 -16.30
C ALA A 397 -52.04 -7.85 -16.28
N GLY A 398 -51.87 -8.49 -15.12
CA GLY A 398 -51.20 -9.77 -15.05
C GLY A 398 -51.75 -10.67 -13.97
N GLU A 399 -52.91 -10.30 -13.42
CA GLU A 399 -53.48 -11.05 -12.31
C GLU A 399 -53.75 -12.49 -12.69
N GLN A 400 -54.20 -12.73 -13.93
CA GLN A 400 -54.54 -14.09 -14.35
C GLN A 400 -53.29 -14.98 -14.50
N GLU A 401 -52.12 -14.40 -14.72
CA GLU A 401 -50.93 -15.20 -14.98
C GLU A 401 -50.39 -15.86 -13.72
N ILE A 402 -50.66 -15.28 -12.54
CA ILE A 402 -50.01 -15.76 -11.32
C ILE A 402 -50.37 -17.21 -11.05
N ALA A 403 -51.62 -17.60 -11.26
CA ALA A 403 -52.05 -18.96 -10.94
C ALA A 403 -51.47 -20.00 -11.89
N LYS A 404 -50.85 -19.58 -12.99
CA LYS A 404 -50.29 -20.52 -13.95
C LYS A 404 -48.97 -21.13 -13.48
N TYR A 405 -48.43 -20.70 -12.35
CA TYR A 405 -47.09 -21.06 -11.93
C TYR A 405 -47.10 -21.53 -10.47
N ASP A 406 -46.15 -22.39 -10.14
CA ASP A 406 -46.03 -22.97 -8.80
C ASP A 406 -45.16 -22.04 -7.96
N LEU A 407 -45.78 -21.28 -7.06
CA LEU A 407 -45.09 -20.32 -6.21
C LEU A 407 -45.03 -20.78 -4.76
N SER A 408 -45.16 -22.09 -4.51
CA SER A 408 -45.18 -22.61 -3.15
C SER A 408 -43.80 -22.61 -2.49
N SER A 409 -42.74 -22.35 -3.26
CA SER A 409 -41.41 -22.27 -2.68
C SER A 409 -41.18 -20.99 -1.90
N LEU A 410 -41.94 -19.95 -2.19
CA LEU A 410 -41.79 -18.69 -1.49
C LEU A 410 -42.30 -18.79 -0.06
N ARG A 411 -41.63 -18.09 0.86
CA ARG A 411 -42.16 -17.90 2.21
C ARG A 411 -41.98 -16.49 2.74
N THR A 412 -41.08 -15.68 2.19
CA THR A 412 -40.89 -14.30 2.59
C THR A 412 -41.09 -13.40 1.38
N LEU A 413 -41.98 -12.43 1.50
CA LEU A 413 -42.26 -11.46 0.46
C LEU A 413 -41.96 -10.06 0.97
N GLY A 414 -41.19 -9.30 0.21
CA GLY A 414 -40.71 -8.00 0.66
C GLY A 414 -41.21 -6.86 -0.20
N SER A 415 -41.42 -5.72 0.43
CA SER A 415 -41.78 -4.47 -0.24
C SER A 415 -40.75 -3.40 0.12
N VAL A 416 -40.48 -2.52 -0.85
CA VAL A 416 -39.40 -1.55 -0.70
C VAL A 416 -39.67 -0.33 -1.57
N GLY A 417 -39.19 0.82 -1.12
CA GLY A 417 -39.10 2.00 -1.95
C GLY A 417 -40.27 2.96 -1.82
N GLU A 418 -41.46 2.43 -1.66
CA GLU A 418 -42.70 3.20 -1.65
C GLU A 418 -43.58 2.77 -0.50
N PRO A 419 -44.50 3.62 -0.08
CA PRO A 419 -45.58 3.13 0.80
C PRO A 419 -46.42 2.11 0.04
N ILE A 420 -46.77 1.03 0.73
CA ILE A 420 -47.62 -0.01 0.16
C ILE A 420 -48.99 0.13 0.81
N SER A 421 -50.00 0.40 -0.01
CA SER A 421 -51.34 0.59 0.53
C SER A 421 -51.83 -0.72 1.16
N PRO A 422 -52.69 -0.64 2.15
CA PRO A 422 -53.26 -1.89 2.72
C PRO A 422 -53.91 -2.77 1.67
N ASP A 423 -54.53 -2.18 0.64
CA ASP A 423 -55.18 -2.99 -0.39
C ASP A 423 -54.15 -3.73 -1.23
N ILE A 424 -53.06 -3.06 -1.62
CA ILE A 424 -51.98 -3.74 -2.32
C ILE A 424 -51.31 -4.76 -1.39
N TRP A 425 -51.23 -4.45 -0.10
CA TRP A 425 -50.70 -5.43 0.86
C TRP A 425 -51.55 -6.70 0.85
N GLU A 426 -52.88 -6.55 0.81
CA GLU A 426 -53.74 -7.72 0.76
C GLU A 426 -53.58 -8.48 -0.55
N TRP A 427 -53.56 -7.76 -1.67
CA TRP A 427 -53.38 -8.41 -2.96
C TRP A 427 -52.05 -9.15 -3.02
N TYR A 428 -50.99 -8.52 -2.51
CA TYR A 428 -49.67 -9.15 -2.50
C TYR A 428 -49.66 -10.39 -1.63
N ASN A 429 -50.32 -10.32 -0.47
CA ASN A 429 -50.33 -11.46 0.44
C ASN A 429 -51.17 -12.60 -0.12
N GLU A 430 -52.27 -12.29 -0.78
CA GLU A 430 -53.21 -13.31 -1.23
C GLU A 430 -52.81 -13.92 -2.56
N PHE A 431 -52.65 -13.09 -3.59
CA PHE A 431 -52.44 -13.60 -4.94
C PHE A 431 -51.02 -14.11 -5.17
N VAL A 432 -50.03 -13.58 -4.47
CA VAL A 432 -48.65 -14.05 -4.59
C VAL A 432 -48.30 -15.00 -3.45
N GLY A 433 -48.52 -14.59 -2.21
CA GLY A 433 -48.20 -15.42 -1.06
C GLY A 433 -49.24 -16.47 -0.73
N LYS A 434 -50.39 -16.43 -1.39
CA LYS A 434 -51.45 -17.42 -1.17
C LYS A 434 -51.90 -17.44 0.28
N ASN A 435 -51.80 -16.31 0.97
CA ASN A 435 -52.13 -16.22 2.39
C ASN A 435 -51.30 -17.22 3.20
N GLN A 436 -50.05 -17.41 2.78
CA GLN A 436 -49.15 -18.37 3.41
C GLN A 436 -47.75 -17.84 3.65
N CYS A 437 -47.47 -16.59 3.30
CA CYS A 437 -46.14 -16.02 3.42
C CYS A 437 -46.13 -14.81 4.34
N HIS A 438 -44.94 -14.50 4.85
CA HIS A 438 -44.72 -13.31 5.65
C HIS A 438 -44.37 -12.15 4.73
N ILE A 439 -45.00 -10.99 4.99
CA ILE A 439 -44.76 -9.78 4.21
C ILE A 439 -43.85 -8.87 5.02
N SER A 440 -42.78 -8.38 4.39
CA SER A 440 -41.82 -7.50 5.04
C SER A 440 -41.79 -6.16 4.29
N ASP A 441 -42.54 -5.18 4.80
CA ASP A 441 -42.49 -3.82 4.28
C ASP A 441 -41.25 -3.16 4.85
N THR A 442 -40.18 -3.09 4.05
CA THR A 442 -38.90 -2.60 4.52
C THR A 442 -38.77 -1.12 4.20
N TYR A 443 -38.65 -0.29 5.24
CA TYR A 443 -38.38 1.13 5.08
C TYR A 443 -36.89 1.37 5.30
N TRP A 444 -36.28 2.11 4.38
CA TRP A 444 -34.87 2.48 4.51
C TRP A 444 -34.54 3.46 3.39
N GLN A 445 -33.26 3.83 3.30
CA GLN A 445 -32.79 4.86 2.39
C GLN A 445 -31.45 4.44 1.79
N THR A 446 -31.05 5.16 0.74
CA THR A 446 -29.70 5.03 0.23
C THR A 446 -28.68 5.33 1.32
N GLU A 447 -28.95 6.36 2.14
CA GLU A 447 -28.01 6.79 3.16
C GLU A 447 -27.92 5.83 4.34
N SER A 448 -28.92 4.98 4.56
CA SER A 448 -28.88 4.05 5.66
C SER A 448 -28.17 2.75 5.30
N GLY A 449 -27.93 2.49 4.01
CA GLY A 449 -27.24 1.29 3.60
C GLY A 449 -28.08 0.02 3.65
N SER A 450 -28.81 -0.17 4.74
CA SER A 450 -29.63 -1.35 4.92
C SER A 450 -30.92 -0.95 5.64
N HIS A 451 -31.73 -1.96 5.96
CA HIS A 451 -33.06 -1.70 6.51
C HIS A 451 -32.98 -0.94 7.83
N LEU A 452 -33.92 -0.01 8.02
CA LEU A 452 -34.07 0.75 9.25
C LEU A 452 -35.24 0.24 10.09
N ILE A 453 -36.42 0.12 9.47
CA ILE A 453 -37.63 -0.35 10.14
C ILE A 453 -38.27 -1.37 9.20
N ALA A 454 -38.50 -2.58 9.70
CA ALA A 454 -39.10 -3.63 8.89
C ALA A 454 -39.58 -4.75 9.80
N PRO A 455 -40.63 -5.47 9.42
CA PRO A 455 -41.08 -6.63 10.23
C PRO A 455 -40.20 -7.84 9.95
N LEU A 456 -39.52 -8.33 10.99
CA LEU A 456 -38.69 -9.52 10.83
C LEU A 456 -39.55 -10.71 10.45
N ALA A 457 -39.09 -11.45 9.43
CA ALA A 457 -39.84 -12.60 8.94
C ALA A 457 -39.94 -13.67 10.01
N GLY A 458 -41.16 -14.12 10.28
CA GLY A 458 -41.40 -15.13 11.29
C GLY A 458 -41.33 -14.65 12.73
N VAL A 459 -41.23 -13.34 12.95
CA VAL A 459 -41.06 -12.81 14.29
C VAL A 459 -42.11 -11.74 14.58
N VAL A 460 -42.18 -10.71 13.75
CA VAL A 460 -42.99 -9.52 14.02
C VAL A 460 -44.30 -9.66 13.25
N PRO A 461 -45.45 -9.63 13.93
CA PRO A 461 -46.73 -9.62 13.21
C PRO A 461 -46.92 -8.30 12.45
N ASN A 462 -47.63 -8.39 11.33
CA ASN A 462 -47.76 -7.27 10.42
C ASN A 462 -49.00 -6.44 10.69
N LYS A 463 -48.93 -5.17 10.35
CA LYS A 463 -50.09 -4.30 10.18
C LYS A 463 -50.05 -3.78 8.75
N PRO A 464 -50.95 -4.24 7.86
CA PRO A 464 -50.82 -3.87 6.44
C PRO A 464 -50.62 -2.38 6.21
N GLY A 465 -49.50 -2.02 5.63
CA GLY A 465 -49.15 -0.63 5.39
C GLY A 465 -48.14 -0.06 6.37
N SER A 466 -47.83 -0.81 7.44
CA SER A 466 -46.87 -0.37 8.44
C SER A 466 -45.56 -1.13 8.29
N ALA A 467 -44.47 -0.48 8.70
CA ALA A 467 -43.16 -1.11 8.75
C ALA A 467 -42.82 -1.69 10.12
N SER A 468 -43.66 -1.43 11.13
CA SER A 468 -43.51 -2.01 12.46
C SER A 468 -42.32 -1.41 13.23
N TYR A 469 -41.37 -2.30 13.73
CA TYR A 469 -40.39 -1.90 14.72
C TYR A 469 -39.05 -1.57 14.07
N PRO A 470 -38.24 -0.69 14.69
CA PRO A 470 -36.89 -0.46 14.19
C PRO A 470 -36.04 -1.70 14.30
N PHE A 471 -35.02 -1.78 13.45
CA PHE A 471 -34.13 -2.94 13.38
C PHE A 471 -32.94 -2.73 14.33
N PHE A 472 -32.12 -3.76 14.44
CA PHE A 472 -30.97 -3.74 15.35
C PHE A 472 -30.13 -2.49 15.16
N GLY A 473 -29.86 -1.80 16.27
CA GLY A 473 -28.99 -0.65 16.23
C GLY A 473 -29.63 0.63 15.76
N ILE A 474 -30.94 0.62 15.51
CA ILE A 474 -31.65 1.79 15.00
C ILE A 474 -32.54 2.29 16.13
N ASP A 475 -32.16 3.42 16.73
CA ASP A 475 -32.96 4.05 17.79
C ASP A 475 -33.82 5.13 17.15
N ALA A 476 -34.93 4.70 16.56
CA ALA A 476 -35.82 5.61 15.86
C ALA A 476 -36.52 6.54 16.83
N ALA A 477 -36.91 7.71 16.32
CA ALA A 477 -37.54 8.73 17.14
C ALA A 477 -38.35 9.65 16.25
N LEU A 478 -39.33 10.30 16.85
CA LEU A 478 -40.14 11.31 16.19
C LEU A 478 -39.82 12.69 16.78
N ILE A 479 -39.74 13.68 15.91
CA ILE A 479 -39.41 15.05 16.31
C ILE A 479 -40.53 15.96 15.83
N ASP A 480 -41.03 16.79 16.73
CA ASP A 480 -42.03 17.81 16.36
C ASP A 480 -41.35 18.82 15.44
N PRO A 481 -41.76 18.93 14.17
CA PRO A 481 -41.03 19.83 13.26
C PRO A 481 -40.98 21.26 13.75
N VAL A 482 -41.99 21.71 14.48
CA VAL A 482 -42.04 23.10 14.94
C VAL A 482 -41.06 23.32 16.08
N THR A 483 -41.22 22.55 17.16
CA THR A 483 -40.38 22.75 18.34
C THR A 483 -38.98 22.18 18.16
N GLY A 484 -38.84 21.12 17.37
CA GLY A 484 -37.56 20.45 17.26
C GLY A 484 -37.25 19.55 18.43
N VAL A 485 -38.27 19.16 19.19
CA VAL A 485 -38.11 18.40 20.42
C VAL A 485 -38.59 16.97 20.20
N GLU A 486 -37.84 16.01 20.73
CA GLU A 486 -38.23 14.61 20.58
C GLU A 486 -39.58 14.38 21.25
N ILE A 487 -40.46 13.66 20.55
CA ILE A 487 -41.83 13.43 20.98
C ILE A 487 -41.86 12.20 21.89
N GLU A 488 -42.17 12.43 23.16
CA GLU A 488 -42.38 11.32 24.08
C GLU A 488 -43.78 10.74 23.91
N GLY A 489 -43.90 9.44 24.12
CA GLY A 489 -45.18 8.77 24.06
C GLY A 489 -45.58 8.37 22.65
N ASN A 490 -46.58 7.51 22.58
CA ASN A 490 -47.06 6.97 21.31
C ASN A 490 -48.32 7.70 20.87
N ASP A 491 -48.91 7.24 19.77
CA ASP A 491 -49.99 7.94 19.08
C ASP A 491 -49.55 9.36 18.73
N ALA A 492 -48.43 9.44 18.00
CA ALA A 492 -47.79 10.70 17.69
C ALA A 492 -47.34 10.70 16.24
N GLU A 493 -47.11 11.91 15.72
CA GLU A 493 -46.63 12.10 14.36
C GLU A 493 -45.53 13.15 14.37
N GLY A 494 -44.63 13.07 13.39
CA GLY A 494 -43.59 14.05 13.27
C GLY A 494 -42.51 13.59 12.31
N VAL A 495 -41.39 14.30 12.35
CA VAL A 495 -40.23 13.98 11.53
C VAL A 495 -39.53 12.76 12.10
N LEU A 496 -39.20 11.81 11.23
CA LEU A 496 -38.58 10.56 11.63
C LEU A 496 -37.06 10.76 11.73
N ALA A 497 -36.50 10.45 12.90
CA ALA A 497 -35.07 10.66 13.14
C ALA A 497 -34.50 9.46 13.88
N ILE A 498 -33.20 9.26 13.72
CA ILE A 498 -32.44 8.23 14.43
C ILE A 498 -31.56 8.91 15.47
N LYS A 499 -31.52 8.35 16.67
CA LYS A 499 -30.88 9.00 17.82
C LYS A 499 -29.40 8.67 17.93
N ASP A 500 -28.88 7.72 17.16
CA ASP A 500 -27.46 7.43 17.14
C ASP A 500 -27.14 6.76 15.81
N HIS A 501 -25.87 6.81 15.43
CA HIS A 501 -25.47 6.23 14.15
C HIS A 501 -25.40 4.71 14.28
N TRP A 502 -25.53 4.04 13.14
CA TRP A 502 -25.56 2.59 13.02
C TRP A 502 -24.50 2.13 12.03
N PRO A 503 -24.16 0.84 12.05
CA PRO A 503 -22.98 0.39 11.29
C PRO A 503 -22.97 0.74 9.81
N SER A 504 -24.09 0.55 9.12
CA SER A 504 -24.14 0.77 7.67
C SER A 504 -24.58 2.18 7.30
N MET A 505 -24.59 3.11 8.25
CA MET A 505 -24.96 4.48 7.92
C MET A 505 -23.93 5.10 6.98
N ALA A 506 -24.42 5.83 5.98
CA ALA A 506 -23.53 6.54 5.07
C ALA A 506 -22.62 7.47 5.86
N ARG A 507 -21.36 7.55 5.43
CA ARG A 507 -20.34 8.25 6.20
C ARG A 507 -20.09 9.68 5.75
N THR A 508 -20.38 10.01 4.49
CA THR A 508 -20.14 11.36 4.00
C THR A 508 -20.74 11.50 2.61
N VAL A 509 -20.75 12.75 2.12
CA VAL A 509 -21.01 13.06 0.73
C VAL A 509 -19.68 13.37 0.07
N TYR A 510 -19.39 12.70 -1.06
CA TYR A 510 -18.05 12.71 -1.63
C TYR A 510 -17.52 14.12 -1.79
N LYS A 511 -16.41 14.41 -1.10
CA LYS A 511 -15.72 15.69 -1.18
C LYS A 511 -16.63 16.85 -0.79
N ASN A 512 -17.75 16.58 -0.12
CA ASN A 512 -18.70 17.61 0.28
C ASN A 512 -19.31 17.25 1.63
N HIS A 513 -18.46 17.13 2.66
CA HIS A 513 -18.94 16.73 3.98
C HIS A 513 -19.80 17.82 4.63
N THR A 514 -19.63 19.08 4.22
CA THR A 514 -20.48 20.14 4.75
C THR A 514 -21.93 19.95 4.31
N LYS A 515 -22.14 19.57 3.05
CA LYS A 515 -23.49 19.24 2.59
C LYS A 515 -24.05 18.04 3.33
N TYR A 516 -23.21 17.03 3.55
CA TYR A 516 -23.61 15.88 4.37
C TYR A 516 -24.13 16.33 5.73
N MET A 517 -23.34 17.15 6.43
CA MET A 517 -23.75 17.62 7.74
C MET A 517 -25.02 18.45 7.67
N ASP A 518 -25.09 19.37 6.69
CA ASP A 518 -26.26 20.24 6.60
C ASP A 518 -27.53 19.45 6.29
N THR A 519 -27.40 18.31 5.62
CA THR A 519 -28.56 17.54 5.19
C THR A 519 -29.07 16.59 6.26
N TYR A 520 -28.17 15.95 7.00
CA TYR A 520 -28.54 14.83 7.86
C TYR A 520 -28.32 15.09 9.34
N MET A 521 -27.27 15.82 9.71
CA MET A 521 -26.91 15.96 11.12
C MET A 521 -27.28 17.32 11.71
N ASN A 522 -27.24 18.38 10.92
CA ASN A 522 -27.45 19.73 11.43
C ASN A 522 -28.91 20.12 11.61
N PRO A 523 -29.83 19.65 10.75
CA PRO A 523 -31.23 20.06 10.92
C PRO A 523 -31.77 19.84 12.33
N TYR A 524 -31.48 18.69 12.93
CA TYR A 524 -31.90 18.36 14.28
C TYR A 524 -30.67 17.83 15.01
N PRO A 525 -29.85 18.71 15.58
CA PRO A 525 -28.57 18.28 16.16
C PRO A 525 -28.76 17.19 17.21
N GLY A 526 -27.87 16.20 17.16
CA GLY A 526 -27.96 15.02 17.98
C GLY A 526 -28.69 13.86 17.33
N TYR A 527 -29.38 14.10 16.21
CA TYR A 527 -30.16 13.08 15.54
C TYR A 527 -29.71 12.96 14.09
N TYR A 528 -30.10 11.86 13.46
CA TYR A 528 -29.97 11.69 12.01
C TYR A 528 -31.33 11.97 11.40
N PHE A 529 -31.37 12.91 10.47
CA PHE A 529 -32.63 13.37 9.87
C PHE A 529 -32.88 12.60 8.58
N THR A 530 -33.89 11.73 8.61
CA THR A 530 -34.16 10.87 7.46
C THR A 530 -34.76 11.64 6.30
N GLY A 531 -35.37 12.79 6.54
CA GLY A 531 -36.11 13.46 5.50
C GLY A 531 -37.51 12.96 5.31
N ASP A 532 -38.00 12.11 6.22
CA ASP A 532 -39.31 11.48 6.12
C ASP A 532 -40.16 11.85 7.33
N GLY A 533 -41.46 11.99 7.09
CA GLY A 533 -42.42 12.06 8.17
C GLY A 533 -42.96 10.67 8.47
N ALA A 534 -43.36 10.46 9.73
CA ALA A 534 -43.81 9.16 10.15
C ALA A 534 -44.67 9.31 11.40
N ALA A 535 -45.41 8.25 11.71
CA ALA A 535 -46.29 8.20 12.86
C ALA A 535 -46.03 6.91 13.64
N ARG A 536 -46.14 7.00 14.95
CA ARG A 536 -45.94 5.86 15.85
C ARG A 536 -47.22 5.64 16.64
N ASP A 537 -47.79 4.44 16.53
CA ASP A 537 -49.06 4.14 17.17
C ASP A 537 -48.83 3.57 18.56
N HIS A 538 -49.92 3.25 19.26
CA HIS A 538 -49.82 2.79 20.65
C HIS A 538 -49.04 1.49 20.78
N ASP A 539 -48.93 0.71 19.71
CA ASP A 539 -48.16 -0.52 19.74
C ASP A 539 -46.69 -0.32 19.38
N GLY A 540 -46.29 0.90 19.06
CA GLY A 540 -44.92 1.19 18.66
C GLY A 540 -44.64 1.01 17.19
N TYR A 541 -45.63 0.61 16.39
CA TYR A 541 -45.42 0.44 14.97
C TYR A 541 -45.28 1.81 14.30
N TYR A 542 -44.38 1.88 13.31
CA TYR A 542 -44.13 3.11 12.58
C TYR A 542 -44.90 3.08 11.26
N TRP A 543 -45.59 4.17 10.97
CA TRP A 543 -46.32 4.36 9.72
C TRP A 543 -45.62 5.48 8.95
N ILE A 544 -44.95 5.12 7.86
CA ILE A 544 -44.19 6.11 7.10
C ILE A 544 -45.13 7.01 6.32
N ARG A 545 -44.99 8.32 6.49
CA ARG A 545 -45.88 9.29 5.85
C ARG A 545 -45.34 9.80 4.53
N GLY A 546 -44.02 9.85 4.34
CA GLY A 546 -43.42 10.28 3.10
C GLY A 546 -42.38 11.35 3.31
N ARG A 547 -41.81 11.80 2.19
CA ARG A 547 -40.77 12.81 2.24
C ARG A 547 -41.34 14.16 2.67
N VAL A 548 -40.58 14.87 3.52
CA VAL A 548 -40.97 16.20 3.94
C VAL A 548 -40.30 17.30 3.12
N ASP A 549 -39.46 16.93 2.15
CA ASP A 549 -38.75 17.88 1.31
C ASP A 549 -39.21 17.72 -0.15
N ASP A 550 -38.51 18.42 -1.06
CA ASP A 550 -38.87 18.43 -2.48
C ASP A 550 -38.27 17.21 -3.19
N VAL A 551 -38.74 16.04 -2.78
CA VAL A 551 -38.36 14.77 -3.37
C VAL A 551 -39.63 14.02 -3.76
N VAL A 552 -39.66 13.51 -4.99
CA VAL A 552 -40.80 12.80 -5.53
C VAL A 552 -40.41 11.35 -5.78
N ASN A 553 -41.31 10.44 -5.45
CA ASN A 553 -41.05 9.00 -5.52
C ASN A 553 -41.77 8.42 -6.73
N VAL A 554 -41.14 8.53 -7.89
CA VAL A 554 -41.70 8.03 -9.14
C VAL A 554 -41.27 6.57 -9.29
N SER A 555 -42.21 5.65 -9.12
CA SER A 555 -41.97 4.23 -9.34
C SER A 555 -40.83 3.72 -8.46
N GLY A 556 -40.79 4.17 -7.21
CA GLY A 556 -39.77 3.74 -6.28
C GLY A 556 -38.42 4.40 -6.45
N HIS A 557 -38.24 5.23 -7.48
CA HIS A 557 -36.97 5.86 -7.76
C HIS A 557 -37.00 7.28 -7.20
N ARG A 558 -36.08 7.57 -6.28
CA ARG A 558 -36.04 8.89 -5.68
C ARG A 558 -35.60 9.93 -6.70
N LEU A 559 -36.36 11.01 -6.80
CA LEU A 559 -36.10 12.07 -7.77
C LEU A 559 -36.18 13.43 -7.09
N SER A 560 -35.42 14.38 -7.62
CA SER A 560 -35.43 15.75 -7.14
C SER A 560 -36.19 16.63 -8.12
N THR A 561 -37.17 17.39 -7.61
CA THR A 561 -37.85 18.34 -8.47
C THR A 561 -36.89 19.43 -8.95
N ALA A 562 -35.93 19.80 -8.12
CA ALA A 562 -34.96 20.81 -8.53
C ALA A 562 -34.14 20.35 -9.73
N GLU A 563 -33.83 19.06 -9.77
CA GLU A 563 -33.07 18.53 -10.91
C GLU A 563 -33.89 18.59 -12.19
N ILE A 564 -35.18 18.28 -12.12
CA ILE A 564 -36.03 18.30 -13.30
C ILE A 564 -36.27 19.74 -13.75
N GLU A 565 -36.42 20.65 -12.80
CA GLU A 565 -36.59 22.06 -13.15
C GLU A 565 -35.35 22.60 -13.86
N ALA A 566 -34.16 22.28 -13.34
CA ALA A 566 -32.93 22.76 -13.97
C ALA A 566 -32.77 22.20 -15.37
N ALA A 567 -33.24 20.98 -15.61
CA ALA A 567 -33.17 20.41 -16.95
C ALA A 567 -34.06 21.19 -17.92
N LEU A 568 -35.27 21.54 -17.48
CA LEU A 568 -36.17 22.32 -18.33
C LEU A 568 -35.62 23.73 -18.57
N ILE A 569 -34.94 24.29 -17.56
CA ILE A 569 -34.42 25.65 -17.70
C ILE A 569 -33.24 25.70 -18.66
N GLU A 570 -32.52 24.58 -18.82
CA GLU A 570 -31.40 24.57 -19.77
C GLU A 570 -31.89 24.92 -21.18
N ASP A 571 -33.10 24.47 -21.53
CA ASP A 571 -33.75 24.92 -22.76
C ASP A 571 -34.08 26.40 -22.61
N LYS A 572 -33.35 27.26 -23.32
CA LYS A 572 -33.49 28.70 -23.15
C LYS A 572 -34.81 29.24 -23.67
N LYS A 573 -35.67 28.39 -24.23
CA LYS A 573 -37.02 28.80 -24.59
C LYS A 573 -37.91 28.92 -23.35
N VAL A 574 -37.39 28.53 -22.19
CA VAL A 574 -38.12 28.52 -20.94
C VAL A 574 -37.63 29.66 -20.08
N SER A 575 -38.55 30.40 -19.48
CA SER A 575 -38.19 31.46 -18.54
C SER A 575 -38.06 30.92 -17.12
N GLU A 576 -39.11 30.25 -16.64
CA GLU A 576 -39.11 29.62 -15.33
C GLU A 576 -39.90 28.33 -15.40
N ALA A 577 -39.58 27.39 -14.50
CA ALA A 577 -40.22 26.10 -14.47
C ALA A 577 -40.42 25.66 -13.02
N ALA A 578 -41.47 24.86 -12.81
CA ALA A 578 -41.79 24.36 -11.48
C ALA A 578 -42.35 22.95 -11.61
N VAL A 579 -41.71 21.98 -10.97
CA VAL A 579 -42.09 20.58 -11.06
C VAL A 579 -42.61 20.14 -9.69
N VAL A 580 -43.73 19.42 -9.70
CA VAL A 580 -44.33 18.89 -8.49
C VAL A 580 -44.73 17.44 -8.75
N GLY A 581 -45.00 16.72 -7.67
CA GLY A 581 -45.37 15.31 -7.73
C GLY A 581 -46.84 15.15 -7.41
N ILE A 582 -47.52 14.31 -8.20
CA ILE A 582 -48.93 14.04 -8.02
C ILE A 582 -49.15 12.54 -7.90
N HIS A 583 -50.34 12.18 -7.43
CA HIS A 583 -50.68 10.77 -7.27
C HIS A 583 -50.86 10.11 -8.63
N ASP A 584 -50.26 8.94 -8.79
CA ASP A 584 -50.45 8.10 -9.97
C ASP A 584 -50.82 6.71 -9.48
N ASP A 585 -51.84 6.11 -10.08
CA ASP A 585 -52.37 4.84 -9.58
C ASP A 585 -51.50 3.65 -9.92
N ILE A 586 -50.44 3.83 -10.71
CA ILE A 586 -49.53 2.75 -11.07
C ILE A 586 -48.13 3.00 -10.55
N THR A 587 -47.56 4.17 -10.84
CA THR A 587 -46.24 4.54 -10.38
C THR A 587 -46.25 5.15 -8.98
N GLY A 588 -47.42 5.17 -8.32
CA GLY A 588 -47.50 5.75 -7.00
C GLY A 588 -47.48 7.27 -7.01
N GLN A 589 -46.47 7.85 -7.67
CA GLN A 589 -46.32 9.29 -7.73
C GLN A 589 -45.74 9.67 -9.09
N ALA A 590 -46.31 10.69 -9.71
CA ALA A 590 -45.89 11.15 -11.02
C ALA A 590 -45.52 12.63 -10.96
N VAL A 591 -44.66 13.05 -11.89
CA VAL A 591 -44.13 14.40 -11.91
C VAL A 591 -44.86 15.23 -12.97
N ILE A 592 -45.39 16.37 -12.54
CA ILE A 592 -46.03 17.34 -13.43
C ILE A 592 -45.15 18.58 -13.47
N ALA A 593 -44.86 19.07 -14.68
CA ALA A 593 -44.00 20.22 -14.88
C ALA A 593 -44.82 21.41 -15.38
N TYR A 594 -44.76 22.52 -14.66
CA TYR A 594 -45.39 23.77 -15.07
C TYR A 594 -44.31 24.71 -15.59
N VAL A 595 -44.40 25.06 -16.87
CA VAL A 595 -43.34 25.77 -17.57
C VAL A 595 -43.92 27.08 -18.11
N ALA A 596 -43.20 28.17 -17.88
CA ALA A 596 -43.54 29.48 -18.44
C ALA A 596 -42.52 29.82 -19.52
N LEU A 597 -43.01 30.05 -20.73
CA LEU A 597 -42.16 30.36 -21.87
C LEU A 597 -41.95 31.86 -21.98
N LYS A 598 -40.93 32.23 -22.76
CA LYS A 598 -40.68 33.64 -23.06
C LYS A 598 -41.51 34.06 -24.26
N GLU A 599 -40.97 33.93 -25.47
CA GLU A 599 -41.70 34.28 -26.69
C GLU A 599 -42.16 33.08 -27.51
N GLY A 600 -41.89 31.85 -27.08
CA GLY A 600 -42.28 30.67 -27.81
C GLY A 600 -43.69 30.69 -28.35
N SER A 606 -47.85 24.33 -30.16
CA SER A 606 -47.78 24.21 -28.70
C SER A 606 -47.53 22.76 -28.30
N GLU A 607 -48.21 21.84 -28.98
CA GLU A 607 -48.02 20.43 -28.68
C GLU A 607 -46.58 20.01 -28.95
N GLY A 608 -45.98 20.52 -30.02
CA GLY A 608 -44.61 20.17 -30.33
C GLY A 608 -43.63 20.66 -29.28
N LEU A 609 -43.90 21.85 -28.71
CA LEU A 609 -43.00 22.39 -27.70
C LEU A 609 -43.08 21.60 -26.40
N ARG A 610 -44.27 21.08 -26.06
CA ARG A 610 -44.39 20.21 -24.90
C ARG A 610 -43.50 18.97 -25.05
N LYS A 611 -43.49 18.37 -26.24
CA LYS A 611 -42.64 17.21 -26.47
C LYS A 611 -41.17 17.59 -26.45
N GLU A 612 -40.84 18.81 -26.87
CA GLU A 612 -39.45 19.26 -26.78
C GLU A 612 -38.98 19.29 -25.32
N LEU A 613 -39.82 19.79 -24.43
CA LEU A 613 -39.43 19.87 -23.02
C LEU A 613 -39.36 18.49 -22.39
N VAL A 614 -40.30 17.61 -22.72
CA VAL A 614 -40.23 16.24 -22.21
C VAL A 614 -38.94 15.58 -22.70
N LEU A 615 -38.63 15.73 -23.99
CA LEU A 615 -37.37 15.20 -24.50
C LEU A 615 -36.18 15.92 -23.89
N GLN A 616 -36.35 17.19 -23.49
CA GLN A 616 -35.25 17.91 -22.86
C GLN A 616 -34.84 17.25 -21.54
N VAL A 617 -35.81 16.82 -20.74
CA VAL A 617 -35.49 16.11 -19.51
C VAL A 617 -34.89 14.75 -19.83
N ARG A 618 -35.42 14.08 -20.85
CA ARG A 618 -34.89 12.78 -21.27
C ARG A 618 -33.44 12.91 -21.71
N LYS A 619 -33.03 14.10 -22.15
CA LYS A 619 -31.66 14.31 -22.61
C LYS A 619 -30.71 14.65 -21.47
N THR A 620 -31.19 15.36 -20.44
CA THR A 620 -30.34 15.73 -19.32
C THR A 620 -30.25 14.63 -18.27
N ILE A 621 -31.40 14.20 -17.73
CA ILE A 621 -31.44 13.22 -16.66
C ILE A 621 -31.60 11.83 -17.24
N GLY A 622 -32.73 11.56 -17.88
CA GLY A 622 -33.01 10.27 -18.45
C GLY A 622 -34.48 10.08 -18.71
N PRO A 623 -34.82 9.10 -19.55
CA PRO A 623 -36.23 8.90 -19.89
C PRO A 623 -37.12 8.62 -18.68
N PHE A 624 -36.59 7.99 -17.63
CA PHE A 624 -37.43 7.62 -16.50
C PHE A 624 -37.86 8.85 -15.70
N ALA A 625 -37.07 9.92 -15.74
CA ALA A 625 -37.38 11.13 -15.00
C ALA A 625 -38.17 12.14 -15.83
N ALA A 626 -38.62 11.74 -17.01
CA ALA A 626 -39.39 12.64 -17.86
C ALA A 626 -40.71 12.97 -17.17
N PRO A 627 -41.20 14.20 -17.28
CA PRO A 627 -42.49 14.53 -16.66
C PRO A 627 -43.64 13.75 -17.28
N LYS A 628 -44.62 13.40 -16.44
CA LYS A 628 -45.84 12.76 -16.95
C LYS A 628 -46.59 13.71 -17.87
N SER A 629 -46.68 14.99 -17.50
CA SER A 629 -47.34 16.00 -18.30
C SER A 629 -46.64 17.33 -18.11
N VAL A 630 -46.50 18.09 -19.19
CA VAL A 630 -45.94 19.43 -19.16
C VAL A 630 -47.07 20.42 -19.43
N ILE A 631 -47.31 21.31 -18.47
CA ILE A 631 -48.39 22.30 -18.54
C ILE A 631 -47.75 23.66 -18.80
N ILE A 632 -48.01 24.22 -19.98
CA ILE A 632 -47.53 25.56 -20.31
C ILE A 632 -48.45 26.59 -19.69
N VAL A 633 -47.88 27.55 -18.95
CA VAL A 633 -48.64 28.59 -18.29
C VAL A 633 -48.01 29.94 -18.61
N GLN A 634 -48.75 31.01 -18.31
CA GLN A 634 -48.26 32.37 -18.57
C GLN A 634 -47.31 32.83 -17.48
N ASP A 635 -47.70 32.63 -16.22
CA ASP A 635 -46.80 32.86 -15.10
C ASP A 635 -47.13 31.90 -13.98
N LEU A 636 -46.16 31.64 -13.14
CA LEU A 636 -46.33 30.70 -12.04
C LEU A 636 -46.76 31.45 -10.78
N PRO A 637 -47.49 30.80 -9.87
CA PRO A 637 -47.78 31.46 -8.58
C PRO A 637 -46.49 31.70 -7.83
N LYS A 638 -46.07 32.96 -7.73
CA LYS A 638 -44.79 33.30 -7.12
C LYS A 638 -44.99 34.14 -5.87
N THR A 639 -44.14 33.90 -4.87
CA THR A 639 -44.20 34.65 -3.64
C THR A 639 -43.77 36.10 -3.87
N ARG A 640 -43.90 36.91 -2.82
CA ARG A 640 -43.38 38.27 -2.88
C ARG A 640 -41.87 38.27 -3.10
N SER A 641 -41.16 37.37 -2.41
CA SER A 641 -39.71 37.29 -2.54
C SER A 641 -39.30 36.79 -3.92
N GLY A 642 -40.03 35.83 -4.46
CA GLY A 642 -39.71 35.28 -5.76
C GLY A 642 -39.82 33.77 -5.82
N LYS A 643 -40.28 33.16 -4.73
CA LYS A 643 -40.38 31.71 -4.68
C LYS A 643 -41.66 31.24 -5.35
N ILE A 644 -41.64 30.02 -5.86
CA ILE A 644 -42.80 29.41 -6.51
C ILE A 644 -43.63 28.72 -5.44
N MET A 645 -44.91 29.05 -5.37
CA MET A 645 -45.79 28.41 -4.40
C MET A 645 -46.10 27.00 -4.89
N ARG A 646 -45.28 26.03 -4.48
CA ARG A 646 -45.42 24.67 -4.99
C ARG A 646 -46.65 23.98 -4.40
N ARG A 647 -47.04 24.36 -3.18
CA ARG A 647 -48.19 23.70 -2.55
C ARG A 647 -49.47 23.95 -3.34
N ILE A 648 -49.61 25.12 -3.95
CA ILE A 648 -50.75 25.39 -4.83
C ILE A 648 -50.72 24.47 -6.05
N LEU A 649 -49.54 24.30 -6.63
CA LEU A 649 -49.43 23.47 -7.84
C LEU A 649 -49.76 22.01 -7.55
N ARG A 650 -49.37 21.51 -6.37
CA ARG A 650 -49.70 20.14 -6.02
C ARG A 650 -51.22 19.95 -5.94
N LYS A 651 -51.89 20.85 -5.21
CA LYS A 651 -53.34 20.74 -5.02
C LYS A 651 -54.08 20.93 -6.33
N VAL A 652 -53.67 21.91 -7.14
CA VAL A 652 -54.32 22.14 -8.42
C VAL A 652 -54.21 20.91 -9.31
N SER A 653 -53.04 20.26 -9.32
CA SER A 653 -52.85 19.10 -10.18
C SER A 653 -53.69 17.92 -9.71
N SER A 654 -53.92 17.80 -8.40
CA SER A 654 -54.74 16.74 -7.85
C SER A 654 -56.22 17.12 -7.77
N ASN A 655 -56.66 18.10 -8.58
CA ASN A 655 -58.06 18.51 -8.65
C ASN A 655 -58.58 19.00 -7.30
N GLU A 656 -57.69 19.55 -6.47
CA GLU A 656 -58.04 20.14 -5.18
C GLU A 656 -57.74 21.62 -5.19
N ALA A 657 -58.06 22.30 -6.31
CA ALA A 657 -57.70 23.70 -6.49
C ALA A 657 -58.65 24.65 -5.78
N ASP A 658 -59.29 24.19 -4.72
CA ASP A 658 -60.14 25.04 -3.88
C ASP A 658 -59.71 25.06 -2.43
N GLN A 659 -59.10 23.99 -1.93
CA GLN A 659 -58.53 23.97 -0.59
C GLN A 659 -57.04 24.30 -0.65
N LEU A 660 -56.75 25.47 -1.22
CA LEU A 660 -55.37 25.93 -1.35
C LEU A 660 -54.75 26.34 -0.02
N GLY A 661 -55.49 26.29 1.08
CA GLY A 661 -54.95 26.66 2.37
C GLY A 661 -54.63 28.13 2.49
N ILE A 663 -52.93 30.94 1.63
CA ILE A 663 -52.23 31.57 0.51
C ILE A 663 -52.06 33.07 0.77
N SER A 664 -51.07 33.40 1.60
CA SER A 664 -50.80 34.79 1.97
C SER A 664 -49.64 35.40 1.18
N THR A 665 -48.73 34.58 0.67
CA THR A 665 -47.53 35.05 0.00
C THR A 665 -47.76 35.34 -1.48
N LEU A 666 -48.94 35.04 -2.01
CA LEU A 666 -49.21 35.20 -3.43
C LEU A 666 -49.10 36.65 -3.88
N SER A 667 -48.01 36.97 -4.59
CA SER A 667 -47.89 38.28 -5.21
C SER A 667 -48.83 38.41 -6.41
N ASN A 668 -49.13 37.30 -7.08
CA ASN A 668 -50.02 37.28 -8.24
C ASN A 668 -51.12 36.26 -8.01
N PRO A 669 -52.11 36.58 -7.17
CA PRO A 669 -53.24 35.67 -6.98
C PRO A 669 -54.09 35.48 -8.22
N GLN A 670 -53.86 36.26 -9.27
CA GLN A 670 -54.57 36.08 -10.53
C GLN A 670 -53.99 34.93 -11.36
N SER A 671 -52.72 34.59 -11.13
CA SER A 671 -52.11 33.49 -11.87
C SER A 671 -52.79 32.16 -11.57
N VAL A 672 -53.33 32.00 -10.36
CA VAL A 672 -53.90 30.72 -9.97
C VAL A 672 -55.01 30.30 -10.92
N GLU A 673 -55.81 31.26 -11.38
CA GLU A 673 -56.86 30.95 -12.35
C GLU A 673 -56.26 30.45 -13.66
N GLY A 674 -55.16 31.05 -14.11
CA GLY A 674 -54.50 30.58 -15.31
C GLY A 674 -53.88 29.20 -15.12
N ILE A 675 -53.40 28.91 -13.91
CA ILE A 675 -52.85 27.59 -13.63
C ILE A 675 -53.94 26.53 -13.72
N ILE A 676 -55.12 26.82 -13.15
CA ILE A 676 -56.20 25.84 -13.12
C ILE A 676 -56.73 25.59 -14.53
N SER A 677 -56.88 26.64 -15.32
CA SER A 677 -57.40 26.46 -16.67
C SER A 677 -56.40 25.71 -17.55
N ALA A 678 -55.12 26.05 -17.46
CA ALA A 678 -54.11 25.37 -18.26
C ALA A 678 -54.04 23.89 -17.92
N PHE A 679 -54.14 23.55 -16.63
CA PHE A 679 -54.09 22.15 -16.24
C PHE A 679 -55.32 21.39 -16.76
N GLY A 680 -56.51 21.99 -16.64
CA GLY A 680 -57.71 21.33 -17.10
C GLY A 680 -57.72 21.08 -18.59
N ALA A 681 -57.09 21.95 -19.36
CA ALA A 681 -57.07 21.84 -20.82
C ALA A 681 -55.93 20.95 -21.31
N GLN A 682 -54.72 21.16 -20.80
CA GLN A 682 -53.52 20.55 -21.36
C GLN A 682 -53.23 19.16 -20.80
N PHE A 683 -53.76 18.81 -19.63
CA PHE A 683 -53.40 17.53 -19.03
C PHE A 683 -53.87 16.34 -19.87
N GLY A 684 -54.86 16.53 -20.73
CA GLY A 684 -55.31 15.47 -21.61
C GLY A 684 -54.53 15.41 -22.90
N LYS A 685 -54.62 16.47 -23.70
CA LYS A 685 -53.92 16.53 -24.97
C LYS A 685 -52.41 16.67 -24.77
N GLN B 20 37.39 11.86 46.90
CA GLN B 20 36.56 13.02 47.17
C GLN B 20 37.07 14.26 46.44
N THR B 21 38.29 14.17 45.91
CA THR B 21 38.91 15.28 45.19
C THR B 21 39.17 14.87 43.75
N HIS B 22 38.92 15.79 42.82
CA HIS B 22 39.07 15.55 41.39
C HIS B 22 40.23 16.36 40.85
N ASN B 23 41.10 15.69 40.08
CA ASN B 23 42.19 16.36 39.39
C ASN B 23 41.81 16.78 37.98
N VAL B 24 40.79 16.16 37.40
CA VAL B 24 40.36 16.43 36.03
C VAL B 24 38.99 17.09 36.00
N VAL B 25 38.01 16.52 36.71
CA VAL B 25 36.64 17.03 36.72
C VAL B 25 36.59 18.07 37.84
N HIS B 26 36.99 19.29 37.51
CA HIS B 26 37.01 20.35 38.52
C HIS B 26 35.61 20.80 38.90
N GLU B 27 34.64 20.63 38.00
CA GLU B 27 33.27 21.03 38.30
C GLU B 27 32.73 20.28 39.51
N ALA B 28 33.19 19.05 39.72
CA ALA B 28 32.60 18.17 40.74
C ALA B 28 33.14 18.42 42.14
N ASN B 29 34.22 19.18 42.28
CA ASN B 29 34.82 19.39 43.59
C ASN B 29 33.89 20.21 44.49
N GLY B 30 33.62 19.70 45.68
CA GLY B 30 32.82 20.43 46.66
C GLY B 30 31.39 20.68 46.25
N VAL B 31 30.75 19.70 45.60
CA VAL B 31 29.38 19.82 45.14
C VAL B 31 28.55 18.79 45.90
N LYS B 32 27.68 19.25 46.78
CA LYS B 32 26.84 18.36 47.56
C LYS B 32 25.69 17.84 46.71
N LEU B 33 25.36 16.56 46.89
CA LEU B 33 24.23 15.97 46.18
C LEU B 33 22.94 16.65 46.60
N ARG B 34 22.14 17.07 45.62
CA ARG B 34 20.90 17.78 45.87
C ARG B 34 19.74 16.81 45.65
N GLU B 35 19.17 16.32 46.75
CA GLU B 35 18.10 15.34 46.71
C GLU B 35 16.79 15.99 46.25
N THR B 36 15.85 15.14 45.89
CA THR B 36 14.53 15.59 45.45
C THR B 36 13.71 16.05 46.65
N PRO B 37 13.19 17.28 46.64
CA PRO B 37 12.43 17.76 47.81
C PRO B 37 11.23 16.88 48.10
N LYS B 38 10.83 16.84 49.38
CA LYS B 38 9.71 15.99 49.76
C LYS B 38 8.42 16.44 49.10
N GLU B 39 8.29 17.74 48.82
CA GLU B 39 7.07 18.23 48.17
C GLU B 39 6.85 17.56 46.83
N PHE B 40 7.94 17.19 46.14
CA PHE B 40 7.79 16.48 44.87
C PHE B 40 6.98 15.20 45.06
N PHE B 41 7.36 14.38 46.03
CA PHE B 41 6.67 13.11 46.24
C PHE B 41 5.26 13.31 46.78
N GLU B 42 5.03 14.42 47.49
CA GLU B 42 3.67 14.74 47.91
C GLU B 42 2.78 15.06 46.72
N ARG B 43 3.30 15.81 45.75
CA ARG B 43 2.52 16.23 44.59
C ARG B 43 2.36 15.14 43.54
N GLN B 44 3.07 14.03 43.66
CA GLN B 44 2.91 12.93 42.71
C GLN B 44 1.49 12.39 42.76
N PRO B 45 0.83 12.20 41.61
CA PRO B 45 -0.55 11.67 41.66
C PRO B 45 -0.62 10.23 42.12
N ASN B 46 0.35 9.38 41.76
CA ASN B 46 0.33 7.98 42.11
C ASN B 46 1.72 7.55 42.55
N LYS B 47 1.91 6.25 42.76
CA LYS B 47 3.24 5.71 43.01
C LYS B 47 4.16 6.04 41.85
N GLY B 48 5.39 6.40 42.16
CA GLY B 48 6.37 6.68 41.13
C GLY B 48 6.65 5.45 40.28
N HIS B 49 7.11 5.72 39.05
CA HIS B 49 7.38 4.62 38.12
C HIS B 49 8.65 3.86 38.48
N ILE B 50 9.61 4.53 39.12
CA ILE B 50 10.83 3.91 39.63
C ILE B 50 11.05 4.43 41.05
N HIS B 51 11.42 3.53 41.96
CA HIS B 51 11.50 3.91 43.36
C HIS B 51 12.78 4.69 43.67
N ASP B 52 13.93 4.05 43.51
CA ASP B 52 15.19 4.61 43.94
C ASP B 52 16.26 4.38 42.89
N VAL B 53 17.48 4.85 43.18
CA VAL B 53 18.60 4.67 42.26
C VAL B 53 18.93 3.19 42.11
N ASN B 54 18.71 2.39 43.16
CA ASN B 54 19.03 0.98 43.09
C ASN B 54 18.21 0.29 42.00
N GLN B 55 16.90 0.56 41.97
CA GLN B 55 16.07 -0.02 40.93
C GLN B 55 16.46 0.51 39.55
N TYR B 56 16.78 1.81 39.46
CA TYR B 56 17.19 2.36 38.17
C TYR B 56 18.48 1.72 37.68
N LYS B 57 19.46 1.55 38.57
CA LYS B 57 20.69 0.85 38.19
C LYS B 57 20.39 -0.52 37.60
N GLN B 58 19.49 -1.26 38.24
CA GLN B 58 19.19 -2.61 37.76
C GLN B 58 18.46 -2.57 36.42
N MET B 59 17.49 -1.65 36.27
CA MET B 59 16.83 -1.49 34.98
C MET B 59 17.81 -1.05 33.91
N TYR B 60 18.68 -0.09 34.23
CA TYR B 60 19.68 0.37 33.27
C TYR B 60 20.60 -0.77 32.86
N GLU B 61 21.06 -1.57 33.81
CA GLU B 61 21.94 -2.69 33.46
C GLU B 61 21.28 -3.62 32.46
N GLN B 62 19.98 -3.87 32.62
CA GLN B 62 19.29 -4.76 31.68
C GLN B 62 19.15 -4.11 30.31
N SER B 63 18.88 -2.80 30.27
CA SER B 63 18.75 -2.12 28.98
C SER B 63 20.04 -2.15 28.17
N ILE B 64 21.18 -2.36 28.82
CA ILE B 64 22.47 -2.40 28.15
C ILE B 64 22.91 -3.84 27.89
N LYS B 65 22.78 -4.72 28.88
CA LYS B 65 23.24 -6.10 28.71
C LYS B 65 22.21 -6.97 28.01
N ASP B 66 20.92 -6.63 28.11
CA ASP B 66 19.84 -7.42 27.53
C ASP B 66 18.81 -6.46 26.93
N PRO B 67 19.16 -5.78 25.83
CA PRO B 67 18.18 -4.88 25.20
C PRO B 67 16.93 -5.59 24.74
N GLN B 68 17.07 -6.84 24.27
CA GLN B 68 15.90 -7.58 23.78
C GLN B 68 14.92 -7.85 24.92
N GLY B 69 15.41 -8.25 26.09
CA GLY B 69 14.56 -8.51 27.22
C GLY B 69 14.04 -7.29 27.93
N PHE B 70 14.62 -6.12 27.66
CA PHE B 70 14.22 -4.88 28.32
C PHE B 70 13.24 -4.08 27.47
N PHE B 71 13.63 -3.75 26.23
CA PHE B 71 12.81 -2.91 25.38
C PHE B 71 11.65 -3.67 24.74
N GLY B 72 11.77 -4.98 24.58
CA GLY B 72 10.71 -5.78 24.02
C GLY B 72 9.40 -5.57 24.75
N PRO B 73 9.39 -5.88 26.05
CA PRO B 73 8.16 -5.66 26.83
C PRO B 73 7.72 -4.21 26.87
N LEU B 74 8.67 -3.27 26.95
CA LEU B 74 8.30 -1.86 27.03
C LEU B 74 7.64 -1.39 25.73
N ALA B 75 8.10 -1.89 24.59
CA ALA B 75 7.48 -1.53 23.32
C ALA B 75 6.04 -2.02 23.26
N LYS B 76 5.79 -3.26 23.69
CA LYS B 76 4.43 -3.79 23.67
C LYS B 76 3.53 -3.06 24.66
N GLU B 77 4.11 -2.48 25.71
CA GLU B 77 3.30 -1.80 26.73
C GLU B 77 2.95 -0.38 26.31
N LEU B 78 3.95 0.41 25.94
CA LEU B 78 3.75 1.84 25.74
C LEU B 78 3.24 2.18 24.34
N LEU B 79 3.40 1.29 23.37
CA LEU B 79 2.98 1.55 22.00
C LEU B 79 1.93 0.54 21.56
N SER B 80 1.01 1.02 20.72
CA SER B 80 -0.04 0.20 20.14
C SER B 80 0.38 -0.22 18.73
N TRP B 81 0.32 -1.52 18.46
CA TRP B 81 0.89 -2.10 17.26
C TRP B 81 -0.21 -2.60 16.32
N ASP B 82 -0.09 -2.23 15.05
CA ASP B 82 -0.92 -2.84 14.02
C ASP B 82 -0.42 -4.23 13.65
N HIS B 83 0.89 -4.44 13.71
CA HIS B 83 1.51 -5.73 13.46
C HIS B 83 2.63 -5.93 14.47
N ASP B 84 2.70 -7.13 15.04
CA ASP B 84 3.71 -7.41 16.05
C ASP B 84 5.10 -7.50 15.43
N PHE B 85 6.10 -7.07 16.18
CA PHE B 85 7.48 -7.19 15.74
C PHE B 85 8.03 -8.55 16.15
N HIS B 86 9.01 -9.02 15.39
CA HIS B 86 9.63 -10.32 15.63
C HIS B 86 11.06 -10.23 16.14
N THR B 87 11.72 -9.09 15.94
CA THR B 87 13.09 -8.87 16.38
C THR B 87 13.18 -7.51 17.04
N VAL B 88 13.71 -7.47 18.25
CA VAL B 88 13.78 -6.21 18.99
C VAL B 88 14.84 -5.30 18.39
N LYS B 89 16.01 -5.84 18.07
CA LYS B 89 17.19 -5.04 17.77
C LYS B 89 17.96 -5.70 16.63
N SER B 90 18.50 -4.86 15.74
CA SER B 90 19.29 -5.35 14.63
C SER B 90 20.30 -4.29 14.23
N GLY B 91 21.34 -4.71 13.53
CA GLY B 91 22.33 -3.80 13.01
C GLY B 91 23.35 -3.38 14.05
N THR B 92 24.44 -2.79 13.56
CA THR B 92 25.51 -2.31 14.41
C THR B 92 25.81 -0.86 14.10
N LEU B 93 26.37 -0.17 15.09
CA LEU B 93 26.76 1.22 14.93
C LEU B 93 27.79 1.37 13.82
N LYS B 94 28.75 0.44 13.75
CA LYS B 94 29.85 0.57 12.81
C LYS B 94 29.40 0.42 11.36
N ASN B 95 28.40 -0.42 11.10
CA ASN B 95 27.89 -0.61 9.74
C ASN B 95 26.77 0.34 9.38
N GLY B 96 26.27 1.12 10.33
CA GLY B 96 25.20 2.07 10.04
C GLY B 96 23.92 1.43 9.52
N ASP B 97 23.53 0.30 10.11
CA ASP B 97 22.32 -0.42 9.72
C ASP B 97 21.45 -0.71 10.95
N ALA B 98 21.43 0.22 11.90
CA ALA B 98 20.66 0.03 13.11
C ALA B 98 19.18 -0.04 12.81
N ALA B 99 18.48 -0.96 13.47
CA ALA B 99 17.05 -1.14 13.29
C ALA B 99 16.46 -1.70 14.57
N TRP B 100 15.23 -1.29 14.88
CA TRP B 100 14.56 -1.68 16.10
C TRP B 100 13.15 -2.14 15.81
N PHE B 101 12.71 -3.18 16.52
CA PHE B 101 11.33 -3.66 16.44
C PHE B 101 10.99 -4.03 15.00
N LEU B 102 11.87 -4.84 14.40
CA LEU B 102 11.73 -5.20 13.01
C LEU B 102 10.52 -6.09 12.79
N GLY B 103 9.82 -5.86 11.68
CA GLY B 103 8.60 -6.57 11.37
C GLY B 103 7.35 -5.91 11.92
N GLY B 104 7.49 -5.01 12.88
CA GLY B 104 6.33 -4.36 13.45
C GLY B 104 5.74 -3.31 12.53
N GLU B 105 4.45 -3.07 12.69
CA GLU B 105 3.74 -2.02 11.98
C GLU B 105 2.89 -1.24 12.97
N LEU B 106 2.79 0.06 12.75
CA LEU B 106 2.09 0.94 13.67
C LEU B 106 1.85 2.27 12.96
N ASN B 107 1.25 3.22 13.68
CA ASN B 107 1.01 4.55 13.15
C ASN B 107 1.14 5.56 14.29
N ALA B 108 1.92 6.61 14.05
CA ALA B 108 2.20 7.57 15.11
C ALA B 108 0.94 8.31 15.54
N SER B 109 0.10 8.70 14.58
CA SER B 109 -1.10 9.46 14.92
C SER B 109 -2.10 8.61 15.68
N TYR B 110 -2.20 7.31 15.37
CA TYR B 110 -3.05 6.44 16.16
C TYR B 110 -2.54 6.35 17.60
N ASN B 111 -1.23 6.27 17.78
CA ASN B 111 -0.66 6.17 19.13
C ASN B 111 -0.78 7.48 19.88
N CYS B 112 -0.78 8.61 19.16
CA CYS B 112 -0.84 9.92 19.80
C CYS B 112 -2.25 10.46 19.94
N VAL B 113 -3.21 9.98 19.15
CA VAL B 113 -4.55 10.56 19.15
C VAL B 113 -5.64 9.52 19.32
N ASP B 114 -5.79 8.62 18.34
CA ASP B 114 -6.99 7.78 18.29
C ASP B 114 -7.18 7.00 19.59
N ARG B 115 -6.15 6.24 20.01
CA ARG B 115 -6.34 5.34 21.14
C ARG B 115 -6.73 6.10 22.39
N HIS B 116 -6.33 7.36 22.50
CA HIS B 116 -6.75 8.18 23.64
C HIS B 116 -8.15 8.74 23.42
N ALA B 117 -8.47 9.10 22.18
CA ALA B 117 -9.81 9.59 21.88
C ALA B 117 -10.86 8.51 22.13
N PHE B 118 -10.52 7.25 21.83
CA PHE B 118 -11.47 6.17 22.04
C PHE B 118 -11.72 5.91 23.52
N ALA B 119 -10.73 6.18 24.38
CA ALA B 119 -10.89 5.93 25.80
C ALA B 119 -11.63 7.08 26.49
N ASN B 120 -11.10 8.29 26.39
CA ASN B 120 -11.72 9.50 26.95
C ASN B 120 -11.65 10.59 25.90
N PRO B 121 -12.66 10.66 25.02
CA PRO B 121 -12.59 11.65 23.93
C PRO B 121 -12.63 13.09 24.41
N ASP B 122 -13.03 13.33 25.66
CA ASP B 122 -13.14 14.69 26.18
C ASP B 122 -11.95 15.09 27.04
N LYS B 123 -10.95 14.23 27.17
CA LYS B 123 -9.75 14.62 27.90
C LYS B 123 -8.98 15.67 27.10
N PRO B 124 -8.50 16.74 27.74
CA PRO B 124 -7.73 17.74 27.01
C PRO B 124 -6.47 17.14 26.40
N ALA B 125 -6.19 17.52 25.15
CA ALA B 125 -5.00 17.09 24.43
C ALA B 125 -4.06 18.25 24.16
N LEU B 126 -4.51 19.25 23.40
CA LEU B 126 -3.74 20.44 23.10
C LEU B 126 -4.32 21.61 23.88
N ILE B 127 -3.55 22.14 24.81
CA ILE B 127 -3.89 23.37 25.52
C ILE B 127 -3.15 24.48 24.78
N CYS B 128 -3.85 25.12 23.83
CA CYS B 128 -3.23 26.13 22.97
C CYS B 128 -3.36 27.50 23.64
N GLU B 129 -2.25 27.99 24.18
CA GLU B 129 -2.17 29.36 24.68
C GLU B 129 -1.64 30.23 23.55
N ALA B 130 -2.51 31.06 22.99
CA ALA B 130 -2.13 31.89 21.86
C ALA B 130 -1.30 33.07 22.34
N ASP B 131 -0.73 33.81 21.38
CA ASP B 131 0.06 34.98 21.72
C ASP B 131 -0.78 35.97 22.53
N ASP B 132 -2.00 36.25 22.07
CA ASP B 132 -3.00 36.97 22.85
C ASP B 132 -3.90 35.95 23.54
N GLU B 133 -4.02 36.07 24.86
CA GLU B 133 -4.79 35.08 25.62
C GLU B 133 -6.24 35.03 25.17
N LYS B 134 -6.75 36.09 24.54
CA LYS B 134 -8.11 36.07 24.04
C LYS B 134 -8.30 35.05 22.91
N ASP B 135 -7.21 34.58 22.31
CA ASP B 135 -7.25 33.58 21.25
C ASP B 135 -6.88 32.19 21.74
N SER B 136 -6.75 32.00 23.04
CA SER B 136 -6.40 30.70 23.60
C SER B 136 -7.62 29.77 23.55
N HIS B 137 -7.34 28.48 23.44
CA HIS B 137 -8.40 27.47 23.40
C HIS B 137 -7.78 26.11 23.75
N ILE B 138 -8.66 25.13 23.92
CA ILE B 138 -8.25 23.78 24.31
C ILE B 138 -8.90 22.78 23.36
N LEU B 139 -8.10 21.85 22.85
CA LEU B 139 -8.57 20.75 22.02
C LEU B 139 -8.53 19.46 22.83
N THR B 140 -9.68 18.79 22.93
CA THR B 140 -9.70 17.47 23.52
C THR B 140 -9.16 16.45 22.51
N TYR B 141 -8.87 15.24 23.01
CA TYR B 141 -8.38 14.20 22.11
C TYR B 141 -9.40 13.89 21.03
N GLY B 142 -10.69 13.98 21.35
CA GLY B 142 -11.70 13.82 20.32
C GLY B 142 -11.64 14.91 19.28
N ASP B 143 -11.49 16.17 19.72
CA ASP B 143 -11.34 17.26 18.77
C ASP B 143 -10.12 17.06 17.89
N LEU B 144 -8.99 16.65 18.48
CA LEU B 144 -7.77 16.48 17.73
C LEU B 144 -7.90 15.39 16.67
N LEU B 145 -8.64 14.32 16.99
CA LEU B 145 -8.86 13.26 16.01
C LEU B 145 -9.63 13.80 14.80
N ARG B 146 -10.65 14.60 15.04
CA ARG B 146 -11.44 15.14 13.94
C ARG B 146 -10.62 16.07 13.06
N GLU B 147 -9.81 16.95 13.68
CA GLU B 147 -9.01 17.87 12.87
C GLU B 147 -7.92 17.12 12.11
N VAL B 148 -7.21 16.20 12.77
CA VAL B 148 -6.17 15.45 12.10
C VAL B 148 -6.76 14.66 10.93
N SER B 149 -7.91 14.03 11.16
CA SER B 149 -8.54 13.25 10.09
C SER B 149 -8.92 14.14 8.91
N LYS B 150 -9.40 15.35 9.19
CA LYS B 150 -9.79 16.25 8.12
C LYS B 150 -8.58 16.70 7.32
N VAL B 151 -7.50 17.10 8.01
CA VAL B 151 -6.30 17.54 7.31
C VAL B 151 -5.69 16.40 6.52
N ALA B 152 -5.64 15.20 7.11
CA ALA B 152 -5.15 14.05 6.37
C ALA B 152 -6.07 13.72 5.19
N GLY B 153 -7.38 13.93 5.36
CA GLY B 153 -8.29 13.73 4.25
C GLY B 153 -8.03 14.69 3.10
N VAL B 154 -7.71 15.94 3.42
CA VAL B 154 -7.33 16.90 2.39
C VAL B 154 -6.05 16.43 1.70
N LEU B 155 -5.01 16.15 2.49
CA LEU B 155 -3.74 15.74 1.90
C LEU B 155 -3.90 14.48 1.06
N GLN B 156 -4.66 13.50 1.56
CA GLN B 156 -4.85 12.27 0.82
C GLN B 156 -5.52 12.54 -0.52
N SER B 157 -6.50 13.44 -0.55
CA SER B 157 -7.16 13.80 -1.80
C SER B 157 -6.21 14.47 -2.78
N TRP B 158 -5.15 15.11 -2.26
CA TRP B 158 -4.13 15.74 -3.09
C TRP B 158 -3.09 14.75 -3.60
N GLY B 159 -3.19 13.48 -3.22
CA GLY B 159 -2.24 12.47 -3.66
C GLY B 159 -1.12 12.17 -2.69
N ILE B 160 -1.11 12.78 -1.51
CA ILE B 160 -0.08 12.49 -0.50
C ILE B 160 -0.26 11.04 -0.05
N LYS B 161 0.70 10.19 -0.39
CA LYS B 161 0.68 8.77 -0.04
C LYS B 161 1.93 8.43 0.76
N LYS B 162 2.01 7.19 1.23
CA LYS B 162 3.14 6.75 2.02
C LYS B 162 4.43 6.90 1.23
N GLY B 163 5.47 7.43 1.87
CA GLY B 163 6.73 7.68 1.23
C GLY B 163 6.93 9.10 0.75
N ASP B 164 5.87 9.91 0.71
CA ASP B 164 6.00 11.31 0.36
C ASP B 164 6.44 12.12 1.57
N THR B 165 6.95 13.32 1.30
CA THR B 165 7.31 14.27 2.32
C THR B 165 6.46 15.53 2.18
N VAL B 166 5.98 16.04 3.30
CA VAL B 166 5.15 17.24 3.35
C VAL B 166 5.80 18.24 4.28
N ALA B 167 6.05 19.44 3.77
CA ALA B 167 6.69 20.49 4.55
C ALA B 167 5.66 21.25 5.38
N VAL B 168 6.09 21.70 6.56
CA VAL B 168 5.25 22.49 7.45
C VAL B 168 6.06 23.72 7.86
N TYR B 169 5.53 24.90 7.56
CA TYR B 169 6.12 26.18 7.92
C TYR B 169 5.07 26.94 8.73
N LEU B 170 5.00 26.66 10.03
CA LEU B 170 3.98 27.22 10.89
C LEU B 170 4.59 27.66 12.22
N PRO B 171 3.99 28.66 12.89
CA PRO B 171 4.44 28.99 14.25
C PRO B 171 4.13 27.87 15.23
N MET B 172 4.39 28.11 16.52
CA MET B 172 4.19 27.10 17.54
C MET B 172 2.76 27.23 18.07
N ASN B 173 1.81 26.70 17.30
CA ASN B 173 0.41 26.74 17.66
C ASN B 173 -0.23 25.40 17.36
N ALA B 174 -1.54 25.32 17.61
CA ALA B 174 -2.25 24.04 17.46
C ALA B 174 -2.25 23.56 16.02
N GLN B 175 -2.24 24.48 15.05
CA GLN B 175 -2.26 24.06 13.65
C GLN B 175 -0.98 23.35 13.26
N ALA B 176 0.16 23.75 13.85
CA ALA B 176 1.41 23.04 13.60
C ALA B 176 1.30 21.58 14.05
N ILE B 177 0.73 21.36 15.24
CA ILE B 177 0.61 20.01 15.77
C ILE B 177 -0.31 19.16 14.89
N ILE B 178 -1.43 19.75 14.45
CA ILE B 178 -2.37 19.00 13.62
C ILE B 178 -1.72 18.58 12.31
N ALA B 179 -0.98 19.50 11.68
CA ALA B 179 -0.36 19.18 10.40
C ALA B 179 0.63 18.03 10.54
N MET B 180 1.48 18.08 11.56
CA MET B 180 2.46 17.02 11.75
C MET B 180 1.78 15.67 11.92
N LEU B 181 0.71 15.62 12.72
CA LEU B 181 0.02 14.35 12.94
C LEU B 181 -0.78 13.93 11.71
N ALA B 182 -1.32 14.89 10.95
CA ALA B 182 -2.06 14.56 9.74
C ALA B 182 -1.13 13.99 8.67
N ILE B 183 0.07 14.57 8.54
CA ILE B 183 1.04 14.04 7.60
C ILE B 183 1.43 12.62 7.98
N ALA B 184 1.73 12.41 9.27
CA ALA B 184 2.13 11.09 9.73
C ALA B 184 0.99 10.09 9.63
N ARG B 185 -0.26 10.56 9.69
CA ARG B 185 -1.39 9.64 9.64
C ARG B 185 -1.44 8.90 8.31
N LEU B 186 -0.97 9.53 7.24
CA LEU B 186 -1.00 8.94 5.91
C LEU B 186 0.24 8.11 5.61
N GLY B 187 1.18 8.02 6.54
CA GLY B 187 2.45 7.36 6.27
C GLY B 187 3.49 8.24 5.63
N ALA B 188 3.22 9.53 5.44
CA ALA B 188 4.19 10.46 4.91
C ALA B 188 5.03 11.05 6.04
N ALA B 189 6.22 11.54 5.68
CA ALA B 189 7.14 12.12 6.64
C ALA B 189 7.00 13.64 6.60
N HIS B 190 6.75 14.23 7.75
CA HIS B 190 6.65 15.68 7.85
C HIS B 190 8.03 16.28 8.11
N SER B 191 8.32 17.39 7.45
CA SER B 191 9.57 18.12 7.63
C SER B 191 9.20 19.53 8.09
N VAL B 192 9.20 19.74 9.40
CA VAL B 192 8.80 21.03 9.95
C VAL B 192 9.95 22.02 9.77
N ILE B 193 9.61 23.22 9.28
CA ILE B 193 10.57 24.29 9.06
C ILE B 193 10.27 25.39 10.07
N PHE B 194 11.23 25.65 10.96
CA PHE B 194 11.05 26.67 11.99
C PHE B 194 10.59 27.98 11.38
N ALA B 195 9.57 28.58 11.98
CA ALA B 195 8.95 29.77 11.41
C ALA B 195 9.88 30.97 11.37
N GLY B 196 11.01 30.92 12.08
CA GLY B 196 11.99 31.98 12.05
C GLY B 196 13.00 31.90 10.93
N PHE B 197 12.85 30.94 10.02
CA PHE B 197 13.74 30.83 8.87
C PHE B 197 13.28 31.76 7.75
N SER B 198 14.20 32.03 6.83
CA SER B 198 13.95 32.93 5.72
C SER B 198 13.60 32.14 4.46
N ALA B 199 13.23 32.88 3.41
CA ALA B 199 12.83 32.24 2.17
C ALA B 199 13.95 31.37 1.61
N GLY B 200 15.20 31.75 1.85
CA GLY B 200 16.32 30.93 1.41
C GLY B 200 16.37 29.61 2.15
N SER B 201 16.23 29.65 3.47
CA SER B 201 16.26 28.43 4.27
C SER B 201 15.06 27.54 3.95
N ILE B 202 13.89 28.14 3.73
CA ILE B 202 12.73 27.35 3.30
C ILE B 202 13.02 26.69 1.96
N LYS B 203 13.64 27.43 1.05
CA LYS B 203 13.91 26.92 -0.29
C LYS B 203 14.80 25.68 -0.24
N ASP B 204 15.91 25.77 0.49
CA ASP B 204 16.86 24.65 0.52
C ASP B 204 16.22 23.39 1.09
N ARG B 205 15.46 23.52 2.19
CA ARG B 205 14.91 22.34 2.83
C ARG B 205 13.85 21.67 1.97
N VAL B 206 12.97 22.46 1.34
CA VAL B 206 11.90 21.89 0.55
C VAL B 206 12.46 21.12 -0.64
N ASN B 207 13.50 21.66 -1.28
CA ASN B 207 14.02 21.03 -2.49
C ASN B 207 14.84 19.78 -2.19
N ASP B 208 15.47 19.70 -1.02
CA ASP B 208 16.22 18.50 -0.68
C ASP B 208 15.29 17.31 -0.47
N ALA B 209 14.16 17.54 0.21
CA ALA B 209 13.21 16.47 0.48
C ALA B 209 12.23 16.23 -0.67
N SER B 210 12.19 17.13 -1.67
CA SER B 210 11.28 16.98 -2.80
C SER B 210 9.83 16.93 -2.33
N CYS B 211 9.50 17.84 -1.41
CA CYS B 211 8.17 17.86 -0.82
C CYS B 211 7.10 18.07 -1.89
N LYS B 212 6.02 17.31 -1.79
CA LYS B 212 4.90 17.45 -2.72
C LYS B 212 3.89 18.48 -2.26
N ALA B 213 3.85 18.81 -0.97
CA ALA B 213 2.87 19.76 -0.46
C ALA B 213 3.49 20.56 0.67
N LEU B 214 2.82 21.65 1.03
CA LEU B 214 3.26 22.55 2.08
C LEU B 214 2.06 23.03 2.88
N ILE B 215 2.18 23.02 4.20
CA ILE B 215 1.16 23.54 5.11
C ILE B 215 1.74 24.76 5.80
N THR B 216 1.02 25.88 5.71
CA THR B 216 1.47 27.14 6.27
C THR B 216 0.24 27.97 6.65
N CYS B 217 0.47 29.23 7.01
CA CYS B 217 -0.61 30.16 7.35
C CYS B 217 -0.32 31.50 6.70
N ASP B 218 -1.33 32.37 6.72
CA ASP B 218 -1.19 33.66 6.06
C ASP B 218 -0.20 34.56 6.82
N GLU B 219 -0.38 34.71 8.12
CA GLU B 219 0.49 35.55 8.93
C GLU B 219 0.62 34.95 10.32
N GLY B 220 1.62 35.41 11.06
CA GLY B 220 1.85 34.91 12.40
C GLY B 220 1.74 35.99 13.45
N LYS B 221 1.43 35.60 14.69
CA LYS B 221 1.33 36.50 15.82
C LYS B 221 2.28 36.02 16.91
N ARG B 222 3.34 36.79 17.17
CA ARG B 222 4.32 36.41 18.18
C ARG B 222 4.86 37.67 18.81
N GLY B 223 4.70 37.79 20.13
CA GLY B 223 5.11 39.00 20.82
C GLY B 223 4.28 40.21 20.50
N GLY B 224 3.07 40.02 19.97
CA GLY B 224 2.23 41.11 19.54
C GLY B 224 2.51 41.63 18.15
N ARG B 225 3.63 41.22 17.55
CA ARG B 225 4.01 41.68 16.22
C ARG B 225 3.60 40.67 15.17
N THR B 226 3.10 41.17 14.04
CA THR B 226 2.68 40.32 12.94
C THR B 226 3.89 39.93 12.10
N THR B 227 4.02 38.64 11.82
CA THR B 227 5.12 38.11 11.03
C THR B 227 4.61 37.68 9.66
N ASN B 228 5.47 37.82 8.65
CA ASN B 228 5.13 37.47 7.27
C ASN B 228 5.45 36.00 7.06
N ILE B 229 4.42 35.16 7.06
CA ILE B 229 4.59 33.72 6.92
C ILE B 229 4.35 33.32 5.47
N LYS B 230 3.14 33.58 4.98
CA LYS B 230 2.79 33.20 3.61
C LYS B 230 3.63 33.95 2.59
N LYS B 231 3.99 35.20 2.87
CA LYS B 231 4.80 35.97 1.93
C LYS B 231 6.17 35.34 1.74
N LEU B 232 6.79 34.88 2.83
CA LEU B 232 8.09 34.21 2.70
C LEU B 232 7.97 32.89 1.96
N CYS B 233 6.85 32.18 2.12
CA CYS B 233 6.67 30.93 1.39
C CYS B 233 6.61 31.17 -0.11
N ASP B 234 5.76 32.12 -0.54
CA ASP B 234 5.68 32.44 -1.96
C ASP B 234 7.06 32.77 -2.52
N GLU B 235 7.87 33.48 -1.73
CA GLU B 235 9.20 33.85 -2.19
C GLU B 235 10.07 32.63 -2.46
N ALA B 236 9.97 31.61 -1.60
CA ALA B 236 10.77 30.41 -1.79
C ALA B 236 10.18 29.49 -2.85
N LEU B 237 8.85 29.42 -2.93
CA LEU B 237 8.19 28.40 -3.76
C LEU B 237 8.41 28.60 -5.25
N VAL B 238 8.94 29.73 -5.69
CA VAL B 238 9.23 29.90 -7.11
C VAL B 238 10.39 29.01 -7.54
N ASP B 239 11.23 28.57 -6.60
CA ASP B 239 12.33 27.66 -6.88
C ASP B 239 12.11 26.28 -6.29
N CYS B 240 10.85 25.92 -6.01
CA CYS B 240 10.49 24.63 -5.41
C CYS B 240 9.49 23.94 -6.34
N PRO B 241 9.98 23.32 -7.41
CA PRO B 241 9.06 22.75 -8.42
C PRO B 241 8.31 21.52 -7.95
N THR B 242 8.73 20.85 -6.87
CA THR B 242 8.05 19.64 -6.45
C THR B 242 6.77 19.92 -5.68
N VAL B 243 6.64 21.10 -5.07
CA VAL B 243 5.46 21.43 -4.28
C VAL B 243 4.31 21.69 -5.24
N GLU B 244 3.29 20.83 -5.18
CA GLU B 244 2.16 20.91 -6.08
C GLU B 244 0.99 21.69 -5.49
N LYS B 245 0.79 21.63 -4.17
CA LYS B 245 -0.31 22.31 -3.52
C LYS B 245 0.12 22.76 -2.14
N VAL B 246 -0.51 23.84 -1.66
CA VAL B 246 -0.19 24.44 -0.38
C VAL B 246 -1.48 24.71 0.39
N LEU B 247 -1.54 24.22 1.62
CA LEU B 247 -2.69 24.45 2.51
C LEU B 247 -2.37 25.61 3.44
N VAL B 248 -3.21 26.64 3.41
CA VAL B 248 -2.94 27.90 4.10
C VAL B 248 -4.00 28.12 5.18
N TYR B 249 -3.55 28.30 6.42
CA TYR B 249 -4.44 28.54 7.55
C TYR B 249 -4.61 30.03 7.79
N LYS B 250 -5.86 30.44 8.05
CA LYS B 250 -6.18 31.84 8.28
C LYS B 250 -5.93 32.16 9.76
N ARG B 251 -4.66 32.48 10.06
CA ARG B 251 -4.31 32.87 11.43
C ARG B 251 -4.80 34.27 11.75
N THR B 252 -4.57 35.21 10.84
CA THR B 252 -5.02 36.59 11.01
C THR B 252 -6.15 36.97 10.06
N ASN B 253 -6.44 36.15 9.05
CA ASN B 253 -7.51 36.41 8.10
C ASN B 253 -7.31 37.74 7.38
N ASN B 254 -6.05 38.13 7.18
CA ASN B 254 -5.75 39.37 6.49
C ASN B 254 -6.15 39.24 5.03
N PRO B 255 -7.10 40.03 4.53
CA PRO B 255 -7.58 39.82 3.14
C PRO B 255 -6.57 40.18 2.07
N GLU B 256 -5.45 40.81 2.41
CA GLU B 256 -4.46 41.23 1.44
C GLU B 256 -3.41 40.17 1.16
N ILE B 257 -3.50 38.99 1.79
CA ILE B 257 -2.53 37.92 1.59
C ILE B 257 -2.92 37.15 0.33
N HIS B 258 -2.00 37.09 -0.63
CA HIS B 258 -2.28 36.52 -1.93
C HIS B 258 -2.08 35.02 -1.95
N LEU B 259 -2.99 34.32 -2.61
CA LEU B 259 -2.90 32.88 -2.84
C LEU B 259 -2.85 32.62 -4.33
N THR B 260 -1.86 31.83 -4.76
CA THR B 260 -1.71 31.48 -6.16
C THR B 260 -2.85 30.53 -6.59
N GLU B 261 -3.57 30.92 -7.62
CA GLU B 261 -4.69 30.11 -8.11
C GLU B 261 -4.18 28.78 -8.64
N GLY B 262 -4.84 27.70 -8.23
CA GLY B 262 -4.47 26.37 -8.66
C GLY B 262 -3.43 25.69 -7.80
N ARG B 263 -2.77 26.43 -6.91
CA ARG B 263 -1.74 25.87 -6.03
C ARG B 263 -2.09 26.01 -4.56
N ASP B 264 -2.50 27.19 -4.13
CA ASP B 264 -2.76 27.47 -2.72
C ASP B 264 -4.25 27.31 -2.43
N TYR B 265 -4.55 26.64 -1.32
CA TYR B 265 -5.92 26.42 -0.88
C TYR B 265 -6.00 26.69 0.62
N TYR B 266 -7.19 27.09 1.07
CA TYR B 266 -7.39 27.50 2.45
C TYR B 266 -7.70 26.31 3.34
N TRP B 267 -7.10 26.32 4.54
CA TRP B 267 -7.32 25.25 5.51
C TRP B 267 -8.82 25.04 5.77
N ASP B 268 -9.50 26.08 6.22
CA ASP B 268 -10.89 25.94 6.65
C ASP B 268 -11.80 25.50 5.50
N VAL B 269 -11.53 26.00 4.29
CA VAL B 269 -12.39 25.66 3.16
C VAL B 269 -12.27 24.18 2.81
N GLU B 270 -11.05 23.67 2.75
CA GLU B 270 -10.83 22.31 2.29
C GLU B 270 -11.17 21.27 3.36
N THR B 271 -10.78 21.52 4.61
CA THR B 271 -11.09 20.57 5.67
C THR B 271 -12.59 20.42 5.88
N ALA B 272 -13.38 21.43 5.52
CA ALA B 272 -14.83 21.32 5.64
C ALA B 272 -15.40 20.29 4.67
N LYS B 273 -14.62 19.89 3.66
CA LYS B 273 -15.09 18.96 2.64
C LYS B 273 -14.97 17.50 3.06
N PHE B 274 -14.28 17.21 4.16
CA PHE B 274 -13.93 15.84 4.50
C PHE B 274 -14.43 15.47 5.89
N PRO B 275 -14.69 14.19 6.14
CA PRO B 275 -15.28 13.78 7.41
C PRO B 275 -14.28 13.81 8.55
N GLY B 276 -14.81 13.67 9.77
CA GLY B 276 -14.05 13.73 10.99
C GLY B 276 -13.35 12.47 11.40
N TYR B 277 -13.34 11.43 10.56
CA TYR B 277 -12.50 10.27 10.79
C TYR B 277 -11.93 9.79 9.47
N LEU B 278 -10.62 9.52 9.45
CA LEU B 278 -9.95 8.94 8.30
C LEU B 278 -9.08 7.80 8.83
N PRO B 279 -9.15 6.61 8.24
CA PRO B 279 -8.32 5.50 8.72
C PRO B 279 -6.84 5.87 8.68
N PRO B 280 -6.09 5.55 9.72
CA PRO B 280 -4.64 5.73 9.65
C PRO B 280 -3.99 4.65 8.80
N VAL B 281 -2.82 4.99 8.28
CA VAL B 281 -2.06 4.13 7.37
C VAL B 281 -0.95 3.45 8.16
N SER B 282 -0.95 2.12 8.19
CA SER B 282 0.10 1.39 8.88
C SER B 282 1.43 1.56 8.15
N VAL B 283 2.48 1.80 8.92
CA VAL B 283 3.83 1.91 8.40
C VAL B 283 4.70 0.92 9.14
N ASN B 284 5.87 0.64 8.57
CA ASN B 284 6.82 -0.24 9.23
C ASN B 284 7.50 0.50 10.39
N SER B 285 8.03 -0.29 11.33
CA SER B 285 8.74 0.30 12.46
C SER B 285 9.84 1.24 11.98
N GLU B 286 10.56 0.86 10.92
CA GLU B 286 11.68 1.63 10.41
C GLU B 286 11.32 2.53 9.23
N ASP B 287 10.03 2.71 8.97
CA ASP B 287 9.63 3.73 8.00
C ASP B 287 9.86 5.12 8.63
N PRO B 288 10.35 6.09 7.85
CA PRO B 288 10.64 7.40 8.43
C PRO B 288 9.38 8.08 8.96
N LEU B 289 9.48 8.57 10.20
CA LEU B 289 8.39 9.38 10.77
C LEU B 289 8.51 10.83 10.33
N PHE B 290 9.71 11.40 10.34
CA PHE B 290 9.85 12.80 10.00
C PHE B 290 11.28 13.11 9.61
N LEU B 291 11.44 14.23 8.91
CA LEU B 291 12.72 14.87 8.67
C LEU B 291 12.80 16.14 9.51
N LEU B 292 14.01 16.45 9.97
CA LEU B 292 14.27 17.70 10.69
C LEU B 292 15.67 18.15 10.33
N TYR B 293 15.77 19.21 9.53
CA TYR B 293 17.06 19.67 9.04
C TYR B 293 17.80 20.39 10.15
N THR B 294 18.95 19.85 10.52
CA THR B 294 19.79 20.37 11.59
C THR B 294 21.09 20.91 11.01
N SER B 295 21.76 21.75 11.79
CA SER B 295 22.99 22.40 11.39
C SER B 295 24.17 21.69 12.04
N GLY B 296 25.10 21.20 11.22
CA GLY B 296 26.35 20.65 11.70
C GLY B 296 27.54 21.41 11.13
N SER B 297 28.73 20.94 11.48
CA SER B 297 29.97 21.51 10.96
C SER B 297 30.22 21.06 9.52
N THR B 298 29.28 21.40 8.65
CA THR B 298 29.26 20.89 7.28
C THR B 298 29.03 22.02 6.30
N GLY B 299 28.22 23.00 6.69
CA GLY B 299 27.92 24.13 5.82
C GLY B 299 26.53 24.12 5.23
N THR B 300 26.02 22.94 4.86
CA THR B 300 24.69 22.83 4.31
C THR B 300 23.81 22.02 5.27
N PRO B 301 22.64 22.51 5.65
CA PRO B 301 21.80 21.75 6.59
C PRO B 301 21.46 20.38 6.05
N LYS B 302 21.54 19.38 6.93
CA LYS B 302 21.28 18.00 6.58
C LYS B 302 19.98 17.53 7.19
N GLY B 303 19.19 16.78 6.41
CA GLY B 303 17.90 16.30 6.86
C GLY B 303 18.03 15.07 7.73
N VAL B 304 17.88 15.25 9.04
CA VAL B 304 17.97 14.13 9.98
C VAL B 304 16.68 13.35 9.94
N VAL B 305 16.80 12.03 9.76
CA VAL B 305 15.66 11.15 9.56
C VAL B 305 15.53 10.24 10.77
N HIS B 306 14.33 10.17 11.34
CA HIS B 306 14.02 9.33 12.47
C HIS B 306 13.01 8.26 12.06
N SER B 307 13.18 7.06 12.59
CA SER B 307 12.23 5.98 12.36
C SER B 307 10.93 6.29 13.09
N THR B 308 9.99 5.35 13.01
CA THR B 308 8.69 5.52 13.66
C THR B 308 8.68 4.85 15.03
N ALA B 309 8.76 3.52 15.06
CA ALA B 309 8.61 2.81 16.32
C ALA B 309 9.76 3.14 17.28
N GLY B 310 10.99 3.12 16.78
CA GLY B 310 12.12 3.45 17.63
C GLY B 310 12.03 4.84 18.22
N TYR B 311 11.72 5.83 17.37
CA TYR B 311 11.62 7.20 17.85
C TYR B 311 10.47 7.35 18.86
N LEU B 312 9.30 6.80 18.54
CA LEU B 312 8.15 6.96 19.42
C LEU B 312 8.41 6.38 20.80
N LEU B 313 9.00 5.19 20.86
CA LEU B 313 9.30 4.58 22.15
C LEU B 313 10.25 5.47 22.94
N GLY B 314 11.30 5.96 22.30
CA GLY B 314 12.23 6.85 22.98
C GLY B 314 11.53 8.06 23.56
N ALA B 315 10.58 8.64 22.81
CA ALA B 315 9.85 9.78 23.31
C ALA B 315 8.97 9.41 24.50
N ALA B 316 8.24 8.30 24.39
CA ALA B 316 7.37 7.89 25.48
C ALA B 316 8.18 7.46 26.70
N LEU B 317 9.26 6.72 26.48
CA LEU B 317 10.03 6.18 27.59
C LEU B 317 10.68 7.30 28.40
N SER B 318 11.34 8.24 27.72
CA SER B 318 12.00 9.33 28.43
C SER B 318 10.99 10.23 29.13
N THR B 319 9.92 10.60 28.43
CA THR B 319 8.91 11.46 29.03
C THR B 319 8.30 10.81 30.26
N LYS B 320 8.02 9.50 30.20
CA LYS B 320 7.43 8.82 31.33
C LYS B 320 8.37 8.78 32.53
N TYR B 321 9.64 8.44 32.31
CA TYR B 321 10.57 8.14 33.39
C TYR B 321 11.43 9.33 33.82
N ILE B 322 11.99 10.10 32.88
CA ILE B 322 12.86 11.19 33.28
C ILE B 322 12.03 12.35 33.85
N PHE B 323 10.87 12.63 33.27
CA PHE B 323 10.01 13.69 33.76
C PHE B 323 8.99 13.20 34.78
N ASP B 324 8.85 11.88 34.97
CA ASP B 324 7.87 11.33 35.88
C ASP B 324 6.46 11.81 35.52
N ILE B 325 6.02 11.39 34.32
CA ILE B 325 4.73 11.80 33.78
C ILE B 325 3.70 10.72 34.08
N HIS B 326 2.57 11.13 34.65
CA HIS B 326 1.47 10.25 34.97
C HIS B 326 0.22 10.70 34.22
N PRO B 327 -0.83 9.87 34.15
CA PRO B 327 -2.02 10.27 33.39
C PRO B 327 -2.65 11.56 33.86
N GLU B 328 -2.48 11.92 35.13
CA GLU B 328 -3.13 13.10 35.70
C GLU B 328 -2.32 14.38 35.49
N ASP B 329 -1.17 14.31 34.82
CA ASP B 329 -0.26 15.44 34.75
C ASP B 329 -0.51 16.29 33.51
N ILE B 330 0.05 17.50 33.53
CA ILE B 330 -0.01 18.45 32.43
C ILE B 330 1.40 18.95 32.16
N LEU B 331 1.85 18.84 30.90
CA LEU B 331 3.21 19.19 30.52
C LEU B 331 3.19 20.48 29.72
N PHE B 332 4.08 21.41 30.07
CA PHE B 332 4.24 22.68 29.37
C PHE B 332 5.70 22.77 28.92
N THR B 333 5.97 22.28 27.72
CA THR B 333 7.29 22.41 27.10
C THR B 333 7.34 23.73 26.35
N ALA B 334 8.09 24.69 26.89
CA ALA B 334 8.21 26.02 26.30
C ALA B 334 9.21 26.00 25.14
N GLY B 335 8.86 25.22 24.12
CA GLY B 335 9.70 25.11 22.94
C GLY B 335 8.92 25.29 21.66
N ASP B 336 9.55 24.98 20.53
CA ASP B 336 8.95 25.16 19.21
C ASP B 336 9.14 23.88 18.42
N VAL B 337 8.09 23.45 17.71
CA VAL B 337 8.15 22.25 16.90
C VAL B 337 9.14 22.38 15.75
N GLY B 338 9.62 23.59 15.48
CA GLY B 338 10.69 23.74 14.51
C GLY B 338 12.01 23.15 14.95
N TRP B 339 12.11 22.73 16.22
CA TRP B 339 13.31 22.12 16.77
C TRP B 339 12.91 20.80 17.43
N ILE B 340 13.90 19.95 17.66
CA ILE B 340 13.62 18.59 18.13
C ILE B 340 12.94 18.62 19.50
N THR B 341 13.20 19.66 20.29
CA THR B 341 12.60 19.71 21.63
C THR B 341 11.08 19.79 21.55
N GLY B 342 10.57 20.61 20.62
CA GLY B 342 9.12 20.63 20.40
C GLY B 342 8.63 19.33 19.79
N HIS B 343 9.41 18.73 18.90
CA HIS B 343 9.04 17.45 18.31
C HIS B 343 8.80 16.41 19.38
N THR B 344 9.80 16.18 20.23
CA THR B 344 9.79 15.02 21.11
C THR B 344 8.98 15.27 22.38
N TYR B 345 9.08 16.47 22.97
CA TYR B 345 8.55 16.70 24.29
C TYR B 345 7.46 17.77 24.34
N ALA B 346 7.04 18.30 23.20
CA ALA B 346 5.81 19.09 23.12
C ALA B 346 4.71 18.38 22.37
N LEU B 347 5.05 17.45 21.47
CA LEU B 347 4.06 16.73 20.68
C LEU B 347 4.06 15.24 21.00
N TYR B 348 5.13 14.51 20.66
CA TYR B 348 5.07 13.05 20.67
C TYR B 348 5.14 12.49 22.09
N GLY B 349 6.08 12.97 22.89
CA GLY B 349 6.21 12.53 24.26
C GLY B 349 4.90 12.55 25.01
N PRO B 350 4.34 13.74 25.22
CA PRO B 350 3.12 13.84 26.02
C PRO B 350 1.90 13.20 25.37
N LEU B 351 1.73 13.35 24.05
CA LEU B 351 0.53 12.81 23.41
C LEU B 351 0.55 11.29 23.41
N LEU B 352 1.73 10.68 23.23
CA LEU B 352 1.83 9.23 23.34
C LEU B 352 1.32 8.75 24.69
N LEU B 353 1.71 9.42 25.77
CA LEU B 353 1.27 9.06 27.12
C LEU B 353 -0.15 9.50 27.42
N GLY B 354 -0.79 10.25 26.52
CA GLY B 354 -2.19 10.61 26.70
C GLY B 354 -2.45 11.78 27.63
N VAL B 355 -1.42 12.56 27.97
CA VAL B 355 -1.58 13.67 28.89
C VAL B 355 -1.71 14.97 28.08
N PRO B 356 -2.29 16.02 28.65
CA PRO B 356 -2.35 17.29 27.92
C PRO B 356 -0.99 17.93 27.76
N THR B 357 -0.81 18.64 26.65
CA THR B 357 0.43 19.37 26.37
C THR B 357 0.08 20.80 26.05
N ILE B 358 0.76 21.74 26.71
CA ILE B 358 0.51 23.16 26.53
C ILE B 358 1.33 23.65 25.34
N ILE B 359 0.64 24.18 24.33
CA ILE B 359 1.26 24.69 23.12
C ILE B 359 1.18 26.21 23.18
N PHE B 360 2.32 26.86 23.42
CA PHE B 360 2.38 28.30 23.63
C PHE B 360 2.93 28.96 22.38
N GLU B 361 2.17 29.91 21.83
CA GLU B 361 2.49 30.53 20.56
C GLU B 361 3.38 31.76 20.68
N GLY B 362 3.35 32.44 21.82
CA GLY B 362 4.00 33.73 21.98
C GLY B 362 5.37 33.65 22.60
N THR B 363 5.71 34.68 23.36
CA THR B 363 7.00 34.84 23.99
C THR B 363 6.85 34.95 25.50
N PRO B 364 7.92 34.72 26.27
CA PRO B 364 7.83 34.86 27.73
C PRO B 364 7.69 36.30 28.21
N ALA B 365 7.70 37.28 27.30
CA ALA B 365 7.66 38.69 27.69
C ALA B 365 6.37 39.38 27.27
N TYR B 366 5.52 38.73 26.49
CA TYR B 366 4.30 39.36 25.99
C TYR B 366 3.09 38.68 26.59
N PRO B 367 2.17 39.43 27.22
CA PRO B 367 2.18 40.88 27.42
C PRO B 367 3.14 41.34 28.51
N ASP B 368 3.61 40.45 29.38
CA ASP B 368 4.58 40.80 30.41
C ASP B 368 5.47 39.60 30.68
N TYR B 369 6.43 39.78 31.58
CA TYR B 369 7.38 38.72 31.92
C TYR B 369 6.83 37.72 32.92
N GLY B 370 5.52 37.74 33.17
CA GLY B 370 4.88 36.73 33.98
C GLY B 370 4.01 35.84 33.14
N ARG B 371 4.25 35.85 31.82
CA ARG B 371 3.42 35.11 30.88
C ARG B 371 3.52 33.60 31.11
N PHE B 372 4.74 33.09 31.24
CA PHE B 372 4.92 31.67 31.52
C PHE B 372 4.17 31.27 32.79
N TRP B 373 4.29 32.08 33.84
CA TRP B 373 3.77 31.68 35.14
C TRP B 373 2.26 31.83 35.19
N GLN B 374 1.71 32.80 34.46
CA GLN B 374 0.26 32.88 34.30
C GLN B 374 -0.27 31.65 33.58
N ILE B 375 0.46 31.15 32.59
CA ILE B 375 0.04 29.95 31.87
C ILE B 375 0.07 28.74 32.78
N VAL B 376 1.13 28.58 33.57
CA VAL B 376 1.24 27.44 34.48
C VAL B 376 0.11 27.49 35.51
N GLU B 377 -0.14 28.67 36.07
CA GLU B 377 -1.22 28.80 37.04
C GLU B 377 -2.59 28.55 36.40
N LYS B 378 -2.78 29.03 35.17
CA LYS B 378 -4.09 28.93 34.53
C LYS B 378 -4.51 27.47 34.36
N HIS B 379 -3.58 26.60 33.97
CA HIS B 379 -3.89 25.21 33.67
C HIS B 379 -3.32 24.25 34.70
N LYS B 380 -2.75 24.77 35.79
CA LYS B 380 -2.19 23.94 36.86
C LYS B 380 -1.22 22.92 36.30
N ALA B 381 -0.31 23.40 35.44
CA ALA B 381 0.69 22.51 34.84
C ALA B 381 1.60 21.96 35.91
N THR B 382 1.89 20.66 35.81
CA THR B 382 2.74 19.97 36.77
C THR B 382 4.19 19.83 36.30
N HIS B 383 4.45 20.05 35.02
CA HIS B 383 5.79 19.87 34.45
C HIS B 383 6.12 21.05 33.56
N PHE B 384 7.31 21.62 33.77
CA PHE B 384 7.78 22.77 33.01
C PHE B 384 9.14 22.46 32.41
N TYR B 385 9.32 22.83 31.14
CA TYR B 385 10.47 22.44 30.35
C TYR B 385 10.85 23.62 29.47
N VAL B 386 12.01 24.21 29.72
CA VAL B 386 12.45 25.43 29.04
C VAL B 386 13.97 25.41 28.93
N ALA B 387 14.52 26.31 28.09
CA ALA B 387 15.96 26.41 27.92
C ALA B 387 16.55 27.44 28.87
N PRO B 388 17.81 27.29 29.28
CA PRO B 388 18.41 28.26 30.21
C PRO B 388 18.36 29.69 29.68
N THR B 389 18.32 29.88 28.36
CA THR B 389 18.27 31.23 27.81
C THR B 389 17.08 32.00 28.36
N ALA B 390 15.90 31.36 28.40
CA ALA B 390 14.73 32.01 28.97
C ALA B 390 14.92 32.29 30.45
N LEU B 391 15.54 31.37 31.18
CA LEU B 391 15.77 31.57 32.62
C LEU B 391 16.66 32.78 32.86
N ARG B 392 17.72 32.94 32.05
CA ARG B 392 18.58 34.10 32.20
C ARG B 392 17.84 35.38 31.86
N LEU B 393 17.02 35.36 30.80
CA LEU B 393 16.23 36.53 30.44
C LEU B 393 15.24 36.88 31.55
N LEU B 394 14.52 35.88 32.06
CA LEU B 394 13.52 36.15 33.09
C LEU B 394 14.19 36.55 34.40
N ARG B 395 15.41 36.09 34.65
CA ARG B 395 16.16 36.57 35.82
C ARG B 395 16.48 38.05 35.69
N LYS B 396 16.74 38.52 34.47
CA LYS B 396 17.14 39.91 34.29
C LYS B 396 15.97 40.86 34.39
N ALA B 397 14.79 40.47 33.87
CA ALA B 397 13.70 41.42 33.72
C ALA B 397 12.33 40.88 34.12
N GLY B 398 12.26 39.76 34.84
CA GLY B 398 10.97 39.20 35.19
C GLY B 398 10.95 38.52 36.55
N GLU B 399 12.01 38.71 37.34
CA GLU B 399 12.08 38.04 38.63
C GLU B 399 10.93 38.44 39.54
N GLN B 400 10.54 39.72 39.49
CA GLN B 400 9.48 40.20 40.37
C GLN B 400 8.12 39.62 39.98
N GLU B 401 7.95 39.22 38.72
CA GLU B 401 6.65 38.72 38.27
C GLU B 401 6.37 37.32 38.78
N ILE B 402 7.43 36.55 39.07
CA ILE B 402 7.26 35.14 39.40
C ILE B 402 6.39 34.96 40.63
N ALA B 403 6.61 35.81 41.65
CA ALA B 403 5.89 35.67 42.91
C ALA B 403 4.41 36.03 42.79
N LYS B 404 3.99 36.64 41.69
CA LYS B 404 2.59 37.05 41.53
C LYS B 404 1.66 35.89 41.21
N TYR B 405 2.18 34.69 40.99
CA TYR B 405 1.39 33.58 40.46
C TYR B 405 1.60 32.33 41.29
N ASP B 406 0.58 31.48 41.29
CA ASP B 406 0.57 30.24 42.06
C ASP B 406 1.18 29.13 41.20
N LEU B 407 2.41 28.74 41.53
CA LEU B 407 3.15 27.72 40.79
C LEU B 407 3.27 26.43 41.59
N SER B 408 2.37 26.22 42.56
CA SER B 408 2.45 25.06 43.44
C SER B 408 2.06 23.76 42.75
N SER B 409 1.51 23.82 41.54
CA SER B 409 1.19 22.61 40.81
C SER B 409 2.43 21.95 40.22
N LEU B 410 3.50 22.71 40.02
CA LEU B 410 4.72 22.16 39.44
C LEU B 410 5.41 21.23 40.43
N ARG B 411 6.02 20.17 39.91
CA ARG B 411 6.93 19.34 40.67
C ARG B 411 8.16 18.91 39.88
N THR B 412 8.14 18.98 38.55
CA THR B 412 9.30 18.67 37.72
C THR B 412 9.63 19.87 36.86
N LEU B 413 10.88 20.33 36.95
CA LEU B 413 11.38 21.44 36.17
C LEU B 413 12.54 20.94 35.31
N GLY B 414 12.48 21.22 34.01
CA GLY B 414 13.44 20.69 33.07
C GLY B 414 14.25 21.78 32.37
N SER B 415 15.51 21.45 32.07
CA SER B 415 16.39 22.30 31.29
C SER B 415 16.88 21.52 30.07
N VAL B 416 17.06 22.22 28.96
CA VAL B 416 17.39 21.58 27.69
C VAL B 416 18.12 22.56 26.80
N GLY B 417 18.98 22.02 25.93
CA GLY B 417 19.56 22.78 24.84
C GLY B 417 20.92 23.36 25.13
N GLU B 418 21.13 23.79 26.36
CA GLU B 418 22.33 24.49 26.78
C GLU B 418 22.83 23.92 28.10
N PRO B 419 24.11 24.11 28.41
CA PRO B 419 24.57 23.88 29.79
C PRO B 419 23.91 24.88 30.72
N ILE B 420 23.50 24.40 31.89
CA ILE B 420 22.88 25.25 32.90
C ILE B 420 23.91 25.50 33.98
N SER B 421 24.27 26.77 34.17
CA SER B 421 25.25 27.12 35.17
C SER B 421 24.70 26.82 36.57
N PRO B 422 25.58 26.53 37.53
CA PRO B 422 25.09 26.31 38.91
C PRO B 422 24.27 27.47 39.44
N ASP B 423 24.61 28.72 39.09
CA ASP B 423 23.86 29.86 39.59
C ASP B 423 22.46 29.90 38.98
N ILE B 424 22.35 29.62 37.68
CA ILE B 424 21.03 29.52 37.06
C ILE B 424 20.28 28.32 37.61
N TRP B 425 20.99 27.23 37.91
CA TRP B 425 20.36 26.08 38.55
C TRP B 425 19.75 26.47 39.89
N GLU B 426 20.49 27.25 40.69
CA GLU B 426 19.97 27.69 41.98
C GLU B 426 18.79 28.64 41.80
N TRP B 427 18.94 29.62 40.90
CA TRP B 427 17.85 30.55 40.63
C TRP B 427 16.60 29.82 40.14
N TYR B 428 16.79 28.85 39.23
CA TYR B 428 15.67 28.08 38.71
C TYR B 428 15.00 27.29 39.82
N ASN B 429 15.80 26.71 40.72
CA ASN B 429 15.25 25.90 41.81
C ASN B 429 14.52 26.77 42.84
N GLU B 430 15.04 27.95 43.12
CA GLU B 430 14.52 28.76 44.22
C GLU B 430 13.30 29.58 43.80
N PHE B 431 13.47 30.44 42.79
CA PHE B 431 12.43 31.40 42.47
C PHE B 431 11.28 30.77 41.70
N VAL B 432 11.55 29.71 40.94
CA VAL B 432 10.51 29.00 40.19
C VAL B 432 10.06 27.75 40.93
N GLY B 433 11.00 26.89 41.31
CA GLY B 433 10.65 25.65 41.99
C GLY B 433 10.40 25.78 43.46
N LYS B 434 10.70 26.94 44.05
CA LYS B 434 10.47 27.20 45.46
C LYS B 434 11.21 26.21 46.35
N ASN B 435 12.34 25.69 45.85
CA ASN B 435 13.10 24.66 46.57
C ASN B 435 12.22 23.47 46.91
N GLN B 436 11.28 23.17 46.02
CA GLN B 436 10.32 22.09 46.23
C GLN B 436 10.16 21.19 45.01
N CYS B 437 10.88 21.45 43.92
CA CYS B 437 10.73 20.69 42.69
C CYS B 437 12.04 20.01 42.32
N HIS B 438 11.93 18.99 41.47
CA HIS B 438 13.08 18.31 40.92
C HIS B 438 13.53 19.01 39.64
N ILE B 439 14.83 19.22 39.50
CA ILE B 439 15.41 19.82 38.31
C ILE B 439 16.02 18.71 37.47
N SER B 440 15.64 18.65 36.19
CA SER B 440 16.14 17.64 35.27
C SER B 440 16.88 18.35 34.13
N ASP B 441 18.20 18.43 34.23
CA ASP B 441 19.03 18.94 33.15
C ASP B 441 19.20 17.83 32.13
N THR B 442 18.42 17.90 31.05
CA THR B 442 18.38 16.83 30.06
C THR B 442 19.36 17.15 28.93
N TYR B 443 20.35 16.30 28.75
CA TYR B 443 21.28 16.40 27.63
C TYR B 443 20.87 15.43 26.52
N TRP B 444 20.80 15.93 25.30
CA TRP B 444 20.49 15.10 24.14
C TRP B 444 20.66 15.95 22.89
N GLN B 445 20.32 15.37 21.75
CA GLN B 445 20.55 15.99 20.45
C GLN B 445 19.35 15.73 19.54
N THR B 446 19.31 16.46 18.44
CA THR B 446 18.35 16.15 17.38
C THR B 446 18.54 14.72 16.88
N GLU B 447 19.80 14.30 16.73
CA GLU B 447 20.08 12.98 16.19
C GLU B 447 19.75 11.85 17.16
N SER B 448 19.66 12.15 18.46
CA SER B 448 19.36 11.11 19.44
C SER B 448 17.86 10.89 19.61
N GLY B 449 17.04 11.79 19.12
CA GLY B 449 15.59 11.63 19.21
C GLY B 449 15.01 11.93 20.58
N SER B 450 15.63 11.42 21.64
CA SER B 450 15.14 11.60 22.99
C SER B 450 16.33 11.76 23.92
N HIS B 451 16.05 11.84 25.22
CA HIS B 451 17.08 12.13 26.20
C HIS B 451 18.17 11.07 26.17
N LEU B 452 19.42 11.51 26.33
CA LEU B 452 20.57 10.64 26.45
C LEU B 452 21.07 10.52 27.89
N ILE B 453 21.28 11.67 28.55
CA ILE B 453 21.74 11.72 29.93
C ILE B 453 20.89 12.75 30.65
N ALA B 454 20.24 12.33 31.74
CA ALA B 454 19.38 13.23 32.50
C ALA B 454 19.10 12.61 33.85
N PRO B 455 18.89 13.42 34.89
CA PRO B 455 18.50 12.87 36.20
C PRO B 455 17.01 12.56 36.22
N LEU B 456 16.67 11.29 36.43
CA LEU B 456 15.27 10.90 36.50
C LEU B 456 14.61 11.60 37.69
N ALA B 457 13.44 12.19 37.44
CA ALA B 457 12.75 12.93 38.49
C ALA B 457 12.31 12.00 39.61
N GLY B 458 12.66 12.38 40.84
CA GLY B 458 12.33 11.58 42.01
C GLY B 458 13.19 10.36 42.22
N VAL B 459 14.26 10.20 41.45
CA VAL B 459 15.09 9.00 41.54
C VAL B 459 16.56 9.40 41.70
N VAL B 460 17.08 10.21 40.79
CA VAL B 460 18.50 10.50 40.70
C VAL B 460 18.78 11.81 41.42
N PRO B 461 19.64 11.83 42.43
CA PRO B 461 20.03 13.11 43.04
C PRO B 461 20.82 13.98 42.07
N ASN B 462 20.65 15.29 42.21
CA ASN B 462 21.24 16.24 41.29
C ASN B 462 22.58 16.76 41.79
N LYS B 463 23.42 17.15 40.83
CA LYS B 463 24.58 17.99 41.07
C LYS B 463 24.41 19.23 40.19
N PRO B 464 24.12 20.41 40.76
CA PRO B 464 23.79 21.57 39.90
C PRO B 464 24.78 21.79 38.78
N GLY B 465 24.29 21.70 37.54
CA GLY B 465 25.13 21.84 36.37
C GLY B 465 25.48 20.53 35.68
N SER B 466 25.19 19.39 36.30
CA SER B 466 25.46 18.08 35.73
C SER B 466 24.18 17.44 35.24
N ALA B 467 24.31 16.57 34.23
CA ALA B 467 23.20 15.79 33.73
C ALA B 467 23.11 14.41 34.38
N SER B 468 24.09 14.04 35.21
CA SER B 468 24.05 12.80 35.97
C SER B 468 24.28 11.57 35.09
N TYR B 469 23.34 10.58 35.13
CA TYR B 469 23.58 9.25 34.60
C TYR B 469 22.99 9.08 33.20
N PRO B 470 23.55 8.17 32.39
CA PRO B 470 22.92 7.84 31.11
C PRO B 470 21.56 7.20 31.32
N PHE B 471 20.70 7.35 30.32
CA PHE B 471 19.33 6.83 30.37
C PHE B 471 19.30 5.40 29.82
N PHE B 472 18.12 4.78 29.87
CA PHE B 472 17.95 3.39 29.43
C PHE B 472 18.43 3.18 27.99
N GLY B 473 19.31 2.21 27.81
CA GLY B 473 19.81 1.86 26.49
C GLY B 473 20.96 2.72 25.99
N ILE B 474 21.50 3.60 26.82
CA ILE B 474 22.58 4.50 26.42
C ILE B 474 23.83 4.06 27.16
N ASP B 475 24.78 3.46 26.43
CA ASP B 475 26.05 3.07 27.02
C ASP B 475 27.07 4.17 26.73
N ALA B 476 27.03 5.20 27.56
CA ALA B 476 27.89 6.36 27.37
C ALA B 476 29.34 6.01 27.65
N ALA B 477 30.24 6.76 27.01
CA ALA B 477 31.66 6.52 27.14
C ALA B 477 32.40 7.79 26.82
N LEU B 478 33.62 7.90 27.33
CA LEU B 478 34.53 9.00 27.01
C LEU B 478 35.69 8.46 26.20
N ILE B 479 36.10 9.22 25.18
CA ILE B 479 37.17 8.83 24.28
C ILE B 479 38.24 9.90 24.30
N ASP B 480 39.49 9.49 24.46
CA ASP B 480 40.61 10.42 24.39
C ASP B 480 40.71 10.97 22.98
N PRO B 481 40.52 12.28 22.77
CA PRO B 481 40.50 12.79 21.39
C PRO B 481 41.77 12.47 20.61
N VAL B 482 42.91 12.40 21.28
CA VAL B 482 44.18 12.17 20.59
C VAL B 482 44.30 10.72 20.16
N THR B 483 44.25 9.80 21.13
CA THR B 483 44.46 8.39 20.84
C THR B 483 43.24 7.73 20.20
N GLY B 484 42.04 8.22 20.51
CA GLY B 484 40.83 7.56 20.04
C GLY B 484 40.44 6.33 20.81
N VAL B 485 40.93 6.18 22.04
CA VAL B 485 40.74 4.98 22.84
C VAL B 485 39.75 5.30 23.96
N GLU B 486 38.85 4.37 24.24
CA GLU B 486 37.87 4.56 25.30
C GLU B 486 38.58 4.73 26.63
N ILE B 487 38.14 5.71 27.41
CA ILE B 487 38.77 6.06 28.67
C ILE B 487 38.14 5.22 29.77
N GLU B 488 38.92 4.30 30.34
CA GLU B 488 38.48 3.54 31.50
C GLU B 488 38.65 4.37 32.76
N GLY B 489 37.76 4.15 33.73
CA GLY B 489 37.86 4.82 35.00
C GLY B 489 37.21 6.19 35.00
N ASN B 490 37.03 6.72 36.21
CA ASN B 490 36.36 8.00 36.42
C ASN B 490 37.38 9.11 36.62
N ASP B 491 36.89 10.31 36.90
CA ASP B 491 37.70 11.52 36.93
C ASP B 491 38.44 11.70 35.60
N ALA B 492 37.65 11.71 34.52
CA ALA B 492 38.19 11.75 33.18
C ALA B 492 37.41 12.73 32.33
N GLU B 493 38.03 13.18 31.24
CA GLU B 493 37.42 14.07 30.28
C GLU B 493 37.76 13.59 28.88
N GLY B 494 36.91 13.91 27.93
CA GLY B 494 37.17 13.55 26.55
C GLY B 494 35.92 13.71 25.71
N VAL B 495 35.98 13.12 24.52
CA VAL B 495 34.86 13.15 23.58
C VAL B 495 33.80 12.17 24.06
N LEU B 496 32.54 12.63 24.07
CA LEU B 496 31.43 11.81 24.54
C LEU B 496 30.92 10.94 23.40
N ALA B 497 30.85 9.63 23.65
CA ALA B 497 30.45 8.67 22.64
C ALA B 497 29.50 7.64 23.24
N ILE B 498 28.67 7.07 22.38
CA ILE B 498 27.75 5.99 22.75
C ILE B 498 28.26 4.71 22.12
N LYS B 499 28.24 3.62 22.88
CA LYS B 499 28.86 2.38 22.45
C LYS B 499 27.94 1.47 21.66
N ASP B 500 26.65 1.77 21.59
CA ASP B 500 25.73 1.01 20.75
C ASP B 500 24.52 1.89 20.44
N HIS B 501 23.82 1.53 19.36
CA HIS B 501 22.66 2.31 18.94
C HIS B 501 21.47 2.03 19.86
N TRP B 502 20.57 3.01 19.92
CA TRP B 502 19.40 2.97 20.79
C TRP B 502 18.15 3.20 19.97
N PRO B 503 16.97 2.88 20.52
CA PRO B 503 15.76 2.85 19.69
C PRO B 503 15.48 4.13 18.92
N SER B 504 15.60 5.29 19.57
CA SER B 504 15.26 6.56 18.95
C SER B 504 16.45 7.24 18.26
N MET B 505 17.55 6.52 18.06
CA MET B 505 18.69 7.10 17.36
C MET B 505 18.31 7.38 15.91
N ALA B 506 18.72 8.54 15.41
CA ALA B 506 18.49 8.87 14.01
C ALA B 506 19.12 7.82 13.11
N ARG B 507 18.41 7.46 12.04
CA ARG B 507 18.79 6.32 11.21
C ARG B 507 19.60 6.69 9.99
N THR B 508 19.49 7.93 9.49
CA THR B 508 20.25 8.34 8.32
C THR B 508 20.10 9.84 8.13
N VAL B 509 20.89 10.37 7.19
CA VAL B 509 20.69 11.71 6.65
C VAL B 509 20.03 11.57 5.29
N TYR B 510 18.92 12.29 5.09
CA TYR B 510 18.07 12.06 3.93
C TYR B 510 18.86 12.06 2.64
N LYS B 511 18.84 10.93 1.93
CA LYS B 511 19.49 10.76 0.64
C LYS B 511 20.98 11.06 0.69
N ASN B 512 21.57 11.09 1.88
CA ASN B 512 23.00 11.33 2.04
C ASN B 512 23.52 10.52 3.23
N HIS B 513 23.42 9.19 3.13
CA HIS B 513 23.86 8.33 4.22
C HIS B 513 25.37 8.34 4.39
N THR B 514 26.13 8.68 3.35
CA THR B 514 27.58 8.77 3.50
C THR B 514 27.95 9.89 4.47
N LYS B 515 27.25 11.02 4.38
CA LYS B 515 27.49 12.10 5.34
C LYS B 515 27.11 11.66 6.76
N TYR B 516 26.00 10.92 6.89
CA TYR B 516 25.62 10.34 8.16
C TYR B 516 26.74 9.50 8.74
N MET B 517 27.28 8.58 7.94
CA MET B 517 28.37 7.73 8.40
C MET B 517 29.61 8.56 8.74
N ASP B 518 29.97 9.50 7.86
CA ASP B 518 31.18 10.29 8.07
C ASP B 518 31.06 11.17 9.31
N THR B 519 29.84 11.56 9.68
CA THR B 519 29.64 12.50 10.78
C THR B 519 29.54 11.81 12.13
N TYR B 520 28.89 10.64 12.20
CA TYR B 520 28.51 10.05 13.48
C TYR B 520 29.19 8.73 13.78
N MET B 521 29.42 7.89 12.77
CA MET B 521 29.91 6.54 13.01
C MET B 521 31.38 6.34 12.67
N ASN B 522 31.90 7.07 11.67
CA ASN B 522 33.26 6.85 11.18
C ASN B 522 34.34 7.53 12.01
N PRO B 523 34.09 8.72 12.58
CA PRO B 523 35.16 9.37 13.37
C PRO B 523 35.78 8.47 14.41
N TYR B 524 34.97 7.69 15.13
CA TYR B 524 35.46 6.74 16.13
C TYR B 524 34.77 5.40 15.89
N PRO B 525 35.34 4.56 15.02
CA PRO B 525 34.64 3.32 14.63
C PRO B 525 34.23 2.49 15.82
N GLY B 526 33.01 1.96 15.76
CA GLY B 526 32.41 1.24 16.87
C GLY B 526 31.58 2.11 17.79
N TYR B 527 31.67 3.42 17.67
CA TYR B 527 30.96 4.35 18.54
C TYR B 527 30.10 5.30 17.73
N TYR B 528 29.17 5.95 18.43
CA TYR B 528 28.41 7.08 17.91
C TYR B 528 29.03 8.35 18.48
N PHE B 529 29.43 9.27 17.61
CA PHE B 529 30.15 10.47 18.00
C PHE B 529 29.15 11.62 18.18
N THR B 530 28.97 12.04 19.43
CA THR B 530 27.97 13.07 19.73
C THR B 530 28.41 14.46 19.27
N GLY B 531 29.71 14.69 19.12
CA GLY B 531 30.18 16.03 18.85
C GLY B 531 30.36 16.89 20.08
N ASP B 532 30.28 16.31 21.28
CA ASP B 532 30.36 17.02 22.53
C ASP B 532 31.53 16.50 23.35
N GLY B 533 32.17 17.40 24.08
CA GLY B 533 33.11 17.02 25.10
C GLY B 533 32.40 16.94 26.45
N ALA B 534 32.90 16.07 27.32
CA ALA B 534 32.25 15.86 28.60
C ALA B 534 33.23 15.25 29.58
N ALA B 535 32.86 15.29 30.85
CA ALA B 535 33.67 14.75 31.93
C ALA B 535 32.82 13.86 32.82
N ARG B 536 33.43 12.81 33.34
CA ARG B 536 32.78 11.85 34.23
C ARG B 536 33.51 11.87 35.57
N ASP B 537 32.79 12.18 36.63
CA ASP B 537 33.39 12.33 37.95
C ASP B 537 33.38 11.01 38.71
N HIS B 538 33.90 11.05 39.94
CA HIS B 538 34.04 9.83 40.74
C HIS B 538 32.71 9.17 41.03
N ASP B 539 31.61 9.92 41.00
CA ASP B 539 30.29 9.37 41.24
C ASP B 539 29.62 8.85 39.97
N GLY B 540 30.27 9.00 38.81
CA GLY B 540 29.71 8.59 37.55
C GLY B 540 28.85 9.63 36.86
N TYR B 541 28.68 10.80 37.45
CA TYR B 541 27.90 11.86 36.83
C TYR B 541 28.64 12.45 35.64
N TYR B 542 27.91 12.78 34.58
CA TYR B 542 28.47 13.36 33.38
C TYR B 542 28.30 14.88 33.41
N TRP B 543 29.38 15.59 33.12
CA TRP B 543 29.39 17.05 33.05
C TRP B 543 29.63 17.44 31.60
N ILE B 544 28.60 18.01 30.95
CA ILE B 544 28.71 18.37 29.55
C ILE B 544 29.60 19.61 29.42
N ARG B 545 30.63 19.50 28.59
CA ARG B 545 31.58 20.59 28.40
C ARG B 545 31.25 21.47 27.21
N GLY B 546 30.59 20.93 26.20
CA GLY B 546 30.18 21.69 25.04
C GLY B 546 30.63 21.02 23.75
N ARG B 547 30.29 21.66 22.64
CA ARG B 547 30.61 21.11 21.33
C ARG B 547 32.12 21.15 21.11
N VAL B 548 32.66 20.06 20.55
CA VAL B 548 34.06 20.00 20.17
C VAL B 548 34.27 20.32 18.70
N ASP B 549 33.20 20.60 17.97
CA ASP B 549 33.25 20.92 16.55
C ASP B 549 32.76 22.36 16.35
N ASP B 550 32.60 22.75 15.09
CA ASP B 550 32.21 24.13 14.76
C ASP B 550 30.68 24.28 14.80
N VAL B 551 30.14 24.09 16.00
CA VAL B 551 28.72 24.29 16.26
C VAL B 551 28.60 25.24 17.45
N VAL B 552 27.81 26.29 17.29
CA VAL B 552 27.60 27.30 18.32
C VAL B 552 26.13 27.29 18.71
N ASN B 553 25.87 27.44 20.01
CA ASN B 553 24.51 27.33 20.55
C ASN B 553 24.01 28.75 20.85
N VAL B 554 23.48 29.38 19.81
CA VAL B 554 22.98 30.76 19.90
C VAL B 554 21.54 30.72 20.40
N SER B 555 21.34 31.15 21.64
CA SER B 555 19.99 31.26 22.22
C SER B 555 19.27 29.92 22.19
N GLY B 556 19.99 28.85 22.49
CA GLY B 556 19.43 27.51 22.53
C GLY B 556 19.21 26.88 21.18
N HIS B 557 19.41 27.61 20.09
CA HIS B 557 19.20 27.09 18.74
C HIS B 557 20.55 26.69 18.15
N ARG B 558 20.65 25.43 17.74
CA ARG B 558 21.88 24.90 17.18
C ARG B 558 22.20 25.57 15.84
N LEU B 559 23.41 26.10 15.73
CA LEU B 559 23.88 26.77 14.52
C LEU B 559 25.28 26.29 14.17
N SER B 560 25.58 26.33 12.88
CA SER B 560 26.92 26.00 12.37
C SER B 560 27.64 27.30 12.01
N THR B 561 28.88 27.43 12.48
CA THR B 561 29.68 28.58 12.07
C THR B 561 29.90 28.59 10.57
N ALA B 562 30.01 27.40 9.95
CA ALA B 562 30.19 27.35 8.50
C ALA B 562 28.99 27.95 7.76
N GLU B 563 27.76 27.75 8.25
CA GLU B 563 26.60 28.35 7.61
C GLU B 563 26.62 29.86 7.73
N ILE B 564 27.00 30.38 8.91
CA ILE B 564 27.04 31.82 9.07
C ILE B 564 28.17 32.41 8.25
N GLU B 565 29.30 31.70 8.18
CA GLU B 565 30.40 32.15 7.34
C GLU B 565 29.98 32.18 5.87
N ALA B 566 29.28 31.14 5.41
CA ALA B 566 28.81 31.10 4.04
C ALA B 566 27.77 32.19 3.78
N ALA B 567 26.98 32.54 4.78
CA ALA B 567 26.00 33.61 4.61
C ALA B 567 26.66 34.97 4.43
N LEU B 568 27.69 35.26 5.23
CA LEU B 568 28.40 36.53 5.08
C LEU B 568 29.14 36.62 3.76
N ILE B 569 29.66 35.50 3.26
CA ILE B 569 30.42 35.51 2.01
C ILE B 569 29.51 35.75 0.80
N GLU B 570 28.22 35.43 0.91
CA GLU B 570 27.30 35.72 -0.19
C GLU B 570 27.29 37.20 -0.52
N ASP B 571 27.44 38.06 0.48
CA ASP B 571 27.66 39.49 0.24
C ASP B 571 28.98 39.64 -0.48
N LYS B 572 28.94 40.03 -1.76
CA LYS B 572 30.13 40.01 -2.62
C LYS B 572 31.19 41.02 -2.20
N LYS B 573 30.95 41.84 -1.18
CA LYS B 573 31.98 42.71 -0.65
C LYS B 573 32.95 41.99 0.29
N VAL B 574 32.70 40.72 0.59
CA VAL B 574 33.47 39.97 1.58
C VAL B 574 34.39 38.99 0.85
N SER B 575 35.65 38.95 1.29
CA SER B 575 36.61 37.97 0.77
C SER B 575 36.60 36.68 1.56
N GLU B 576 36.77 36.77 2.89
CA GLU B 576 36.76 35.60 3.76
C GLU B 576 36.09 35.97 5.07
N ALA B 577 35.55 34.94 5.75
CA ALA B 577 34.84 35.13 7.00
C ALA B 577 35.16 34.00 7.96
N ALA B 578 35.10 34.30 9.25
CA ALA B 578 35.36 33.32 10.30
C ALA B 578 34.46 33.65 11.48
N VAL B 579 33.61 32.71 11.86
CA VAL B 579 32.66 32.89 12.95
C VAL B 579 33.02 31.96 14.09
N VAL B 580 33.01 32.49 15.31
CA VAL B 580 33.30 31.71 16.51
C VAL B 580 32.25 32.03 17.57
N GLY B 581 32.16 31.14 18.56
CA GLY B 581 31.21 31.28 19.64
C GLY B 581 31.90 31.63 20.95
N ILE B 582 31.35 32.62 21.64
CA ILE B 582 31.87 33.08 22.93
C ILE B 582 30.73 33.13 23.94
N HIS B 583 31.11 33.23 25.21
CA HIS B 583 30.12 33.29 26.29
C HIS B 583 29.38 34.61 26.27
N ASP B 584 28.05 34.54 26.41
CA ASP B 584 27.20 35.71 26.55
C ASP B 584 26.32 35.53 27.77
N ASP B 585 26.20 36.59 28.58
CA ASP B 585 25.55 36.47 29.88
C ASP B 585 24.03 36.37 29.79
N ILE B 586 23.43 36.52 28.61
CA ILE B 586 21.99 36.43 28.43
C ILE B 586 21.62 35.26 27.54
N THR B 587 22.21 35.18 26.35
CA THR B 587 21.96 34.09 25.42
C THR B 587 22.86 32.88 25.65
N GLY B 588 23.65 32.89 26.70
CA GLY B 588 24.58 31.79 26.98
C GLY B 588 25.79 31.76 26.08
N GLN B 589 25.57 31.78 24.76
CA GLN B 589 26.67 31.76 23.80
C GLN B 589 26.26 32.61 22.61
N ALA B 590 27.15 33.48 22.17
CA ALA B 590 26.89 34.38 21.05
C ALA B 590 27.96 34.21 19.99
N VAL B 591 27.60 34.53 18.75
CA VAL B 591 28.48 34.37 17.60
C VAL B 591 29.06 35.73 17.25
N ILE B 592 30.38 35.80 17.15
CA ILE B 592 31.08 36.99 16.68
C ILE B 592 31.65 36.65 15.31
N ALA B 593 31.41 37.52 14.33
CA ALA B 593 31.81 37.29 12.95
C ALA B 593 32.95 38.22 12.60
N TYR B 594 34.06 37.64 12.14
CA TYR B 594 35.22 38.40 11.67
C TYR B 594 35.23 38.36 10.14
N VAL B 595 35.12 39.54 9.53
CA VAL B 595 34.91 39.66 8.09
C VAL B 595 36.07 40.44 7.50
N ALA B 596 36.65 39.90 6.43
CA ALA B 596 37.69 40.57 5.66
C ALA B 596 37.10 40.98 4.33
N LEU B 597 37.16 42.27 4.02
CA LEU B 597 36.59 42.79 2.79
C LEU B 597 37.60 42.71 1.65
N LYS B 598 37.08 42.81 0.42
CA LYS B 598 37.93 42.86 -0.76
C LYS B 598 38.38 44.29 -1.08
N GLU B 599 37.96 45.27 -0.29
CA GLU B 599 38.37 46.66 -0.50
C GLU B 599 38.78 47.30 0.81
N SER B 606 31.60 52.82 7.86
CA SER B 606 32.04 51.51 8.34
C SER B 606 30.90 50.83 9.07
N GLU B 607 30.16 51.60 9.88
CA GLU B 607 29.02 51.04 10.60
C GLU B 607 27.96 50.53 9.64
N GLY B 608 27.73 51.26 8.54
CA GLY B 608 26.69 50.84 7.60
C GLY B 608 26.98 49.48 6.98
N LEU B 609 28.25 49.19 6.70
CA LEU B 609 28.58 47.90 6.12
C LEU B 609 28.41 46.78 7.14
N ARG B 610 28.69 47.05 8.42
CA ARG B 610 28.41 46.09 9.46
C ARG B 610 26.92 45.77 9.53
N LYS B 611 26.06 46.80 9.41
CA LYS B 611 24.63 46.56 9.44
C LYS B 611 24.16 45.80 8.21
N GLU B 612 24.81 46.02 7.07
CA GLU B 612 24.50 45.24 5.87
C GLU B 612 24.83 43.76 6.08
N LEU B 613 25.97 43.48 6.70
CA LEU B 613 26.38 42.08 6.90
C LEU B 613 25.48 41.36 7.89
N VAL B 614 25.08 42.05 8.97
CA VAL B 614 24.16 41.43 9.92
C VAL B 614 22.84 41.11 9.22
N LEU B 615 22.32 42.05 8.43
CA LEU B 615 21.10 41.79 7.67
C LEU B 615 21.32 40.69 6.63
N GLN B 616 22.55 40.51 6.15
CA GLN B 616 22.82 39.44 5.20
C GLN B 616 22.56 38.07 5.84
N VAL B 617 22.94 37.92 7.11
CA VAL B 617 22.68 36.65 7.81
C VAL B 617 21.19 36.48 8.05
N ARG B 618 20.49 37.57 8.41
CA ARG B 618 19.05 37.47 8.65
C ARG B 618 18.27 37.04 7.42
N LYS B 619 18.75 37.38 6.22
CA LYS B 619 18.04 37.04 5.00
C LYS B 619 18.42 35.66 4.47
N THR B 620 19.64 35.21 4.71
CA THR B 620 20.05 33.88 4.25
C THR B 620 19.54 32.80 5.19
N ILE B 621 19.86 32.91 6.47
CA ILE B 621 19.47 31.91 7.46
C ILE B 621 18.13 32.30 8.07
N GLY B 622 18.13 33.41 8.79
CA GLY B 622 16.93 33.88 9.47
C GLY B 622 17.29 34.89 10.54
N PRO B 623 16.30 35.66 11.00
CA PRO B 623 16.61 36.71 12.00
C PRO B 623 17.25 36.18 13.27
N PHE B 624 16.95 34.94 13.66
CA PHE B 624 17.46 34.41 14.93
C PHE B 624 18.96 34.12 14.89
N ALA B 625 19.52 33.87 13.70
CA ALA B 625 20.92 33.51 13.57
C ALA B 625 21.83 34.71 13.34
N ALA B 626 21.33 35.93 13.49
CA ALA B 626 22.17 37.10 13.25
C ALA B 626 23.32 37.13 14.25
N PRO B 627 24.53 37.52 13.82
CA PRO B 627 25.64 37.64 14.77
C PRO B 627 25.43 38.75 15.79
N LYS B 628 25.93 38.51 17.01
CA LYS B 628 25.88 39.55 18.03
C LYS B 628 26.66 40.79 17.60
N SER B 629 27.85 40.58 17.04
CA SER B 629 28.67 41.69 16.56
C SER B 629 29.47 41.21 15.35
N VAL B 630 29.60 42.08 14.36
CA VAL B 630 30.42 41.82 13.18
C VAL B 630 31.64 42.72 13.28
N ILE B 631 32.82 42.11 13.30
CA ILE B 631 34.09 42.81 13.45
C ILE B 631 34.79 42.77 12.09
N ILE B 632 34.91 43.92 11.46
CA ILE B 632 35.62 44.02 10.19
C ILE B 632 37.12 44.08 10.47
N VAL B 633 37.89 43.21 9.80
CA VAL B 633 39.33 43.13 9.98
C VAL B 633 39.98 43.16 8.60
N GLN B 634 41.30 43.37 8.60
CA GLN B 634 42.04 43.45 7.34
C GLN B 634 42.36 42.05 6.79
N ASP B 635 42.89 41.17 7.64
CA ASP B 635 43.08 39.77 7.28
C ASP B 635 42.94 38.91 8.52
N LEU B 636 42.60 37.58 8.30
CA LEU B 636 42.32 36.66 9.39
C LEU B 636 43.58 35.89 9.81
N PRO B 637 43.66 35.49 11.09
CA PRO B 637 44.76 34.61 11.53
C PRO B 637 44.69 33.22 10.92
N LYS B 638 45.65 32.88 10.05
CA LYS B 638 45.64 31.59 9.37
C LYS B 638 46.85 30.76 9.78
N THR B 639 46.64 29.46 9.94
CA THR B 639 47.68 28.53 10.36
C THR B 639 48.72 28.34 9.25
N ARG B 640 49.76 27.56 9.58
CA ARG B 640 50.76 27.18 8.59
C ARG B 640 50.14 26.43 7.42
N SER B 641 49.19 25.53 7.70
CA SER B 641 48.57 24.76 6.63
C SER B 641 47.70 25.65 5.75
N GLY B 642 46.96 26.58 6.35
CA GLY B 642 46.16 27.52 5.59
C GLY B 642 44.76 27.74 6.13
N LYS B 643 44.42 27.04 7.22
CA LYS B 643 43.11 27.15 7.84
C LYS B 643 43.10 28.30 8.84
N ILE B 644 41.88 28.75 9.17
CA ILE B 644 41.71 29.91 10.05
C ILE B 644 41.85 29.45 11.50
N MET B 645 42.79 30.07 12.21
CA MET B 645 43.01 29.79 13.63
C MET B 645 41.92 30.47 14.44
N ARG B 646 40.82 29.74 14.67
CA ARG B 646 39.69 30.30 15.38
C ARG B 646 39.94 30.46 16.88
N ARG B 647 40.80 29.64 17.47
CA ARG B 647 41.01 29.74 18.91
C ARG B 647 41.56 31.11 19.28
N ILE B 648 42.38 31.71 18.42
CA ILE B 648 42.82 33.08 18.66
C ILE B 648 41.63 34.03 18.58
N LEU B 649 40.74 33.82 17.61
CA LEU B 649 39.56 34.67 17.49
C LEU B 649 38.65 34.52 18.70
N ARG B 650 38.52 33.31 19.23
CA ARG B 650 37.72 33.12 20.44
C ARG B 650 38.34 33.85 21.62
N LYS B 651 39.66 33.70 21.81
CA LYS B 651 40.31 34.32 22.96
C LYS B 651 40.24 35.83 22.90
N VAL B 652 40.49 36.42 21.71
CA VAL B 652 40.41 37.87 21.57
C VAL B 652 38.99 38.34 21.90
N SER B 653 37.99 37.60 21.44
CA SER B 653 36.60 38.00 21.68
C SER B 653 36.24 37.90 23.16
N SER B 654 36.83 36.95 23.88
CA SER B 654 36.59 36.78 25.31
C SER B 654 37.55 37.61 26.17
N ASN B 655 38.15 38.65 25.60
CA ASN B 655 39.03 39.56 26.34
C ASN B 655 40.21 38.84 26.96
N GLU B 656 40.65 37.75 26.36
CA GLU B 656 41.83 37.02 26.83
C GLU B 656 42.96 37.10 25.79
N ALA B 657 43.10 38.26 25.15
CA ALA B 657 44.11 38.45 24.12
C ALA B 657 45.47 38.76 24.70
N ASP B 658 45.71 38.35 25.95
CA ASP B 658 47.01 38.50 26.59
C ASP B 658 47.59 37.18 27.07
N GLN B 659 46.75 36.17 27.30
CA GLN B 659 47.19 34.81 27.58
C GLN B 659 47.08 33.91 26.35
N LEU B 660 47.34 34.47 25.17
CA LEU B 660 47.29 33.71 23.93
C LEU B 660 48.23 32.52 24.02
N GLY B 661 47.66 31.32 24.10
CA GLY B 661 48.48 30.13 24.33
C GLY B 661 49.61 29.97 23.35
N ASP B 662 49.33 30.18 22.06
CA ASP B 662 50.35 29.98 21.03
C ASP B 662 49.93 30.70 19.76
N ILE B 663 50.77 31.66 19.33
CA ILE B 663 50.61 32.31 18.03
C ILE B 663 51.74 31.92 17.09
N SER B 664 52.61 30.98 17.50
CA SER B 664 53.71 30.54 16.65
C SER B 664 53.25 29.66 15.50
N THR B 665 51.98 29.28 15.46
CA THR B 665 51.42 28.46 14.40
C THR B 665 50.84 29.30 13.26
N LEU B 666 51.05 30.60 13.27
CA LEU B 666 50.39 31.52 12.35
C LEU B 666 51.31 31.88 11.19
N SER B 667 50.79 31.78 9.97
CA SER B 667 51.55 32.24 8.82
C SER B 667 51.66 33.77 8.80
N ASN B 668 50.68 34.46 9.38
CA ASN B 668 50.67 35.92 9.45
C ASN B 668 50.47 36.31 10.92
N PRO B 669 51.51 36.18 11.75
CA PRO B 669 51.39 36.61 13.16
C PRO B 669 51.20 38.11 13.31
N GLN B 670 51.32 38.88 12.23
CA GLN B 670 51.06 40.31 12.28
C GLN B 670 49.58 40.63 12.25
N SER B 671 48.75 39.72 11.75
CA SER B 671 47.31 39.96 11.72
C SER B 671 46.73 40.08 13.12
N VAL B 672 47.32 39.38 14.09
CA VAL B 672 46.76 39.35 15.44
C VAL B 672 46.65 40.77 16.01
N GLU B 673 47.61 41.64 15.69
CA GLU B 673 47.52 43.02 16.17
C GLU B 673 46.29 43.70 15.61
N GLY B 674 45.98 43.48 14.33
CA GLY B 674 44.79 44.06 13.74
C GLY B 674 43.50 43.46 14.28
N ILE B 675 43.52 42.17 14.62
CA ILE B 675 42.33 41.53 15.16
C ILE B 675 41.95 42.13 16.51
N ILE B 676 42.94 42.33 17.39
CA ILE B 676 42.64 42.82 18.73
C ILE B 676 42.11 44.25 18.68
N SER B 677 42.71 45.10 17.85
CA SER B 677 42.27 46.50 17.77
C SER B 677 40.87 46.60 17.19
N ALA B 678 40.59 45.85 16.12
CA ALA B 678 39.27 45.91 15.50
C ALA B 678 38.18 45.47 16.47
N PHE B 679 38.44 44.42 17.25
CA PHE B 679 37.45 43.97 18.22
C PHE B 679 37.22 45.00 19.32
N GLY B 680 38.31 45.57 19.84
CA GLY B 680 38.16 46.58 20.89
C GLY B 680 37.43 47.82 20.42
N ALA B 681 37.57 48.16 19.15
CA ALA B 681 36.96 49.37 18.62
C ALA B 681 35.51 49.13 18.19
N GLN B 682 35.26 48.06 17.46
CA GLN B 682 33.98 47.84 16.80
C GLN B 682 32.94 47.15 17.68
N PHE B 683 33.37 46.42 18.71
CA PHE B 683 32.39 45.66 19.51
C PHE B 683 31.41 46.57 20.21
N GLY B 684 31.88 47.71 20.72
CA GLY B 684 30.98 48.65 21.37
C GLY B 684 30.06 49.34 20.38
N LYS B 685 30.61 49.81 19.27
CA LYS B 685 29.82 50.48 18.25
C LYS B 685 28.81 49.51 17.63
N GLN C 20 9.72 -58.72 -16.03
CA GLN C 20 11.15 -58.44 -15.88
C GLN C 20 11.76 -57.90 -17.17
N THR C 21 11.02 -58.00 -18.27
CA THR C 21 11.45 -57.52 -19.57
C THR C 21 10.51 -56.43 -20.06
N HIS C 22 11.06 -55.44 -20.73
CA HIS C 22 10.31 -54.29 -21.22
C HIS C 22 10.21 -54.36 -22.74
N ASN C 23 8.99 -54.23 -23.26
CA ASN C 23 8.76 -54.18 -24.70
C ASN C 23 8.74 -52.78 -25.26
N VAL C 24 8.49 -51.76 -24.43
CA VAL C 24 8.38 -50.37 -24.87
C VAL C 24 9.53 -49.53 -24.34
N VAL C 25 9.80 -49.61 -23.04
CA VAL C 25 10.84 -48.80 -22.40
C VAL C 25 12.13 -49.59 -22.53
N HIS C 26 12.80 -49.43 -23.68
CA HIS C 26 14.02 -50.19 -23.94
C HIS C 26 15.19 -49.72 -23.10
N GLU C 27 15.18 -48.46 -22.65
CA GLU C 27 16.29 -47.97 -21.83
C GLU C 27 16.42 -48.76 -20.54
N ALA C 28 15.31 -49.27 -20.01
CA ALA C 28 15.30 -49.90 -18.70
C ALA C 28 15.76 -51.36 -18.73
N ASN C 29 15.84 -51.98 -19.91
CA ASN C 29 16.23 -53.38 -19.98
C ASN C 29 17.68 -53.54 -19.54
N GLY C 30 17.90 -54.45 -18.60
CA GLY C 30 19.25 -54.74 -18.13
C GLY C 30 19.91 -53.58 -17.42
N VAL C 31 19.15 -52.83 -16.63
CA VAL C 31 19.65 -51.68 -15.88
C VAL C 31 19.49 -52.00 -14.40
N LYS C 32 20.62 -52.23 -13.72
CA LYS C 32 20.60 -52.55 -12.29
C LYS C 32 20.44 -51.28 -11.46
N LEU C 33 19.66 -51.40 -10.38
CA LEU C 33 19.51 -50.28 -9.45
C LEU C 33 20.84 -50.00 -8.76
N ARG C 34 21.23 -48.73 -8.76
CA ARG C 34 22.51 -48.28 -8.22
C ARG C 34 22.25 -47.65 -6.85
N GLU C 35 22.65 -48.34 -5.78
CA GLU C 35 22.34 -47.87 -4.44
C GLU C 35 23.10 -46.59 -4.14
N THR C 36 22.68 -45.91 -3.10
CA THR C 36 23.38 -44.71 -2.65
C THR C 36 24.66 -45.13 -1.94
N PRO C 37 25.82 -44.65 -2.34
CA PRO C 37 27.06 -45.13 -1.71
C PRO C 37 27.05 -44.88 -0.20
N LYS C 38 27.71 -45.78 0.53
CA LYS C 38 27.75 -45.64 1.99
C LYS C 38 28.49 -44.37 2.41
N GLU C 39 29.45 -43.91 1.61
CA GLU C 39 30.17 -42.70 1.95
C GLU C 39 29.24 -41.50 2.03
N PHE C 40 28.16 -41.50 1.24
CA PHE C 40 27.19 -40.40 1.30
C PHE C 40 26.65 -40.23 2.71
N PHE C 41 26.21 -41.33 3.33
CA PHE C 41 25.66 -41.26 4.68
C PHE C 41 26.74 -40.98 5.72
N GLU C 42 27.99 -41.35 5.43
CA GLU C 42 29.08 -40.98 6.32
C GLU C 42 29.29 -39.47 6.33
N ARG C 43 29.25 -38.85 5.16
CA ARG C 43 29.48 -37.42 5.01
C ARG C 43 28.26 -36.59 5.37
N GLN C 44 27.10 -37.21 5.56
CA GLN C 44 25.92 -36.47 5.93
C GLN C 44 26.15 -35.78 7.27
N PRO C 45 25.88 -34.48 7.38
CA PRO C 45 26.11 -33.81 8.67
C PRO C 45 25.17 -34.26 9.78
N ASN C 46 23.92 -34.57 9.46
CA ASN C 46 22.93 -34.92 10.47
C ASN C 46 22.11 -36.09 9.96
N LYS C 47 21.06 -36.42 10.70
CA LYS C 47 20.08 -37.39 10.23
C LYS C 47 19.50 -36.92 8.90
N GLY C 48 19.33 -37.85 7.97
CA GLY C 48 18.69 -37.50 6.72
C GLY C 48 17.27 -37.03 6.93
N HIS C 49 16.77 -36.22 5.99
CA HIS C 49 15.42 -35.68 6.12
C HIS C 49 14.36 -36.74 5.82
N ILE C 50 14.70 -37.72 5.00
CA ILE C 50 13.83 -38.87 4.73
C ILE C 50 14.70 -40.11 4.83
N HIS C 51 14.15 -41.17 5.43
CA HIS C 51 14.97 -42.33 5.72
C HIS C 51 15.16 -43.21 4.48
N ASP C 52 14.08 -43.75 3.93
CA ASP C 52 14.16 -44.72 2.85
C ASP C 52 13.09 -44.42 1.81
N VAL C 53 13.05 -45.26 0.77
CA VAL C 53 12.05 -45.07 -0.28
C VAL C 53 10.65 -45.28 0.25
N ASN C 54 10.48 -46.18 1.21
CA ASN C 54 9.15 -46.46 1.73
C ASN C 54 8.56 -45.23 2.42
N GLN C 55 9.36 -44.54 3.23
CA GLN C 55 8.89 -43.32 3.85
C GLN C 55 8.52 -42.27 2.81
N TYR C 56 9.34 -42.16 1.76
CA TYR C 56 9.05 -41.23 0.67
C TYR C 56 7.74 -41.60 -0.02
N LYS C 57 7.52 -42.90 -0.25
CA LYS C 57 6.26 -43.36 -0.84
C LYS C 57 5.05 -42.83 -0.09
N GLN C 58 5.07 -42.91 1.24
CA GLN C 58 3.93 -42.43 2.01
C GLN C 58 3.84 -40.91 1.98
N MET C 59 4.98 -40.23 2.10
CA MET C 59 4.97 -38.78 2.00
C MET C 59 4.47 -38.34 0.64
N TYR C 60 4.93 -39.01 -0.42
CA TYR C 60 4.45 -38.68 -1.76
C TYR C 60 2.95 -38.91 -1.86
N GLU C 61 2.46 -40.04 -1.35
CA GLU C 61 1.02 -40.31 -1.40
C GLU C 61 0.22 -39.22 -0.71
N GLN C 62 0.72 -38.73 0.43
CA GLN C 62 0.00 -37.67 1.13
C GLN C 62 0.03 -36.37 0.34
N SER C 63 1.15 -36.06 -0.30
CA SER C 63 1.24 -34.84 -1.09
C SER C 63 0.26 -34.85 -2.26
N ILE C 64 -0.19 -36.02 -2.69
CA ILE C 64 -1.11 -36.14 -3.81
C ILE C 64 -2.56 -36.30 -3.32
N LYS C 65 -2.78 -37.13 -2.31
CA LYS C 65 -4.13 -37.37 -1.83
C LYS C 65 -4.58 -36.32 -0.82
N ASP C 66 -3.66 -35.70 -0.10
CA ASP C 66 -3.98 -34.74 0.95
C ASP C 66 -3.00 -33.56 0.90
N PRO C 67 -3.11 -32.72 -0.14
CA PRO C 67 -2.20 -31.56 -0.22
C PRO C 67 -2.33 -30.61 0.96
N GLN C 68 -3.54 -30.44 1.49
CA GLN C 68 -3.74 -29.51 2.60
C GLN C 68 -3.00 -29.96 3.85
N GLY C 69 -3.06 -31.26 4.16
CA GLY C 69 -2.36 -31.77 5.32
C GLY C 69 -0.87 -31.94 5.14
N PHE C 70 -0.39 -31.89 3.90
CA PHE C 70 1.02 -32.09 3.60
C PHE C 70 1.75 -30.76 3.45
N PHE C 71 1.29 -29.91 2.54
CA PHE C 71 1.98 -28.65 2.28
C PHE C 71 1.66 -27.58 3.32
N GLY C 72 0.51 -27.67 3.96
CA GLY C 72 0.15 -26.72 5.00
C GLY C 72 1.22 -26.63 6.07
N PRO C 73 1.49 -27.75 6.74
CA PRO C 73 2.56 -27.74 7.75
C PRO C 73 3.92 -27.40 7.19
N LEU C 74 4.24 -27.89 5.98
CA LEU C 74 5.55 -27.61 5.41
C LEU C 74 5.70 -26.13 5.07
N ALA C 75 4.61 -25.49 4.62
CA ALA C 75 4.67 -24.06 4.35
C ALA C 75 4.92 -23.27 5.63
N LYS C 76 4.23 -23.62 6.71
CA LYS C 76 4.44 -22.92 7.98
C LYS C 76 5.83 -23.18 8.54
N GLU C 77 6.44 -24.32 8.19
CA GLU C 77 7.75 -24.66 8.72
C GLU C 77 8.86 -23.97 7.94
N LEU C 78 8.86 -24.12 6.61
CA LEU C 78 10.00 -23.69 5.82
C LEU C 78 9.99 -22.21 5.46
N LEU C 79 8.83 -21.56 5.51
CA LEU C 79 8.73 -20.16 5.14
C LEU C 79 8.25 -19.33 6.32
N SER C 80 8.74 -18.10 6.38
CA SER C 80 8.34 -17.13 7.40
C SER C 80 7.28 -16.22 6.81
N TRP C 81 6.17 -16.08 7.52
CA TRP C 81 4.98 -15.41 7.00
C TRP C 81 4.75 -14.11 7.73
N ASP C 82 4.48 -13.05 6.96
CA ASP C 82 3.99 -11.81 7.56
C ASP C 82 2.52 -11.92 7.91
N HIS C 83 1.75 -12.70 7.15
CA HIS C 83 0.35 -12.96 7.44
C HIS C 83 0.05 -14.42 7.12
N ASP C 84 -0.67 -15.08 8.03
CA ASP C 84 -0.97 -16.49 7.85
C ASP C 84 -2.00 -16.70 6.74
N PHE C 85 -1.86 -17.81 6.03
CA PHE C 85 -2.81 -18.18 4.99
C PHE C 85 -3.95 -18.98 5.60
N HIS C 86 -5.10 -18.92 4.92
CA HIS C 86 -6.31 -19.60 5.38
C HIS C 86 -6.70 -20.79 4.52
N THR C 87 -6.24 -20.86 3.27
CA THR C 87 -6.56 -21.95 2.36
C THR C 87 -5.28 -22.40 1.69
N VAL C 88 -4.99 -23.70 1.76
CA VAL C 88 -3.74 -24.21 1.22
C VAL C 88 -3.76 -24.20 -0.30
N LYS C 89 -4.87 -24.65 -0.90
CA LYS C 89 -4.92 -24.96 -2.32
C LYS C 89 -6.25 -24.49 -2.88
N SER C 90 -6.19 -23.95 -4.10
CA SER C 90 -7.39 -23.47 -4.78
C SER C 90 -7.20 -23.60 -6.28
N GLY C 91 -8.32 -23.61 -7.00
CA GLY C 91 -8.30 -23.63 -8.44
C GLY C 91 -8.06 -25.01 -9.01
N THR C 92 -8.32 -25.13 -10.32
CA THR C 92 -8.13 -26.37 -11.04
C THR C 92 -7.23 -26.12 -12.25
N LEU C 93 -6.57 -27.19 -12.69
CA LEU C 93 -5.71 -27.10 -13.86
C LEU C 93 -6.51 -26.67 -15.08
N LYS C 94 -7.72 -27.21 -15.24
CA LYS C 94 -8.51 -26.97 -16.44
C LYS C 94 -8.99 -25.52 -16.52
N ASN C 95 -9.27 -24.88 -15.39
CA ASN C 95 -9.73 -23.50 -15.38
C ASN C 95 -8.60 -22.48 -15.34
N GLY C 96 -7.36 -22.91 -15.14
CA GLY C 96 -6.25 -21.98 -15.13
C GLY C 96 -6.35 -20.94 -14.02
N ASP C 97 -6.79 -21.34 -12.84
CA ASP C 97 -6.93 -20.45 -11.70
C ASP C 97 -6.25 -21.03 -10.47
N ALA C 98 -5.13 -21.72 -10.67
CA ALA C 98 -4.41 -22.35 -9.57
C ALA C 98 -3.85 -21.31 -8.62
N ALA C 99 -3.97 -21.59 -7.32
CA ALA C 99 -3.46 -20.70 -6.29
C ALA C 99 -3.14 -21.51 -5.04
N TRP C 100 -2.10 -21.09 -4.32
CA TRP C 100 -1.63 -21.78 -3.14
C TRP C 100 -1.44 -20.80 -1.99
N PHE C 101 -1.79 -21.24 -0.78
CA PHE C 101 -1.58 -20.46 0.44
C PHE C 101 -2.27 -19.10 0.35
N LEU C 102 -3.54 -19.14 -0.02
CA LEU C 102 -4.30 -17.91 -0.24
C LEU C 102 -4.53 -17.17 1.06
N GLY C 103 -4.44 -15.84 1.00
CA GLY C 103 -4.56 -15.00 2.15
C GLY C 103 -3.25 -14.73 2.87
N GLY C 104 -2.22 -15.54 2.61
CA GLY C 104 -0.95 -15.34 3.27
C GLY C 104 -0.18 -14.18 2.67
N GLU C 105 0.69 -13.60 3.50
CA GLU C 105 1.58 -12.54 3.06
C GLU C 105 2.99 -12.82 3.56
N LEU C 106 3.98 -12.47 2.74
CA LEU C 106 5.38 -12.75 3.04
C LEU C 106 6.24 -11.90 2.10
N ASN C 107 7.55 -12.05 2.21
CA ASN C 107 8.49 -11.36 1.36
C ASN C 107 9.70 -12.26 1.12
N ALA C 108 10.08 -12.42 -0.16
CA ALA C 108 11.12 -13.37 -0.52
C ALA C 108 12.48 -12.97 0.04
N SER C 109 12.81 -11.68 0.02
CA SER C 109 14.12 -11.26 0.50
C SER C 109 14.24 -11.44 2.02
N TYR C 110 13.14 -11.25 2.75
CA TYR C 110 13.18 -11.55 4.18
C TYR C 110 13.45 -13.04 4.41
N ASN C 111 12.82 -13.90 3.60
CA ASN C 111 13.02 -15.33 3.78
C ASN C 111 14.39 -15.78 3.32
N CYS C 112 14.98 -15.08 2.35
CA CYS C 112 16.27 -15.45 1.81
C CYS C 112 17.44 -14.75 2.48
N VAL C 113 17.20 -13.63 3.16
CA VAL C 113 18.29 -12.84 3.72
C VAL C 113 18.05 -12.51 5.19
N ASP C 114 17.03 -11.71 5.47
CA ASP C 114 16.90 -11.10 6.79
C ASP C 114 16.87 -12.16 7.88
N ARG C 115 15.96 -13.13 7.78
CA ARG C 115 15.77 -14.07 8.88
C ARG C 115 17.06 -14.83 9.20
N HIS C 116 17.93 -15.01 8.21
CA HIS C 116 19.21 -15.65 8.47
C HIS C 116 20.23 -14.67 9.03
N ALA C 117 20.22 -13.43 8.54
CA ALA C 117 21.15 -12.42 9.05
C ALA C 117 20.88 -12.13 10.52
N PHE C 118 19.62 -12.14 10.94
CA PHE C 118 19.30 -11.88 12.34
C PHE C 118 19.80 -13.00 13.23
N ALA C 119 19.88 -14.23 12.72
CA ALA C 119 20.33 -15.35 13.52
C ALA C 119 21.85 -15.41 13.59
N ASN C 120 22.51 -15.50 12.43
CA ASN C 120 23.97 -15.52 12.35
C ASN C 120 24.38 -14.57 11.24
N PRO C 121 24.57 -13.28 11.55
CA PRO C 121 24.89 -12.31 10.49
C PRO C 121 26.23 -12.56 9.83
N ASP C 122 27.11 -13.36 10.42
CA ASP C 122 28.42 -13.61 9.87
C ASP C 122 28.51 -14.93 9.10
N LYS C 123 27.40 -15.66 8.98
CA LYS C 123 27.42 -16.88 8.19
C LYS C 123 27.56 -16.53 6.71
N PRO C 124 28.41 -17.25 5.97
CA PRO C 124 28.54 -16.95 4.54
C PRO C 124 27.22 -17.14 3.81
N ALA C 125 26.92 -16.20 2.91
CA ALA C 125 25.72 -16.25 2.08
C ALA C 125 26.06 -16.43 0.60
N LEU C 126 26.78 -15.47 0.02
CA LEU C 126 27.21 -15.54 -1.38
C LEU C 126 28.71 -15.77 -1.42
N ILE C 127 29.11 -16.93 -1.94
CA ILE C 127 30.52 -17.21 -2.20
C ILE C 127 30.76 -16.86 -3.66
N CYS C 128 31.23 -15.63 -3.89
CA CYS C 128 31.39 -15.10 -5.24
C CYS C 128 32.78 -15.45 -5.75
N GLU C 129 32.84 -16.43 -6.65
CA GLU C 129 34.06 -16.77 -7.37
C GLU C 129 34.04 -16.01 -8.69
N ALA C 130 34.90 -15.01 -8.82
CA ALA C 130 34.94 -14.17 -10.01
C ALA C 130 35.64 -14.91 -11.15
N ASP C 131 35.57 -14.30 -12.34
CA ASP C 131 36.24 -14.88 -13.51
C ASP C 131 37.72 -15.07 -13.24
N ASP C 132 38.38 -14.03 -12.73
CA ASP C 132 39.73 -14.13 -12.18
C ASP C 132 39.62 -14.30 -10.68
N GLU C 133 40.22 -15.36 -10.15
CA GLU C 133 40.09 -15.65 -8.74
C GLU C 133 40.62 -14.52 -7.87
N LYS C 134 41.47 -13.66 -8.41
CA LYS C 134 41.97 -12.52 -7.66
C LYS C 134 40.84 -11.55 -7.31
N ASP C 135 39.69 -11.67 -7.98
CA ASP C 135 38.53 -10.82 -7.72
C ASP C 135 37.45 -11.52 -6.91
N SER C 136 37.74 -12.71 -6.37
CA SER C 136 36.76 -13.45 -5.59
C SER C 136 36.58 -12.83 -4.20
N HIS C 137 35.40 -13.02 -3.64
CA HIS C 137 35.08 -12.50 -2.31
C HIS C 137 33.88 -13.27 -1.77
N ILE C 138 33.56 -13.03 -0.50
CA ILE C 138 32.46 -13.69 0.18
C ILE C 138 31.62 -12.64 0.89
N LEU C 139 30.30 -12.72 0.70
CA LEU C 139 29.34 -11.87 1.41
C LEU C 139 28.62 -12.71 2.44
N THR C 140 28.68 -12.30 3.71
CA THR C 140 27.89 -12.94 4.74
C THR C 140 26.44 -12.45 4.66
N TYR C 141 25.55 -13.15 5.37
CA TYR C 141 24.15 -12.76 5.35
C TYR C 141 23.96 -11.35 5.87
N GLY C 142 24.78 -10.91 6.83
CA GLY C 142 24.75 -9.52 7.23
C GLY C 142 25.17 -8.59 6.12
N ASP C 143 26.25 -8.95 5.41
CA ASP C 143 26.67 -8.18 4.26
C ASP C 143 25.57 -8.14 3.20
N LEU C 144 24.93 -9.28 2.95
CA LEU C 144 23.91 -9.36 1.91
C LEU C 144 22.70 -8.51 2.28
N LEU C 145 22.34 -8.47 3.56
CA LEU C 145 21.21 -7.65 3.98
C LEU C 145 21.49 -6.18 3.74
N ARG C 146 22.69 -5.71 4.07
CA ARG C 146 23.02 -4.31 3.87
C ARG C 146 23.05 -3.93 2.39
N GLU C 147 23.64 -4.78 1.55
CA GLU C 147 23.72 -4.47 0.13
C GLU C 147 22.35 -4.51 -0.52
N VAL C 148 21.54 -5.53 -0.21
CA VAL C 148 20.19 -5.60 -0.75
C VAL C 148 19.38 -4.39 -0.32
N SER C 149 19.50 -4.00 0.96
CA SER C 149 18.76 -2.85 1.46
C SER C 149 19.15 -1.57 0.74
N LYS C 150 20.43 -1.40 0.43
CA LYS C 150 20.88 -0.18 -0.25
C LYS C 150 20.33 -0.12 -1.67
N VAL C 151 20.39 -1.22 -2.41
CA VAL C 151 19.89 -1.23 -3.77
C VAL C 151 18.38 -1.01 -3.78
N ALA C 152 17.65 -1.66 -2.87
CA ALA C 152 16.22 -1.41 -2.76
C ALA C 152 15.93 0.03 -2.35
N GLY C 153 16.80 0.62 -1.53
CA GLY C 153 16.64 2.02 -1.18
C GLY C 153 16.80 2.94 -2.38
N VAL C 154 17.75 2.62 -3.27
CA VAL C 154 17.89 3.37 -4.51
C VAL C 154 16.63 3.22 -5.35
N LEU C 155 16.22 1.99 -5.61
CA LEU C 155 15.05 1.75 -6.46
C LEU C 155 13.81 2.42 -5.88
N GLN C 156 13.63 2.34 -4.56
CA GLN C 156 12.45 2.94 -3.93
C GLN C 156 12.44 4.45 -4.15
N SER C 157 13.61 5.10 -4.01
CA SER C 157 13.68 6.53 -4.25
C SER C 157 13.39 6.88 -5.70
N TRP C 158 13.60 5.94 -6.62
CA TRP C 158 13.30 6.16 -8.03
C TRP C 158 11.83 5.95 -8.36
N GLY C 159 11.02 5.58 -7.38
CA GLY C 159 9.60 5.35 -7.61
C GLY C 159 9.21 3.91 -7.84
N ILE C 160 10.15 2.98 -7.78
CA ILE C 160 9.83 1.56 -7.95
C ILE C 160 8.98 1.13 -6.75
N LYS C 161 7.72 0.82 -7.01
CA LYS C 161 6.79 0.42 -5.96
C LYS C 161 6.24 -0.97 -6.28
N LYS C 162 5.43 -1.49 -5.37
CA LYS C 162 4.87 -2.82 -5.54
C LYS C 162 4.02 -2.88 -6.80
N GLY C 163 4.20 -3.96 -7.57
CA GLY C 163 3.53 -4.13 -8.83
C GLY C 163 4.33 -3.71 -10.05
N ASP C 164 5.44 -3.01 -9.85
CA ASP C 164 6.31 -2.66 -10.97
C ASP C 164 7.23 -3.84 -11.30
N THR C 165 7.79 -3.80 -12.51
CA THR C 165 8.76 -4.78 -12.95
C THR C 165 10.08 -4.06 -13.24
N VAL C 166 11.18 -4.65 -12.79
CA VAL C 166 12.52 -4.09 -12.99
C VAL C 166 13.37 -5.14 -13.68
N ALA C 167 13.96 -4.77 -14.81
CA ALA C 167 14.78 -5.69 -15.59
C ALA C 167 16.21 -5.71 -15.07
N VAL C 168 16.84 -6.88 -15.16
CA VAL C 168 18.23 -7.06 -14.75
C VAL C 168 18.97 -7.71 -15.91
N TYR C 169 20.03 -7.05 -16.37
CA TYR C 169 20.89 -7.54 -17.44
C TYR C 169 22.30 -7.58 -16.87
N LEU C 170 22.62 -8.67 -16.18
CA LEU C 170 23.90 -8.80 -15.48
C LEU C 170 24.46 -10.19 -15.68
N PRO C 171 25.78 -10.34 -15.62
CA PRO C 171 26.38 -11.68 -15.61
C PRO C 171 26.06 -12.42 -14.33
N MET C 172 26.64 -13.61 -14.16
CA MET C 172 26.39 -14.46 -12.99
C MET C 172 27.41 -14.10 -11.91
N ASN C 173 27.13 -13.02 -11.19
CA ASN C 173 27.98 -12.58 -10.10
C ASN C 173 27.11 -12.12 -8.93
N ALA C 174 27.76 -11.64 -7.87
CA ALA C 174 27.04 -11.26 -6.66
C ALA C 174 26.07 -10.11 -6.91
N GLN C 175 26.39 -9.22 -7.84
CA GLN C 175 25.50 -8.09 -8.10
C GLN C 175 24.18 -8.53 -8.71
N ALA C 176 24.19 -9.60 -9.51
CA ALA C 176 22.93 -10.13 -10.04
C ALA C 176 22.03 -10.61 -8.92
N ILE C 177 22.58 -11.37 -7.96
CA ILE C 177 21.77 -11.85 -6.85
C ILE C 177 21.26 -10.68 -6.01
N ILE C 178 22.11 -9.69 -5.77
CA ILE C 178 21.69 -8.53 -4.99
C ILE C 178 20.57 -7.79 -5.69
N ALA C 179 20.69 -7.61 -7.01
CA ALA C 179 19.67 -6.88 -7.75
C ALA C 179 18.32 -7.60 -7.67
N MET C 180 18.34 -8.92 -7.90
CA MET C 180 17.09 -9.69 -7.86
C MET C 180 16.41 -9.58 -6.50
N LEU C 181 17.18 -9.71 -5.42
CA LEU C 181 16.60 -9.66 -4.09
C LEU C 181 16.16 -8.25 -3.71
N ALA C 182 16.86 -7.22 -4.19
CA ALA C 182 16.46 -5.85 -3.90
C ALA C 182 15.14 -5.51 -4.59
N ILE C 183 14.95 -5.98 -5.83
CA ILE C 183 13.69 -5.78 -6.52
C ILE C 183 12.56 -6.46 -5.76
N ALA C 184 12.76 -7.72 -5.37
CA ALA C 184 11.71 -8.47 -4.67
C ALA C 184 11.44 -7.87 -3.29
N ARG C 185 12.42 -7.19 -2.69
CA ARG C 185 12.23 -6.60 -1.39
C ARG C 185 11.16 -5.51 -1.42
N LEU C 186 11.00 -4.84 -2.56
CA LEU C 186 10.03 -3.76 -2.70
C LEU C 186 8.65 -4.26 -3.15
N GLY C 187 8.50 -5.56 -3.38
CA GLY C 187 7.28 -6.07 -3.94
C GLY C 187 7.21 -6.02 -5.45
N ALA C 188 8.28 -5.59 -6.10
CA ALA C 188 8.35 -5.56 -7.56
C ALA C 188 8.86 -6.91 -8.09
N ALA C 189 8.53 -7.19 -9.33
CA ALA C 189 8.92 -8.43 -9.98
C ALA C 189 10.14 -8.17 -10.86
N HIS C 190 11.20 -8.95 -10.64
CA HIS C 190 12.40 -8.84 -11.46
C HIS C 190 12.29 -9.72 -12.68
N SER C 191 12.77 -9.21 -13.81
CA SER C 191 12.80 -9.92 -15.09
C SER C 191 14.27 -9.98 -15.49
N VAL C 192 14.93 -11.07 -15.12
CA VAL C 192 16.36 -11.22 -15.40
C VAL C 192 16.56 -11.58 -16.86
N ILE C 193 17.47 -10.87 -17.52
CA ILE C 193 17.80 -11.11 -18.92
C ILE C 193 19.21 -11.68 -18.98
N PHE C 194 19.32 -12.91 -19.48
CA PHE C 194 20.60 -13.59 -19.59
C PHE C 194 21.62 -12.69 -20.30
N ALA C 195 22.81 -12.58 -19.72
CA ALA C 195 23.80 -11.65 -20.22
C ALA C 195 24.28 -12.00 -21.63
N GLY C 196 23.98 -13.19 -22.12
CA GLY C 196 24.34 -13.57 -23.47
C GLY C 196 23.36 -13.16 -24.54
N PHE C 197 22.31 -12.42 -24.19
CA PHE C 197 21.36 -11.95 -25.17
C PHE C 197 21.86 -10.67 -25.83
N SER C 198 21.30 -10.37 -26.98
CA SER C 198 21.65 -9.18 -27.75
C SER C 198 20.62 -8.08 -27.52
N ALA C 199 20.90 -6.91 -28.09
CA ALA C 199 20.01 -5.77 -27.91
C ALA C 199 18.58 -6.07 -28.36
N GLY C 200 18.43 -6.94 -29.36
CA GLY C 200 17.10 -7.29 -29.81
C GLY C 200 16.33 -8.06 -28.75
N SER C 201 16.96 -9.07 -28.17
CA SER C 201 16.30 -9.85 -27.12
C SER C 201 16.06 -9.00 -25.87
N ILE C 202 17.00 -8.11 -25.54
CA ILE C 202 16.78 -7.19 -24.43
C ILE C 202 15.56 -6.32 -24.71
N LYS C 203 15.45 -5.83 -25.94
CA LYS C 203 14.36 -4.92 -26.30
C LYS C 203 13.00 -5.57 -26.10
N ASP C 204 12.82 -6.77 -26.66
CA ASP C 204 11.52 -7.43 -26.57
C ASP C 204 11.10 -7.68 -25.12
N ARG C 205 12.03 -8.15 -24.29
CA ARG C 205 11.69 -8.49 -22.92
C ARG C 205 11.37 -7.25 -22.09
N VAL C 206 12.17 -6.20 -22.25
CA VAL C 206 11.95 -4.99 -21.46
C VAL C 206 10.60 -4.36 -21.80
N ASN C 207 10.26 -4.30 -23.08
CA ASN C 207 9.03 -3.64 -23.50
C ASN C 207 7.79 -4.48 -23.23
N ASP C 208 7.92 -5.81 -23.20
CA ASP C 208 6.76 -6.64 -22.89
C ASP C 208 6.32 -6.44 -21.44
N ALA C 209 7.28 -6.36 -20.51
CA ALA C 209 6.98 -6.17 -19.11
C ALA C 209 6.79 -4.69 -18.73
N SER C 210 7.11 -3.77 -19.62
CA SER C 210 6.99 -2.34 -19.35
C SER C 210 7.84 -1.94 -18.14
N CYS C 211 9.08 -2.42 -18.12
CA CYS C 211 9.97 -2.18 -16.99
C CYS C 211 10.22 -0.68 -16.81
N LYS C 212 10.16 -0.22 -15.56
CA LYS C 212 10.44 1.17 -15.23
C LYS C 212 11.92 1.44 -14.99
N ALA C 213 12.72 0.41 -14.69
CA ALA C 213 14.13 0.58 -14.40
C ALA C 213 14.91 -0.62 -14.92
N LEU C 214 16.22 -0.46 -15.00
CA LEU C 214 17.11 -1.50 -15.46
C LEU C 214 18.39 -1.48 -14.62
N ILE C 215 18.85 -2.66 -14.20
CA ILE C 215 20.10 -2.81 -13.48
C ILE C 215 21.06 -3.61 -14.37
N THR C 216 22.24 -3.06 -14.61
CA THR C 216 23.23 -3.68 -15.47
C THR C 216 24.62 -3.24 -15.03
N CYS C 217 25.64 -3.54 -15.83
CA CYS C 217 27.00 -3.17 -15.53
C CYS C 217 27.68 -2.63 -16.79
N ASP C 218 28.86 -2.03 -16.60
CA ASP C 218 29.57 -1.42 -17.71
C ASP C 218 30.11 -2.48 -18.68
N GLU C 219 30.82 -3.47 -18.16
CA GLU C 219 31.39 -4.53 -18.98
C GLU C 219 31.39 -5.82 -18.17
N GLY C 220 31.55 -6.93 -18.87
CA GLY C 220 31.57 -8.24 -18.25
C GLY C 220 32.90 -8.93 -18.45
N LYS C 221 33.21 -9.84 -17.52
CA LYS C 221 34.43 -10.64 -17.58
C LYS C 221 34.03 -12.11 -17.51
N ARG C 222 34.24 -12.83 -18.61
CA ARG C 222 33.91 -14.25 -18.66
C ARG C 222 34.92 -14.94 -19.56
N GLY C 223 35.62 -15.93 -19.02
CA GLY C 223 36.66 -16.60 -19.77
C GLY C 223 37.87 -15.74 -20.06
N GLY C 224 38.06 -14.66 -19.30
CA GLY C 224 39.13 -13.73 -19.54
C GLY C 224 38.84 -12.67 -20.59
N ARG C 225 37.75 -12.81 -21.33
CA ARG C 225 37.40 -11.87 -22.39
C ARG C 225 36.38 -10.86 -21.89
N THR C 226 36.57 -9.60 -22.27
CA THR C 226 35.66 -8.53 -21.88
C THR C 226 34.48 -8.45 -22.82
N THR C 227 33.27 -8.39 -22.25
CA THR C 227 32.04 -8.31 -23.02
C THR C 227 31.42 -6.92 -22.87
N ASN C 228 30.78 -6.45 -23.93
CA ASN C 228 30.14 -5.13 -23.94
C ASN C 228 28.72 -5.30 -23.42
N ILE C 229 28.49 -4.89 -22.18
CA ILE C 229 27.19 -5.04 -21.53
C ILE C 229 26.40 -3.74 -21.67
N LYS C 230 26.97 -2.65 -21.16
CA LYS C 230 26.26 -1.37 -21.17
C LYS C 230 25.98 -0.89 -22.59
N LYS C 231 26.88 -1.15 -23.54
CA LYS C 231 26.63 -0.74 -24.91
C LYS C 231 25.41 -1.45 -25.48
N LEU C 232 25.26 -2.74 -25.18
CA LEU C 232 24.07 -3.45 -25.63
C LEU C 232 22.82 -2.91 -24.96
N CYS C 233 22.91 -2.47 -23.70
CA CYS C 233 21.77 -1.86 -23.05
C CYS C 233 21.39 -0.56 -23.75
N ASP C 234 22.37 0.33 -23.94
CA ASP C 234 22.11 1.58 -24.63
C ASP C 234 21.48 1.33 -25.99
N GLU C 235 21.95 0.28 -26.68
CA GLU C 235 21.39 -0.05 -27.99
C GLU C 235 19.92 -0.43 -27.90
N ALA C 236 19.54 -1.16 -26.84
CA ALA C 236 18.16 -1.59 -26.69
C ALA C 236 17.28 -0.46 -26.17
N LEU C 237 17.79 0.37 -25.27
CA LEU C 237 16.97 1.33 -24.55
C LEU C 237 16.41 2.45 -25.42
N VAL C 238 16.87 2.60 -26.66
CA VAL C 238 16.29 3.62 -27.53
C VAL C 238 14.86 3.26 -27.92
N ASP C 239 14.48 1.98 -27.83
CA ASP C 239 13.13 1.54 -28.10
C ASP C 239 12.41 1.08 -26.82
N CYS C 240 12.86 1.53 -25.66
CA CYS C 240 12.30 1.15 -24.37
C CYS C 240 11.86 2.41 -23.64
N PRO C 241 10.72 2.98 -24.02
CA PRO C 241 10.30 4.25 -23.41
C PRO C 241 9.89 4.13 -21.96
N THR C 242 9.64 2.91 -21.47
CA THR C 242 9.21 2.74 -20.10
C THR C 242 10.36 2.82 -19.11
N VAL C 243 11.58 2.56 -19.55
CA VAL C 243 12.73 2.57 -18.64
C VAL C 243 13.07 4.02 -18.30
N GLU C 244 12.91 4.38 -17.03
CA GLU C 244 13.13 5.74 -16.59
C GLU C 244 14.54 5.97 -16.04
N LYS C 245 15.13 4.97 -15.41
CA LYS C 245 16.47 5.09 -14.85
C LYS C 245 17.17 3.76 -14.95
N VAL C 246 18.49 3.80 -15.00
CA VAL C 246 19.31 2.60 -15.11
C VAL C 246 20.43 2.67 -14.07
N LEU C 247 20.56 1.63 -13.27
CA LEU C 247 21.61 1.52 -12.26
C LEU C 247 22.75 0.70 -12.86
N VAL C 248 23.94 1.29 -12.89
CA VAL C 248 25.08 0.71 -13.60
C VAL C 248 26.16 0.36 -12.59
N TYR C 249 26.58 -0.91 -12.59
CA TYR C 249 27.63 -1.39 -11.71
C TYR C 249 28.98 -1.34 -12.43
N LYS C 250 29.99 -0.86 -11.72
CA LYS C 250 31.34 -0.74 -12.26
C LYS C 250 32.04 -2.09 -12.09
N ARG C 251 31.82 -2.99 -13.04
CA ARG C 251 32.49 -4.29 -12.99
C ARG C 251 33.96 -4.16 -13.36
N THR C 252 34.26 -3.41 -14.43
CA THR C 252 35.62 -3.19 -14.89
C THR C 252 36.10 -1.77 -14.67
N ASN C 253 35.22 -0.84 -14.34
CA ASN C 253 35.60 0.56 -14.10
C ASN C 253 36.23 1.18 -15.35
N ASN C 254 35.78 0.76 -16.52
CA ASN C 254 36.31 1.29 -17.78
C ASN C 254 35.89 2.74 -17.96
N PRO C 255 36.83 3.69 -18.04
CA PRO C 255 36.44 5.11 -18.12
C PRO C 255 35.82 5.51 -19.45
N GLU C 256 35.84 4.64 -20.46
CA GLU C 256 35.31 4.96 -21.77
C GLU C 256 33.83 4.62 -21.92
N ILE C 257 33.21 4.07 -20.88
CA ILE C 257 31.81 3.67 -20.95
C ILE C 257 30.93 4.89 -20.66
N HIS C 258 30.07 5.23 -21.62
CA HIS C 258 29.25 6.43 -21.54
C HIS C 258 27.96 6.15 -20.79
N LEU C 259 27.55 7.10 -19.97
CA LEU C 259 26.28 7.06 -19.26
C LEU C 259 25.40 8.19 -19.76
N THR C 260 24.16 7.86 -20.13
CA THR C 260 23.23 8.87 -20.61
C THR C 260 22.86 9.81 -19.46
N GLU C 261 23.09 11.10 -19.65
CA GLU C 261 22.82 12.07 -18.60
C GLU C 261 21.33 12.11 -18.30
N GLY C 262 20.99 12.07 -17.01
CA GLY C 262 19.61 12.09 -16.57
C GLY C 262 18.95 10.73 -16.48
N ARG C 263 19.55 9.68 -17.04
CA ARG C 263 18.96 8.35 -17.01
C ARG C 263 19.83 7.34 -16.28
N ASP C 264 21.12 7.30 -16.56
CA ASP C 264 22.02 6.29 -16.01
C ASP C 264 22.73 6.84 -14.77
N TYR C 265 22.79 6.01 -13.72
CA TYR C 265 23.44 6.36 -12.47
C TYR C 265 24.29 5.19 -12.01
N TYR C 266 25.33 5.49 -11.24
CA TYR C 266 26.29 4.47 -10.83
C TYR C 266 25.85 3.77 -9.55
N TRP C 267 26.04 2.44 -9.54
CA TRP C 267 25.71 1.61 -8.38
C TRP C 267 26.35 2.16 -7.12
N ASP C 268 27.67 2.27 -7.11
CA ASP C 268 28.37 2.66 -5.89
C ASP C 268 27.97 4.05 -5.42
N VAL C 269 27.74 4.95 -6.37
CA VAL C 269 27.38 6.33 -6.03
C VAL C 269 26.02 6.37 -5.34
N GLU C 270 25.04 5.66 -5.91
CA GLU C 270 23.67 5.76 -5.41
C GLU C 270 23.47 4.99 -4.13
N THR C 271 24.03 3.78 -4.05
CA THR C 271 23.89 2.96 -2.84
C THR C 271 24.54 3.62 -1.64
N ALA C 272 25.54 4.47 -1.87
CA ALA C 272 26.20 5.15 -0.75
C ALA C 272 25.30 6.16 -0.07
N LYS C 273 24.22 6.59 -0.74
CA LYS C 273 23.33 7.59 -0.16
C LYS C 273 22.27 6.98 0.76
N PHE C 274 22.16 5.67 0.83
CA PHE C 274 21.06 5.03 1.53
C PHE C 274 21.57 4.07 2.61
N PRO C 275 20.77 3.84 3.65
CA PRO C 275 21.24 3.03 4.78
C PRO C 275 21.25 1.54 4.47
N GLY C 276 21.86 0.79 5.39
CA GLY C 276 22.04 -0.65 5.30
C GLY C 276 20.86 -1.48 5.75
N TYR C 277 19.71 -0.86 6.06
CA TYR C 277 18.49 -1.62 6.27
C TYR C 277 17.32 -0.86 5.67
N LEU C 278 16.47 -1.57 4.94
CA LEU C 278 15.24 -1.04 4.39
C LEU C 278 14.13 -2.03 4.70
N PRO C 279 13.01 -1.61 5.26
CA PRO C 279 11.92 -2.56 5.55
C PRO C 279 11.49 -3.29 4.31
N PRO C 280 11.30 -4.60 4.37
CA PRO C 280 10.74 -5.32 3.22
C PRO C 280 9.25 -5.08 3.12
N VAL C 281 8.74 -5.24 1.90
CA VAL C 281 7.35 -4.99 1.58
C VAL C 281 6.61 -6.33 1.53
N SER C 282 5.59 -6.47 2.38
CA SER C 282 4.79 -7.68 2.38
C SER C 282 3.99 -7.77 1.08
N VAL C 283 3.98 -8.97 0.50
CA VAL C 283 3.20 -9.23 -0.70
C VAL C 283 2.31 -10.42 -0.44
N ASN C 284 1.31 -10.59 -1.29
CA ASN C 284 0.45 -11.76 -1.20
C ASN C 284 1.18 -12.99 -1.71
N SER C 285 0.71 -14.15 -1.27
CA SER C 285 1.28 -15.41 -1.74
C SER C 285 1.27 -15.45 -3.26
N GLU C 286 0.19 -15.00 -3.88
CA GLU C 286 0.02 -15.08 -5.32
C GLU C 286 0.42 -13.81 -6.05
N ASP C 287 1.09 -12.89 -5.38
CA ASP C 287 1.70 -11.76 -6.07
C ASP C 287 2.91 -12.24 -6.85
N PRO C 288 3.13 -11.73 -8.07
CA PRO C 288 4.24 -12.23 -8.88
C PRO C 288 5.57 -11.95 -8.23
N LEU C 289 6.41 -12.98 -8.13
CA LEU C 289 7.77 -12.80 -7.65
C LEU C 289 8.70 -12.36 -8.77
N PHE C 290 8.61 -12.99 -9.94
CA PHE C 290 9.52 -12.66 -11.03
C PHE C 290 8.94 -13.09 -12.36
N LEU C 291 9.46 -12.48 -13.42
CA LEU C 291 9.25 -12.92 -14.79
C LEU C 291 10.55 -13.53 -15.31
N LEU C 292 10.40 -14.56 -16.15
CA LEU C 292 11.55 -15.17 -16.81
C LEU C 292 11.09 -15.60 -18.19
N TYR C 293 11.54 -14.88 -19.22
CA TYR C 293 11.06 -15.10 -20.57
C TYR C 293 11.72 -16.35 -21.15
N THR C 294 10.89 -17.34 -21.50
CA THR C 294 11.36 -18.60 -22.06
C THR C 294 10.92 -18.70 -23.51
N SER C 295 11.61 -19.57 -24.25
CA SER C 295 11.35 -19.79 -25.66
C SER C 295 10.57 -21.09 -25.82
N GLY C 296 9.40 -21.01 -26.42
CA GLY C 296 8.61 -22.17 -26.76
C GLY C 296 8.40 -22.22 -28.26
N SER C 297 7.58 -23.16 -28.73
CA SER C 297 7.24 -23.19 -30.16
C SER C 297 6.30 -22.02 -30.40
N THR C 298 6.82 -20.80 -30.25
CA THR C 298 6.02 -19.57 -30.21
C THR C 298 6.49 -18.52 -31.20
N GLY C 299 7.80 -18.37 -31.38
CA GLY C 299 8.35 -17.40 -32.31
C GLY C 299 8.83 -16.17 -31.57
N THR C 300 8.05 -15.74 -30.58
CA THR C 300 8.38 -14.63 -29.71
C THR C 300 8.44 -15.14 -28.28
N PRO C 301 9.53 -14.90 -27.55
CA PRO C 301 9.61 -15.39 -26.16
C PRO C 301 8.46 -14.87 -25.30
N LYS C 302 7.93 -15.76 -24.47
CA LYS C 302 6.81 -15.45 -23.59
C LYS C 302 7.27 -15.34 -22.16
N GLY C 303 6.74 -14.34 -21.45
CA GLY C 303 7.13 -14.09 -20.07
C GLY C 303 6.45 -15.00 -19.07
N VAL C 304 7.20 -15.97 -18.55
CA VAL C 304 6.68 -16.91 -17.57
C VAL C 304 6.63 -16.22 -16.21
N VAL C 305 5.47 -16.28 -15.55
CA VAL C 305 5.23 -15.58 -14.30
C VAL C 305 5.09 -16.61 -13.18
N HIS C 306 5.83 -16.40 -12.09
CA HIS C 306 5.77 -17.27 -10.93
C HIS C 306 5.25 -16.50 -9.73
N SER C 307 4.46 -17.19 -8.92
CA SER C 307 3.97 -16.62 -7.67
C SER C 307 5.12 -16.49 -6.67
N THR C 308 4.79 -16.05 -5.46
CA THR C 308 5.80 -15.89 -4.42
C THR C 308 5.83 -17.09 -3.48
N ALA C 309 4.76 -17.29 -2.71
CA ALA C 309 4.77 -18.33 -1.69
C ALA C 309 4.89 -19.72 -2.33
N GLY C 310 4.08 -19.98 -3.35
CA GLY C 310 4.16 -21.28 -4.01
C GLY C 310 5.54 -21.56 -4.57
N TYR C 311 6.11 -20.59 -5.28
CA TYR C 311 7.43 -20.79 -5.86
C TYR C 311 8.48 -20.99 -4.78
N LEU C 312 8.45 -20.14 -3.74
CA LEU C 312 9.46 -20.23 -2.69
C LEU C 312 9.43 -21.60 -2.01
N LEU C 313 8.24 -22.10 -1.69
CA LEU C 313 8.14 -23.42 -1.06
C LEU C 313 8.73 -24.49 -1.98
N GLY C 314 8.37 -24.46 -3.26
CA GLY C 314 8.93 -25.44 -4.19
C GLY C 314 10.44 -25.41 -4.22
N ALA C 315 11.02 -24.20 -4.17
CA ALA C 315 12.48 -24.08 -4.16
C ALA C 315 13.06 -24.65 -2.88
N ALA C 316 12.47 -24.29 -1.73
CA ALA C 316 12.96 -24.78 -0.45
C ALA C 316 12.71 -26.28 -0.31
N LEU C 317 11.53 -26.74 -0.73
CA LEU C 317 11.17 -28.15 -0.55
C LEU C 317 12.08 -29.05 -1.38
N SER C 318 12.22 -28.75 -2.68
CA SER C 318 13.04 -29.60 -3.54
C SER C 318 14.51 -29.55 -3.15
N THR C 319 15.03 -28.35 -2.90
CA THR C 319 16.43 -28.24 -2.51
C THR C 319 16.72 -29.00 -1.23
N LYS C 320 15.82 -28.92 -0.25
CA LYS C 320 16.04 -29.60 1.02
C LYS C 320 16.03 -31.11 0.84
N TYR C 321 15.06 -31.65 0.10
CA TYR C 321 14.81 -33.08 0.06
C TYR C 321 15.47 -33.78 -1.12
N ILE C 322 15.45 -33.20 -2.31
CA ILE C 322 16.04 -33.87 -3.46
C ILE C 322 17.56 -33.83 -3.37
N PHE C 323 18.12 -32.70 -2.95
CA PHE C 323 19.57 -32.57 -2.81
C PHE C 323 20.06 -32.92 -1.40
N ASP C 324 19.15 -33.08 -0.44
CA ASP C 324 19.50 -33.35 0.95
C ASP C 324 20.43 -32.26 1.49
N ILE C 325 19.88 -31.05 1.56
CA ILE C 325 20.62 -29.87 2.00
C ILE C 325 20.36 -29.66 3.48
N HIS C 326 21.44 -29.49 4.25
CA HIS C 326 21.38 -29.25 5.68
C HIS C 326 22.04 -27.91 5.98
N PRO C 327 21.81 -27.36 7.17
CA PRO C 327 22.37 -26.03 7.48
C PRO C 327 23.88 -25.96 7.32
N GLU C 328 24.58 -27.08 7.50
CA GLU C 328 26.04 -27.11 7.46
C GLU C 328 26.58 -27.28 6.04
N ASP C 329 25.73 -27.34 5.03
CA ASP C 329 26.15 -27.68 3.68
C ASP C 329 26.49 -26.44 2.88
N ILE C 330 27.20 -26.65 1.77
CA ILE C 330 27.58 -25.60 0.84
C ILE C 330 27.21 -26.07 -0.57
N LEU C 331 26.42 -25.26 -1.29
CA LEU C 331 25.89 -25.62 -2.59
C LEU C 331 26.58 -24.82 -3.68
N PHE C 332 27.01 -25.50 -4.74
CA PHE C 332 27.64 -24.88 -5.91
C PHE C 332 26.82 -25.27 -7.14
N THR C 333 25.85 -24.43 -7.49
CA THR C 333 25.09 -24.60 -8.73
C THR C 333 25.84 -23.88 -9.85
N ALA C 334 26.44 -24.65 -10.74
CA ALA C 334 27.21 -24.11 -11.86
C ALA C 334 26.27 -23.68 -12.99
N GLY C 335 25.41 -22.71 -12.67
CA GLY C 335 24.44 -22.19 -13.62
C GLY C 335 24.45 -20.67 -13.67
N ASP C 336 23.45 -20.11 -14.33
CA ASP C 336 23.36 -18.67 -14.53
C ASP C 336 21.95 -18.20 -14.20
N VAL C 337 21.86 -17.07 -13.50
CA VAL C 337 20.56 -16.53 -13.13
C VAL C 337 19.73 -16.10 -14.33
N GLY C 338 20.33 -16.03 -15.53
CA GLY C 338 19.56 -15.79 -16.72
C GLY C 338 18.62 -16.92 -17.11
N TRP C 339 18.73 -18.05 -16.42
CA TRP C 339 17.88 -19.21 -16.65
C TRP C 339 17.30 -19.66 -15.32
N ILE C 340 16.24 -20.47 -15.39
CA ILE C 340 15.51 -20.84 -14.18
C ILE C 340 16.41 -21.59 -13.21
N THR C 341 17.44 -22.27 -13.71
CA THR C 341 18.31 -23.03 -12.82
C THR C 341 19.06 -22.10 -11.85
N GLY C 342 19.54 -20.96 -12.35
CA GLY C 342 20.13 -19.98 -11.45
C GLY C 342 19.11 -19.36 -10.52
N HIS C 343 17.89 -19.13 -11.02
CA HIS C 343 16.83 -18.60 -10.17
C HIS C 343 16.59 -19.50 -8.97
N THR C 344 16.27 -20.77 -9.23
CA THR C 344 15.72 -21.62 -8.19
C THR C 344 16.79 -22.25 -7.31
N TYR C 345 17.90 -22.68 -7.90
CA TYR C 345 18.87 -23.51 -7.18
C TYR C 345 20.24 -22.88 -7.03
N ALA C 346 20.42 -21.63 -7.48
CA ALA C 346 21.59 -20.83 -7.13
C ALA C 346 21.25 -19.67 -6.20
N LEU C 347 20.00 -19.20 -6.20
CA LEU C 347 19.58 -18.08 -5.38
C LEU C 347 18.55 -18.50 -4.35
N TYR C 348 17.33 -18.88 -4.77
CA TYR C 348 16.24 -19.00 -3.82
C TYR C 348 16.32 -20.28 -3.00
N GLY C 349 16.58 -21.41 -3.65
CA GLY C 349 16.71 -22.66 -2.96
C GLY C 349 17.65 -22.59 -1.77
N PRO C 350 18.93 -22.35 -2.03
CA PRO C 350 19.90 -22.36 -0.92
C PRO C 350 19.72 -21.24 0.07
N LEU C 351 19.41 -20.03 -0.38
CA LEU C 351 19.31 -18.90 0.54
C LEU C 351 18.09 -19.05 1.46
N LEU C 352 16.99 -19.60 0.94
CA LEU C 352 15.84 -19.88 1.80
C LEU C 352 16.25 -20.80 2.94
N LEU C 353 17.02 -21.84 2.65
CA LEU C 353 17.49 -22.77 3.66
C LEU C 353 18.64 -22.22 4.50
N GLY C 354 19.15 -21.03 4.17
CA GLY C 354 20.15 -20.37 4.97
C GLY C 354 21.57 -20.87 4.78
N VAL C 355 21.84 -21.62 3.72
CA VAL C 355 23.17 -22.18 3.49
C VAL C 355 23.93 -21.31 2.49
N PRO C 356 25.26 -21.36 2.47
CA PRO C 356 26.00 -20.61 1.45
C PRO C 356 25.79 -21.18 0.07
N THR C 357 25.80 -20.29 -0.93
CA THR C 357 25.67 -20.66 -2.32
C THR C 357 26.84 -20.05 -3.09
N ILE C 358 27.49 -20.87 -3.91
CA ILE C 358 28.66 -20.44 -4.67
C ILE C 358 28.19 -19.83 -5.98
N ILE C 359 28.52 -18.56 -6.19
CA ILE C 359 28.15 -17.82 -7.39
C ILE C 359 29.42 -17.69 -8.24
N PHE C 360 29.49 -18.44 -9.33
CA PHE C 360 30.69 -18.49 -10.17
C PHE C 360 30.45 -17.68 -11.44
N GLU C 361 31.32 -16.72 -11.69
CA GLU C 361 31.14 -15.76 -12.78
C GLU C 361 31.72 -16.24 -14.11
N GLY C 362 32.73 -17.10 -14.08
CA GLY C 362 33.49 -17.44 -15.26
C GLY C 362 33.02 -18.72 -15.90
N THR C 363 33.97 -19.45 -16.50
CA THR C 363 33.73 -20.65 -17.25
C THR C 363 34.51 -21.82 -16.66
N PRO C 364 34.12 -23.06 -16.99
CA PRO C 364 34.88 -24.22 -16.50
C PRO C 364 36.25 -24.38 -17.15
N ALA C 365 36.63 -23.52 -18.09
CA ALA C 365 37.87 -23.66 -18.82
C ALA C 365 38.89 -22.58 -18.52
N TYR C 366 38.52 -21.53 -17.79
CA TYR C 366 39.40 -20.42 -17.49
C TYR C 366 39.69 -20.35 -16.00
N PRO C 367 40.97 -20.34 -15.57
CA PRO C 367 42.19 -20.37 -16.38
C PRO C 367 42.52 -21.76 -16.92
N ASP C 368 41.94 -22.83 -16.36
CA ASP C 368 42.17 -24.18 -16.84
C ASP C 368 40.89 -24.99 -16.63
N TYR C 369 40.93 -26.25 -17.07
CA TYR C 369 39.79 -27.14 -16.93
C TYR C 369 39.67 -27.77 -15.55
N GLY C 370 40.39 -27.25 -14.56
CA GLY C 370 40.21 -27.66 -13.19
C GLY C 370 39.57 -26.56 -12.37
N ARG C 371 38.98 -25.58 -13.05
CA ARG C 371 38.42 -24.43 -12.36
C ARG C 371 37.24 -24.83 -11.46
N PHE C 372 36.32 -25.64 -11.98
CA PHE C 372 35.22 -26.14 -11.17
C PHE C 372 35.75 -26.85 -9.92
N TRP C 373 36.75 -27.71 -10.09
CA TRP C 373 37.20 -28.56 -9.00
C TRP C 373 38.07 -27.80 -8.00
N GLN C 374 38.82 -26.81 -8.47
CA GLN C 374 39.55 -25.95 -7.53
C GLN C 374 38.59 -25.17 -6.66
N ILE C 375 37.47 -24.69 -7.25
CA ILE C 375 36.48 -23.96 -6.47
C ILE C 375 35.82 -24.89 -5.45
N VAL C 376 35.47 -26.11 -5.87
CA VAL C 376 34.85 -27.05 -4.95
C VAL C 376 35.80 -27.35 -3.78
N GLU C 377 37.07 -27.58 -4.09
CA GLU C 377 38.05 -27.82 -3.05
C GLU C 377 38.24 -26.60 -2.17
N LYS C 378 38.26 -25.41 -2.80
CA LYS C 378 38.54 -24.18 -2.06
C LYS C 378 37.52 -23.94 -0.97
N HIS C 379 36.24 -24.19 -1.25
CA HIS C 379 35.17 -23.91 -0.31
C HIS C 379 34.56 -25.18 0.26
N LYS C 380 35.14 -26.33 -0.05
CA LYS C 380 34.67 -27.61 0.48
C LYS C 380 33.17 -27.78 0.23
N ALA C 381 32.76 -27.50 -0.99
CA ALA C 381 31.35 -27.59 -1.35
C ALA C 381 30.87 -29.03 -1.23
N THR C 382 29.68 -29.20 -0.66
CA THR C 382 29.12 -30.53 -0.45
C THR C 382 28.14 -30.95 -1.54
N HIS C 383 27.67 -30.01 -2.36
CA HIS C 383 26.69 -30.28 -3.39
C HIS C 383 27.11 -29.59 -4.68
N PHE C 384 27.09 -30.34 -5.78
CA PHE C 384 27.48 -29.82 -7.09
C PHE C 384 26.33 -30.06 -8.07
N TYR C 385 26.05 -29.05 -8.89
CA TYR C 385 24.87 -29.05 -9.76
C TYR C 385 25.27 -28.40 -11.07
N VAL C 386 25.29 -29.18 -12.16
CA VAL C 386 25.77 -28.72 -13.46
C VAL C 386 25.00 -29.45 -14.55
N ALA C 387 25.12 -28.93 -15.81
CA ALA C 387 24.46 -29.55 -16.95
C ALA C 387 25.38 -30.55 -17.64
N PRO C 388 24.82 -31.58 -18.28
CA PRO C 388 25.67 -32.58 -18.95
C PRO C 388 26.64 -32.00 -19.97
N THR C 389 26.32 -30.84 -20.56
CA THR C 389 27.23 -30.26 -21.54
C THR C 389 28.61 -30.02 -20.95
N ALA C 390 28.67 -29.48 -19.73
CA ALA C 390 29.96 -29.27 -19.07
C ALA C 390 30.66 -30.59 -18.83
N LEU C 391 29.92 -31.62 -18.44
CA LEU C 391 30.52 -32.92 -18.21
C LEU C 391 31.12 -33.48 -19.50
N ARG C 392 30.43 -33.31 -20.63
CA ARG C 392 30.97 -33.77 -21.90
C ARG C 392 32.25 -33.02 -22.26
N LEU C 393 32.24 -31.70 -22.05
CA LEU C 393 33.45 -30.91 -22.34
C LEU C 393 34.59 -31.32 -21.43
N LEU C 394 34.34 -31.44 -20.13
CA LEU C 394 35.40 -31.75 -19.19
C LEU C 394 35.90 -33.18 -19.37
N ARG C 395 35.05 -34.09 -19.85
CA ARG C 395 35.54 -35.41 -20.22
C ARG C 395 36.49 -35.32 -21.41
N LYS C 396 36.23 -34.38 -22.32
CA LYS C 396 37.03 -34.25 -23.52
C LYS C 396 38.39 -33.63 -23.23
N ALA C 397 38.42 -32.66 -22.31
CA ALA C 397 39.61 -31.83 -22.16
C ALA C 397 39.99 -31.56 -20.70
N GLY C 398 39.46 -32.30 -19.74
CA GLY C 398 39.74 -31.99 -18.35
C GLY C 398 39.86 -33.17 -17.40
N GLU C 399 39.95 -34.39 -17.91
CA GLU C 399 40.03 -35.54 -17.03
C GLU C 399 41.27 -35.46 -16.15
N GLN C 400 42.39 -34.99 -16.70
CA GLN C 400 43.64 -34.95 -15.95
C GLN C 400 43.59 -33.95 -14.81
N GLU C 401 42.76 -32.90 -14.95
CA GLU C 401 42.73 -31.85 -13.93
C GLU C 401 41.99 -32.30 -12.68
N ILE C 402 41.03 -33.21 -12.82
CA ILE C 402 40.17 -33.56 -11.70
C ILE C 402 40.97 -34.17 -10.56
N ALA C 403 41.95 -35.03 -10.90
CA ALA C 403 42.72 -35.71 -9.88
C ALA C 403 43.63 -34.79 -9.09
N LYS C 404 43.84 -33.55 -9.56
CA LYS C 404 44.70 -32.61 -8.87
C LYS C 404 44.05 -31.96 -7.65
N TYR C 405 42.78 -32.24 -7.38
CA TYR C 405 42.02 -31.52 -6.37
C TYR C 405 41.27 -32.48 -5.46
N ASP C 406 41.05 -32.03 -4.23
CA ASP C 406 40.39 -32.81 -3.19
C ASP C 406 38.88 -32.55 -3.26
N LEU C 407 38.13 -33.54 -3.77
CA LEU C 407 36.69 -33.45 -3.92
C LEU C 407 35.94 -34.30 -2.92
N SER C 408 36.58 -34.65 -1.80
CA SER C 408 35.97 -35.56 -0.84
C SER C 408 34.86 -34.89 -0.02
N SER C 409 34.71 -33.57 -0.10
CA SER C 409 33.61 -32.91 0.60
C SER C 409 32.26 -33.12 -0.08
N LEU C 410 32.26 -33.42 -1.37
CA LEU C 410 31.01 -33.61 -2.09
C LEU C 410 30.34 -34.91 -1.68
N ARG C 411 29.00 -34.90 -1.66
CA ARG C 411 28.23 -36.14 -1.54
C ARG C 411 27.00 -36.19 -2.44
N THR C 412 26.52 -35.07 -2.96
CA THR C 412 25.39 -35.04 -3.90
C THR C 412 25.83 -34.33 -5.17
N LEU C 413 25.65 -35.01 -6.30
CA LEU C 413 25.97 -34.47 -7.62
C LEU C 413 24.69 -34.45 -8.46
N GLY C 414 24.40 -33.30 -9.05
CA GLY C 414 23.15 -33.11 -9.77
C GLY C 414 23.39 -32.82 -11.24
N SER C 415 22.46 -33.30 -12.07
CA SER C 415 22.44 -33.02 -13.50
C SER C 415 21.11 -32.36 -13.84
N VAL C 416 21.14 -31.45 -14.81
CA VAL C 416 19.97 -30.62 -15.11
C VAL C 416 20.03 -30.14 -16.55
N GLY C 417 18.85 -29.92 -17.13
CA GLY C 417 18.74 -29.19 -18.38
C GLY C 417 18.67 -30.09 -19.59
N GLU C 418 19.42 -31.18 -19.57
CA GLU C 418 19.57 -32.07 -20.71
C GLU C 418 19.42 -33.51 -20.25
N PRO C 419 19.09 -34.42 -21.15
CA PRO C 419 19.25 -35.84 -20.83
C PRO C 419 20.72 -36.17 -20.64
N ILE C 420 21.01 -36.97 -19.60
CA ILE C 420 22.36 -37.40 -19.29
C ILE C 420 22.47 -38.86 -19.72
N SER C 421 23.37 -39.13 -20.67
CA SER C 421 23.54 -40.49 -21.16
C SER C 421 24.04 -41.38 -20.02
N PRO C 422 23.73 -42.67 -20.06
CA PRO C 422 24.30 -43.58 -19.06
C PRO C 422 25.82 -43.50 -19.01
N ASP C 423 26.47 -43.28 -20.16
CA ASP C 423 27.93 -43.21 -20.18
C ASP C 423 28.44 -41.97 -19.46
N ILE C 424 27.80 -40.82 -19.68
CA ILE C 424 28.17 -39.62 -18.93
C ILE C 424 27.81 -39.81 -17.46
N TRP C 425 26.72 -40.52 -17.16
CA TRP C 425 26.38 -40.83 -15.78
C TRP C 425 27.51 -41.61 -15.11
N GLU C 426 28.05 -42.61 -15.81
CA GLU C 426 29.15 -43.39 -15.24
C GLU C 426 30.40 -42.54 -15.07
N TRP C 427 30.75 -41.77 -16.10
CA TRP C 427 31.92 -40.89 -16.00
C TRP C 427 31.73 -39.89 -14.87
N TYR C 428 30.54 -39.32 -14.76
CA TYR C 428 30.25 -38.35 -13.71
C TYR C 428 30.35 -39.00 -12.34
N ASN C 429 29.84 -40.23 -12.20
CA ASN C 429 29.87 -40.90 -10.90
C ASN C 429 31.28 -41.29 -10.50
N GLU C 430 32.10 -41.72 -11.46
CA GLU C 430 33.41 -42.26 -11.14
C GLU C 430 34.45 -41.16 -11.00
N PHE C 431 34.62 -40.34 -12.05
CA PHE C 431 35.73 -39.40 -12.09
C PHE C 431 35.51 -38.21 -11.17
N VAL C 432 34.26 -37.83 -10.92
CA VAL C 432 33.94 -36.73 -10.01
C VAL C 432 33.49 -37.25 -8.65
N GLY C 433 32.52 -38.16 -8.63
CA GLY C 433 31.99 -38.68 -7.38
C GLY C 433 32.79 -39.81 -6.76
N LYS C 434 33.75 -40.37 -7.48
CA LYS C 434 34.61 -41.44 -6.95
C LYS C 434 33.80 -42.65 -6.50
N ASN C 435 32.65 -42.87 -7.12
CA ASN C 435 31.73 -43.94 -6.69
C ASN C 435 31.37 -43.79 -5.21
N GLN C 436 31.25 -42.54 -4.76
CA GLN C 436 30.96 -42.24 -3.37
C GLN C 436 29.87 -41.20 -3.19
N CYS C 437 29.31 -40.67 -4.28
CA CYS C 437 28.30 -39.62 -4.21
C CYS C 437 27.01 -40.11 -4.85
N HIS C 438 25.91 -39.47 -4.45
CA HIS C 438 24.61 -39.72 -5.05
C HIS C 438 24.41 -38.77 -6.23
N ILE C 439 23.93 -39.30 -7.35
CA ILE C 439 23.66 -38.51 -8.54
C ILE C 439 22.16 -38.28 -8.65
N SER C 440 21.77 -37.02 -8.87
CA SER C 440 20.38 -36.61 -8.98
C SER C 440 20.14 -36.02 -10.36
N ASP C 441 19.61 -36.84 -11.27
CA ASP C 441 19.20 -36.36 -12.59
C ASP C 441 17.85 -35.67 -12.42
N THR C 442 17.88 -34.34 -12.36
CA THR C 442 16.69 -33.55 -12.07
C THR C 442 16.02 -33.11 -13.38
N TYR C 443 14.79 -33.56 -13.59
CA TYR C 443 13.98 -33.12 -14.71
C TYR C 443 12.99 -32.05 -14.24
N TRP C 444 12.92 -30.94 -14.96
CA TRP C 444 11.97 -29.88 -14.65
C TRP C 444 12.01 -28.85 -15.77
N GLN C 445 11.27 -27.76 -15.58
CA GLN C 445 11.11 -26.73 -16.59
C GLN C 445 11.12 -25.36 -15.94
N THR C 446 11.27 -24.32 -16.77
CA THR C 446 11.04 -22.97 -16.28
C THR C 446 9.63 -22.82 -15.72
N GLU C 447 8.65 -23.43 -16.41
CA GLU C 447 7.26 -23.30 -16.00
C GLU C 447 6.94 -24.08 -14.74
N SER C 448 7.74 -25.07 -14.37
CA SER C 448 7.49 -25.85 -13.17
C SER C 448 8.07 -25.20 -11.92
N GLY C 449 8.94 -24.22 -12.06
CA GLY C 449 9.51 -23.53 -10.91
C GLY C 449 10.58 -24.30 -10.16
N SER C 450 10.32 -25.58 -9.89
CA SER C 450 11.25 -26.42 -9.16
C SER C 450 11.17 -27.83 -9.74
N HIS C 451 11.89 -28.76 -9.12
CA HIS C 451 12.02 -30.10 -9.68
C HIS C 451 10.67 -30.78 -9.81
N LEU C 452 10.50 -31.53 -10.90
CA LEU C 452 9.32 -32.35 -11.14
C LEU C 452 9.59 -33.83 -10.87
N ILE C 453 10.67 -34.37 -11.44
CA ILE C 453 11.05 -35.77 -11.26
C ILE C 453 12.56 -35.79 -11.01
N ALA C 454 12.98 -36.40 -9.89
CA ALA C 454 14.40 -36.48 -9.57
C ALA C 454 14.60 -37.53 -8.50
N PRO C 455 15.76 -38.20 -8.47
CA PRO C 455 16.04 -39.15 -7.38
C PRO C 455 16.51 -38.41 -6.13
N LEU C 456 15.76 -38.55 -5.05
CA LEU C 456 16.14 -37.91 -3.79
C LEU C 456 17.47 -38.48 -3.29
N ALA C 457 18.37 -37.59 -2.89
CA ALA C 457 19.69 -38.01 -2.44
C ALA C 457 19.58 -38.81 -1.14
N GLY C 458 20.19 -39.99 -1.14
CA GLY C 458 20.13 -40.85 0.02
C GLY C 458 18.82 -41.60 0.20
N VAL C 459 17.92 -41.54 -0.79
CA VAL C 459 16.61 -42.16 -0.67
C VAL C 459 16.34 -43.06 -1.87
N VAL C 460 16.41 -42.50 -3.07
CA VAL C 460 15.97 -43.19 -4.29
C VAL C 460 17.19 -43.79 -4.99
N PRO C 461 17.23 -45.10 -5.22
CA PRO C 461 18.31 -45.68 -6.02
C PRO C 461 18.25 -45.20 -7.47
N ASN C 462 19.42 -45.11 -8.09
CA ASN C 462 19.53 -44.54 -9.42
C ASN C 462 19.44 -45.61 -10.50
N LYS C 463 18.94 -45.20 -11.66
CA LYS C 463 19.12 -45.93 -12.91
C LYS C 463 19.81 -44.98 -13.88
N PRO C 464 21.09 -45.18 -14.22
CA PRO C 464 21.81 -44.18 -15.02
C PRO C 464 21.06 -43.75 -16.26
N GLY C 465 20.73 -42.46 -16.35
CA GLY C 465 19.96 -41.92 -17.44
C GLY C 465 18.51 -41.65 -17.13
N SER C 466 18.01 -42.11 -15.99
CA SER C 466 16.62 -41.93 -15.59
C SER C 466 16.52 -40.86 -14.51
N ALA C 467 15.35 -40.22 -14.45
CA ALA C 467 15.03 -39.26 -13.40
C ALA C 467 14.26 -39.88 -12.25
N SER C 468 13.84 -41.14 -12.38
CA SER C 468 13.19 -41.90 -11.32
C SER C 468 11.77 -41.40 -11.04
N TYR C 469 11.45 -41.04 -9.73
CA TYR C 469 10.08 -40.85 -9.29
C TYR C 469 9.69 -39.38 -9.28
N PRO C 470 8.40 -39.08 -9.45
CA PRO C 470 7.95 -37.69 -9.30
C PRO C 470 8.14 -37.19 -7.88
N PHE C 471 8.28 -35.88 -7.75
CA PHE C 471 8.51 -35.25 -6.46
C PHE C 471 7.17 -34.88 -5.82
N PHE C 472 7.23 -34.39 -4.59
CA PHE C 472 6.03 -34.05 -3.83
C PHE C 472 5.11 -33.14 -4.61
N GLY C 473 3.85 -33.53 -4.71
CA GLY C 473 2.82 -32.73 -5.35
C GLY C 473 2.75 -32.86 -6.85
N ILE C 474 3.55 -33.72 -7.46
CA ILE C 474 3.57 -33.93 -8.91
C ILE C 474 2.98 -35.31 -9.19
N ASP C 475 1.77 -35.34 -9.73
CA ASP C 475 1.10 -36.57 -10.15
C ASP C 475 1.38 -36.78 -11.63
N ALA C 476 2.56 -37.33 -11.91
CA ALA C 476 2.98 -37.51 -13.29
C ALA C 476 2.13 -38.57 -13.98
N ALA C 477 2.03 -38.43 -15.30
CA ALA C 477 1.21 -39.33 -16.09
C ALA C 477 1.70 -39.31 -17.53
N LEU C 478 1.42 -40.39 -18.25
CA LEU C 478 1.70 -40.49 -19.66
C LEU C 478 0.39 -40.49 -20.44
N ILE C 479 0.38 -39.77 -21.56
CA ILE C 479 -0.81 -39.63 -22.40
C ILE C 479 -0.47 -40.10 -23.80
N ASP C 480 -1.34 -40.93 -24.36
CA ASP C 480 -1.20 -41.36 -25.74
C ASP C 480 -1.41 -40.16 -26.64
N PRO C 481 -0.40 -39.70 -27.39
CA PRO C 481 -0.59 -38.47 -28.18
C PRO C 481 -1.75 -38.56 -29.16
N VAL C 482 -2.03 -39.75 -29.68
CA VAL C 482 -3.07 -39.91 -30.70
C VAL C 482 -4.45 -39.82 -30.06
N THR C 483 -4.73 -40.71 -29.11
CA THR C 483 -6.06 -40.75 -28.49
C THR C 483 -6.26 -39.62 -27.48
N GLY C 484 -5.19 -39.15 -26.84
CA GLY C 484 -5.31 -38.17 -25.80
C GLY C 484 -5.75 -38.73 -24.46
N VAL C 485 -5.62 -40.03 -24.26
CA VAL C 485 -6.11 -40.71 -23.06
C VAL C 485 -4.93 -41.13 -22.20
N GLU C 486 -5.08 -40.98 -20.89
CA GLU C 486 -4.03 -41.35 -19.95
C GLU C 486 -3.75 -42.84 -20.04
N ILE C 487 -2.45 -43.19 -20.07
CA ILE C 487 -2.01 -44.57 -20.24
C ILE C 487 -1.93 -45.21 -18.86
N GLU C 488 -2.80 -46.19 -18.61
CA GLU C 488 -2.73 -46.98 -17.39
C GLU C 488 -1.65 -48.05 -17.52
N GLY C 489 -1.02 -48.37 -16.41
CA GLY C 489 -0.02 -49.43 -16.38
C GLY C 489 1.36 -48.94 -16.78
N ASN C 490 2.35 -49.77 -16.50
CA ASN C 490 3.75 -49.45 -16.72
C ASN C 490 4.24 -50.09 -18.02
N ASP C 491 5.53 -49.92 -18.30
CA ASP C 491 6.12 -50.27 -19.59
C ASP C 491 5.38 -49.54 -20.72
N ALA C 492 5.36 -48.21 -20.60
CA ALA C 492 4.60 -47.38 -21.50
C ALA C 492 5.42 -46.15 -21.90
N GLU C 493 5.01 -45.55 -23.01
CA GLU C 493 5.63 -44.32 -23.52
C GLU C 493 4.52 -43.36 -23.95
N GLY C 494 4.83 -42.08 -23.92
CA GLY C 494 3.88 -41.09 -24.39
C GLY C 494 4.28 -39.69 -23.94
N VAL C 495 3.33 -38.77 -24.09
CA VAL C 495 3.53 -37.38 -23.70
C VAL C 495 3.42 -37.27 -22.19
N LEU C 496 4.36 -36.54 -21.58
CA LEU C 496 4.41 -36.40 -20.14
C LEU C 496 3.47 -35.29 -19.69
N ALA C 497 2.58 -35.61 -18.76
CA ALA C 497 1.58 -34.66 -18.29
C ALA C 497 1.45 -34.77 -16.78
N ILE C 498 1.04 -33.66 -16.16
CA ILE C 498 0.77 -33.60 -14.72
C ILE C 498 -0.73 -33.49 -14.52
N LYS C 499 -1.26 -34.25 -13.58
CA LYS C 499 -2.70 -34.38 -13.41
C LYS C 499 -3.30 -33.34 -12.47
N ASP C 500 -2.48 -32.57 -11.78
CA ASP C 500 -2.98 -31.47 -10.96
C ASP C 500 -1.84 -30.48 -10.75
N HIS C 501 -2.20 -29.24 -10.44
CA HIS C 501 -1.18 -28.21 -10.27
C HIS C 501 -0.47 -28.39 -8.93
N TRP C 502 0.74 -27.86 -8.87
CA TRP C 502 1.64 -27.97 -7.73
C TRP C 502 2.05 -26.58 -7.28
N PRO C 503 2.59 -26.45 -6.06
CA PRO C 503 2.79 -25.09 -5.50
C PRO C 503 3.60 -24.16 -6.38
N SER C 504 4.72 -24.61 -6.94
CA SER C 504 5.62 -23.75 -7.69
C SER C 504 5.32 -23.71 -9.18
N MET C 505 4.15 -24.19 -9.60
CA MET C 505 3.78 -24.12 -11.00
C MET C 505 3.62 -22.67 -11.45
N ALA C 506 4.13 -22.36 -12.64
CA ALA C 506 3.95 -21.04 -13.21
C ALA C 506 2.46 -20.73 -13.31
N ARG C 507 2.11 -19.46 -13.03
CA ARG C 507 0.70 -19.10 -12.89
C ARG C 507 0.10 -18.49 -14.15
N THR C 508 0.91 -17.92 -15.03
CA THR C 508 0.39 -17.34 -16.27
C THR C 508 1.56 -16.96 -17.16
N VAL C 509 1.23 -16.57 -18.38
CA VAL C 509 2.16 -15.87 -19.27
C VAL C 509 1.80 -14.40 -19.22
N TYR C 510 2.78 -13.55 -18.96
CA TYR C 510 2.52 -12.15 -18.62
C TYR C 510 1.57 -11.52 -19.63
N LYS C 511 0.39 -11.12 -19.14
CA LYS C 511 -0.63 -10.45 -19.93
C LYS C 511 -1.06 -11.23 -21.17
N ASN C 512 -0.80 -12.53 -21.21
CA ASN C 512 -1.23 -13.36 -22.33
C ASN C 512 -1.64 -14.72 -21.75
N HIS C 513 -2.64 -14.71 -20.88
CA HIS C 513 -3.08 -15.93 -20.23
C HIS C 513 -3.75 -16.89 -21.21
N THR C 514 -4.30 -16.39 -22.32
CA THR C 514 -4.86 -17.29 -23.32
C THR C 514 -3.76 -18.14 -23.94
N LYS C 515 -2.60 -17.53 -24.22
CA LYS C 515 -1.46 -18.30 -24.70
C LYS C 515 -1.01 -19.31 -23.66
N TYR C 516 -0.99 -18.90 -22.40
CA TYR C 516 -0.70 -19.82 -21.30
C TYR C 516 -1.63 -21.02 -21.32
N MET C 517 -2.94 -20.77 -21.40
CA MET C 517 -3.91 -21.87 -21.43
C MET C 517 -3.71 -22.73 -22.67
N ASP C 518 -3.53 -22.11 -23.83
CA ASP C 518 -3.39 -22.87 -25.07
C ASP C 518 -2.14 -23.74 -25.08
N THR C 519 -1.11 -23.34 -24.34
CA THR C 519 0.16 -24.05 -24.37
C THR C 519 0.20 -25.22 -23.38
N TYR C 520 -0.37 -25.04 -22.19
CA TYR C 520 -0.17 -25.98 -21.08
C TYR C 520 -1.43 -26.68 -20.63
N MET C 521 -2.58 -26.02 -20.65
CA MET C 521 -3.79 -26.57 -20.06
C MET C 521 -4.79 -27.10 -21.09
N ASN C 522 -4.86 -26.50 -22.27
CA ASN C 522 -5.87 -26.85 -23.26
C ASN C 522 -5.49 -28.07 -24.10
N PRO C 523 -4.20 -28.28 -24.44
CA PRO C 523 -3.86 -29.43 -25.30
C PRO C 523 -4.42 -30.75 -24.79
N TYR C 524 -4.34 -31.00 -23.49
CA TYR C 524 -4.88 -32.21 -22.87
C TYR C 524 -5.68 -31.75 -21.67
N PRO C 525 -6.96 -31.41 -21.88
CA PRO C 525 -7.74 -30.80 -20.79
C PRO C 525 -7.76 -31.66 -19.53
N GLY C 526 -7.60 -30.99 -18.39
CA GLY C 526 -7.45 -31.66 -17.12
C GLY C 526 -6.01 -31.94 -16.73
N TYR C 527 -5.07 -31.76 -17.65
CA TYR C 527 -3.66 -32.05 -17.42
C TYR C 527 -2.82 -30.82 -17.71
N TYR C 528 -1.59 -30.83 -17.21
CA TYR C 528 -0.56 -29.87 -17.57
C TYR C 528 0.38 -30.53 -18.58
N PHE C 529 0.53 -29.90 -19.74
CA PHE C 529 1.30 -30.46 -20.85
C PHE C 529 2.73 -29.92 -20.79
N THR C 530 3.68 -30.79 -20.47
CA THR C 530 5.06 -30.37 -20.31
C THR C 530 5.75 -30.04 -21.62
N GLY C 531 5.27 -30.60 -22.74
CA GLY C 531 6.01 -30.49 -23.98
C GLY C 531 7.10 -31.52 -24.14
N ASP C 532 7.14 -32.53 -23.27
CA ASP C 532 8.17 -33.54 -23.25
C ASP C 532 7.55 -34.92 -23.44
N GLY C 533 8.29 -35.79 -24.13
CA GLY C 533 7.97 -37.20 -24.16
C GLY C 533 8.76 -37.95 -23.10
N ALA C 534 8.16 -39.03 -22.59
CA ALA C 534 8.79 -39.80 -21.53
C ALA C 534 8.21 -41.20 -21.51
N ALA C 535 8.91 -42.09 -20.81
CA ALA C 535 8.51 -43.48 -20.68
C ALA C 535 8.58 -43.89 -19.21
N ARG C 536 7.66 -44.78 -18.82
CA ARG C 536 7.59 -45.29 -17.46
C ARG C 536 7.77 -46.80 -17.50
N ASP C 537 8.79 -47.29 -16.80
CA ASP C 537 9.12 -48.70 -16.82
C ASP C 537 8.39 -49.43 -15.69
N HIS C 538 8.61 -50.75 -15.61
CA HIS C 538 7.89 -51.56 -14.63
C HIS C 538 8.22 -51.16 -13.19
N ASP C 539 9.33 -50.49 -12.95
CA ASP C 539 9.67 -50.02 -11.62
C ASP C 539 9.07 -48.65 -11.33
N GLY C 540 8.38 -48.04 -12.28
CA GLY C 540 7.82 -46.72 -12.10
C GLY C 540 8.76 -45.59 -12.43
N TYR C 541 10.00 -45.89 -12.81
CA TYR C 541 10.95 -44.84 -13.14
C TYR C 541 10.60 -44.19 -14.47
N TYR C 542 10.78 -42.88 -14.54
CA TYR C 542 10.49 -42.12 -15.74
C TYR C 542 11.78 -41.89 -16.52
N TRP C 543 11.73 -42.16 -17.82
CA TRP C 543 12.85 -41.93 -18.73
C TRP C 543 12.44 -40.81 -19.69
N ILE C 544 13.06 -39.64 -19.54
CA ILE C 544 12.69 -38.49 -20.37
C ILE C 544 13.22 -38.71 -21.77
N ARG C 545 12.34 -38.60 -22.77
CA ARG C 545 12.69 -38.83 -24.15
C ARG C 545 13.07 -37.57 -24.89
N GLY C 546 12.53 -36.42 -24.50
CA GLY C 546 12.84 -35.15 -25.11
C GLY C 546 11.59 -34.39 -25.54
N ARG C 547 11.82 -33.20 -26.10
CA ARG C 547 10.72 -32.34 -26.50
C ARG C 547 9.96 -32.92 -27.70
N VAL C 548 8.63 -32.80 -27.65
CA VAL C 548 7.77 -33.20 -28.75
C VAL C 548 7.39 -32.03 -29.64
N ASP C 549 7.85 -30.82 -29.34
CA ASP C 549 7.55 -29.63 -30.11
C ASP C 549 8.83 -29.08 -30.74
N ASP C 550 8.72 -27.90 -31.35
CA ASP C 550 9.84 -27.28 -32.06
C ASP C 550 10.72 -26.50 -31.08
N VAL C 551 11.31 -27.24 -30.14
CA VAL C 551 12.23 -26.69 -29.16
C VAL C 551 13.52 -27.50 -29.20
N VAL C 552 14.65 -26.81 -29.28
CA VAL C 552 15.96 -27.43 -29.34
C VAL C 552 16.75 -27.06 -28.10
N ASN C 553 17.49 -28.02 -27.56
CA ASN C 553 18.22 -27.86 -26.30
C ASN C 553 19.71 -27.73 -26.63
N VAL C 554 20.13 -26.51 -26.94
CA VAL C 554 21.52 -26.23 -27.30
C VAL C 554 22.30 -25.95 -26.02
N SER C 555 23.14 -26.90 -25.62
CA SER C 555 24.03 -26.73 -24.47
C SER C 555 23.26 -26.39 -23.21
N GLY C 556 22.12 -27.04 -23.01
CA GLY C 556 21.29 -26.81 -21.85
C GLY C 556 20.42 -25.58 -21.91
N HIS C 557 20.55 -24.76 -22.95
CA HIS C 557 19.78 -23.53 -23.10
C HIS C 557 18.59 -23.80 -24.02
N ARG C 558 17.39 -23.57 -23.50
CA ARG C 558 16.17 -23.82 -24.26
C ARG C 558 16.07 -22.81 -25.40
N LEU C 559 15.88 -23.31 -26.62
CA LEU C 559 15.76 -22.47 -27.79
C LEU C 559 14.59 -22.95 -28.65
N SER C 560 13.98 -22.00 -29.36
CA SER C 560 12.90 -22.29 -30.27
C SER C 560 13.41 -22.21 -31.71
N THR C 561 13.10 -23.24 -32.50
CA THR C 561 13.46 -23.17 -33.92
C THR C 561 12.73 -22.00 -34.60
N ALA C 562 11.51 -21.72 -34.18
CA ALA C 562 10.77 -20.59 -34.75
C ALA C 562 11.46 -19.27 -34.44
N GLU C 563 12.05 -19.15 -33.25
CA GLU C 563 12.72 -17.90 -32.89
C GLU C 563 13.96 -17.66 -33.74
N ILE C 564 14.74 -18.72 -34.02
CA ILE C 564 15.94 -18.55 -34.84
C ILE C 564 15.56 -18.31 -36.29
N GLU C 565 14.48 -18.94 -36.77
CA GLU C 565 14.04 -18.70 -38.13
C GLU C 565 13.62 -17.25 -38.31
N ALA C 566 12.89 -16.68 -37.35
CA ALA C 566 12.48 -15.30 -37.46
C ALA C 566 13.68 -14.36 -37.45
N ALA C 567 14.75 -14.73 -36.75
CA ALA C 567 15.96 -13.92 -36.77
C ALA C 567 16.58 -13.90 -38.16
N LEU C 568 16.62 -15.06 -38.82
CA LEU C 568 17.14 -15.11 -40.19
C LEU C 568 16.28 -14.31 -41.14
N ILE C 569 14.97 -14.26 -40.89
CA ILE C 569 14.07 -13.53 -41.78
C ILE C 569 14.28 -12.03 -41.66
N GLU C 570 14.79 -11.56 -40.52
CA GLU C 570 15.07 -10.13 -40.39
C GLU C 570 16.06 -9.66 -41.45
N ASP C 571 17.03 -10.50 -41.82
CA ASP C 571 17.89 -10.22 -42.97
C ASP C 571 17.03 -10.24 -44.23
N LYS C 572 16.83 -9.05 -44.82
CA LYS C 572 15.91 -8.91 -45.93
C LYS C 572 16.38 -9.65 -47.17
N LYS C 573 17.56 -10.28 -47.10
CA LYS C 573 18.01 -11.13 -48.21
C LYS C 573 17.38 -12.52 -48.18
N VAL C 574 16.58 -12.85 -47.18
CA VAL C 574 16.04 -14.19 -47.00
C VAL C 574 14.54 -14.19 -47.32
N SER C 575 14.11 -15.17 -48.12
CA SER C 575 12.69 -15.36 -48.41
C SER C 575 12.03 -16.29 -47.40
N GLU C 576 12.62 -17.47 -47.18
CA GLU C 576 12.11 -18.42 -46.20
C GLU C 576 13.29 -19.11 -45.52
N ALA C 577 13.04 -19.57 -44.30
CA ALA C 577 14.08 -20.22 -43.49
C ALA C 577 13.47 -21.37 -42.72
N ALA C 578 14.29 -22.37 -42.42
CA ALA C 578 13.86 -23.54 -41.69
C ALA C 578 15.00 -24.02 -40.81
N VAL C 579 14.77 -24.07 -39.50
CA VAL C 579 15.77 -24.47 -38.53
C VAL C 579 15.35 -25.80 -37.91
N VAL C 580 16.30 -26.72 -37.79
CA VAL C 580 16.07 -28.02 -37.20
C VAL C 580 17.20 -28.33 -36.22
N GLY C 581 16.92 -29.28 -35.33
CA GLY C 581 17.88 -29.71 -34.32
C GLY C 581 18.40 -31.10 -34.62
N ILE C 582 19.73 -31.26 -34.50
CA ILE C 582 20.37 -32.55 -34.73
C ILE C 582 21.25 -32.87 -33.51
N HIS C 583 21.64 -34.14 -33.43
CA HIS C 583 22.49 -34.58 -32.33
C HIS C 583 23.89 -33.99 -32.46
N ASP C 584 24.42 -33.46 -31.35
CA ASP C 584 25.79 -32.99 -31.27
C ASP C 584 26.43 -33.65 -30.05
N ASP C 585 27.64 -34.18 -30.23
CA ASP C 585 28.27 -34.96 -29.18
C ASP C 585 28.86 -34.11 -28.06
N ILE C 586 28.85 -32.79 -28.18
CA ILE C 586 29.36 -31.88 -27.16
C ILE C 586 28.25 -31.02 -26.57
N THR C 587 27.50 -30.33 -27.44
CA THR C 587 26.39 -29.49 -27.01
C THR C 587 25.10 -30.29 -26.86
N GLY C 588 25.16 -31.61 -27.02
CA GLY C 588 23.98 -32.45 -26.94
C GLY C 588 23.09 -32.36 -28.16
N GLN C 589 22.70 -31.14 -28.53
CA GLN C 589 21.83 -30.91 -29.68
C GLN C 589 22.25 -29.59 -30.31
N ALA C 590 22.37 -29.59 -31.64
CA ALA C 590 22.81 -28.42 -32.37
C ALA C 590 21.78 -28.01 -33.41
N VAL C 591 21.79 -26.73 -33.77
CA VAL C 591 20.81 -26.15 -34.68
C VAL C 591 21.45 -25.98 -36.06
N ILE C 592 20.79 -26.52 -37.08
CA ILE C 592 21.18 -26.33 -38.47
C ILE C 592 20.10 -25.50 -39.15
N ALA C 593 20.52 -24.45 -39.85
CA ALA C 593 19.60 -23.51 -40.49
C ALA C 593 19.68 -23.67 -42.00
N TYR C 594 18.53 -23.94 -42.63
CA TYR C 594 18.41 -24.03 -44.07
C TYR C 594 17.70 -22.78 -44.59
N VAL C 595 18.39 -22.01 -45.43
CA VAL C 595 17.93 -20.69 -45.85
C VAL C 595 17.78 -20.68 -47.37
N ALA C 596 16.63 -20.20 -47.85
CA ALA C 596 16.37 -19.97 -49.26
C ALA C 596 16.33 -18.48 -49.51
N LEU C 597 17.18 -17.99 -50.40
CA LEU C 597 17.26 -16.56 -50.68
C LEU C 597 16.32 -16.16 -51.81
N LYS C 598 16.01 -14.86 -51.85
CA LYS C 598 15.23 -14.28 -52.92
C LYS C 598 16.14 -13.82 -54.05
N GLU C 599 15.55 -13.29 -55.11
CA GLU C 599 16.33 -12.81 -56.25
C GLU C 599 17.06 -11.51 -55.90
N GLY C 600 18.19 -11.30 -56.57
CA GLY C 600 19.02 -10.15 -56.33
C GLY C 600 20.33 -10.52 -55.66
N GLU C 604 25.78 -13.06 -54.60
CA GLU C 604 27.21 -13.24 -54.81
C GLU C 604 27.90 -13.76 -53.55
N ASP C 605 29.06 -14.37 -53.73
CA ASP C 605 29.84 -14.95 -52.64
C ASP C 605 28.94 -15.75 -51.72
N SER C 606 28.61 -16.98 -52.11
CA SER C 606 27.73 -17.82 -51.29
C SER C 606 28.35 -18.07 -49.91
N GLU C 607 29.65 -18.32 -49.86
CA GLU C 607 30.31 -18.54 -48.57
C GLU C 607 30.19 -17.31 -47.68
N GLY C 608 30.38 -16.12 -48.26
CA GLY C 608 30.28 -14.91 -47.48
C GLY C 608 28.87 -14.66 -46.95
N LEU C 609 27.87 -15.04 -47.74
CA LEU C 609 26.48 -14.82 -47.34
C LEU C 609 26.07 -15.73 -46.19
N ARG C 610 26.61 -16.95 -46.14
CA ARG C 610 26.32 -17.82 -45.00
C ARG C 610 26.74 -17.15 -43.69
N LYS C 611 27.93 -16.55 -43.68
CA LYS C 611 28.44 -15.91 -42.47
C LYS C 611 27.64 -14.67 -42.10
N GLU C 612 27.06 -13.98 -43.08
CA GLU C 612 26.17 -12.86 -42.78
C GLU C 612 24.97 -13.34 -41.97
N LEU C 613 24.40 -14.48 -42.34
CA LEU C 613 23.22 -14.98 -41.66
C LEU C 613 23.53 -15.43 -40.24
N VAL C 614 24.70 -16.04 -40.03
CA VAL C 614 25.10 -16.41 -38.69
C VAL C 614 25.20 -15.18 -37.81
N LEU C 615 25.83 -14.12 -38.32
CA LEU C 615 25.91 -12.88 -37.57
C LEU C 615 24.53 -12.27 -37.35
N GLN C 616 23.60 -12.51 -38.27
CA GLN C 616 22.25 -11.99 -38.09
C GLN C 616 21.59 -12.57 -36.85
N VAL C 617 21.76 -13.87 -36.62
CA VAL C 617 21.19 -14.50 -35.44
C VAL C 617 21.91 -14.03 -34.18
N ARG C 618 23.23 -13.86 -34.25
CA ARG C 618 23.98 -13.44 -33.07
C ARG C 618 23.54 -12.09 -32.56
N LYS C 619 23.11 -11.19 -33.44
CA LYS C 619 22.67 -9.87 -33.02
C LYS C 619 21.18 -9.80 -32.71
N THR C 620 20.37 -10.68 -33.32
CA THR C 620 18.94 -10.67 -33.02
C THR C 620 18.66 -11.38 -31.69
N ILE C 621 19.09 -12.63 -31.57
CA ILE C 621 18.86 -13.41 -30.35
C ILE C 621 20.08 -13.25 -29.45
N GLY C 622 21.23 -13.72 -29.91
CA GLY C 622 22.45 -13.65 -29.14
C GLY C 622 23.49 -14.63 -29.66
N PRO C 623 24.75 -14.40 -29.28
CA PRO C 623 25.82 -15.28 -29.81
C PRO C 623 25.61 -16.76 -29.49
N PHE C 624 24.97 -17.08 -28.37
CA PHE C 624 24.81 -18.48 -27.99
C PHE C 624 23.80 -19.20 -28.88
N ALA C 625 22.87 -18.47 -29.50
CA ALA C 625 21.84 -19.06 -30.34
C ALA C 625 22.24 -19.11 -31.82
N ALA C 626 23.50 -18.82 -32.14
CA ALA C 626 23.93 -18.87 -33.52
C ALA C 626 23.83 -20.30 -34.05
N PRO C 627 23.41 -20.49 -35.31
CA PRO C 627 23.40 -21.84 -35.87
C PRO C 627 24.81 -22.37 -35.99
N LYS C 628 24.97 -23.68 -35.76
CA LYS C 628 26.28 -24.29 -35.97
C LYS C 628 26.70 -24.18 -37.42
N SER C 629 25.76 -24.39 -38.34
CA SER C 629 26.03 -24.26 -39.77
C SER C 629 24.77 -23.74 -40.44
N VAL C 630 24.94 -22.84 -41.40
CA VAL C 630 23.85 -22.32 -42.22
C VAL C 630 24.01 -22.90 -43.61
N ILE C 631 22.99 -23.59 -44.09
CA ILE C 631 23.03 -24.25 -45.39
C ILE C 631 22.13 -23.45 -46.34
N ILE C 632 22.75 -22.79 -47.31
CA ILE C 632 22.01 -22.06 -48.33
C ILE C 632 21.54 -23.04 -49.39
N VAL C 633 20.25 -22.99 -49.71
CA VAL C 633 19.63 -23.89 -50.67
C VAL C 633 18.85 -23.06 -51.67
N GLN C 634 18.43 -23.71 -52.75
CA GLN C 634 17.68 -23.02 -53.80
C GLN C 634 16.22 -22.82 -53.36
N ASP C 635 15.59 -23.88 -52.87
CA ASP C 635 14.29 -23.79 -52.23
C ASP C 635 14.22 -24.87 -51.18
N LEU C 636 13.34 -24.69 -50.22
CA LEU C 636 13.28 -25.64 -49.13
C LEU C 636 12.33 -26.78 -49.46
N PRO C 637 12.57 -27.99 -48.90
CA PRO C 637 11.59 -29.07 -49.08
C PRO C 637 10.26 -28.73 -48.43
N LYS C 638 9.25 -28.47 -49.26
CA LYS C 638 7.94 -28.03 -48.82
C LYS C 638 6.90 -29.08 -49.19
N THR C 639 5.89 -29.22 -48.31
CA THR C 639 4.85 -30.22 -48.54
C THR C 639 4.04 -29.90 -49.79
N ARG C 640 3.11 -30.79 -50.12
CA ARG C 640 2.16 -30.48 -51.19
C ARG C 640 1.39 -29.22 -50.86
N SER C 641 1.00 -29.04 -49.59
CA SER C 641 0.28 -27.85 -49.20
C SER C 641 1.16 -26.61 -49.25
N GLY C 642 2.41 -26.72 -48.78
CA GLY C 642 3.35 -25.62 -48.86
C GLY C 642 4.15 -25.39 -47.60
N LYS C 643 3.91 -26.16 -46.54
CA LYS C 643 4.66 -26.00 -45.30
C LYS C 643 5.91 -26.89 -45.30
N ILE C 644 6.85 -26.52 -44.43
CA ILE C 644 8.17 -27.12 -44.40
C ILE C 644 8.14 -28.41 -43.58
N MET C 645 8.48 -29.52 -44.24
CA MET C 645 8.71 -30.80 -43.57
C MET C 645 10.11 -30.81 -43.00
N ARG C 646 10.23 -30.52 -41.70
CA ARG C 646 11.56 -30.44 -41.12
C ARG C 646 12.23 -31.81 -41.05
N ARG C 647 11.45 -32.89 -41.03
CA ARG C 647 12.04 -34.22 -40.88
C ARG C 647 13.00 -34.54 -42.01
N ILE C 648 12.73 -34.05 -43.22
CA ILE C 648 13.70 -34.23 -44.30
C ILE C 648 15.00 -33.52 -43.97
N LEU C 649 14.89 -32.30 -43.42
CA LEU C 649 16.08 -31.55 -43.05
C LEU C 649 16.83 -32.21 -41.90
N ARG C 650 16.09 -32.79 -40.95
CA ARG C 650 16.71 -33.47 -39.81
C ARG C 650 17.56 -34.65 -40.27
N LYS C 651 16.98 -35.52 -41.09
CA LYS C 651 17.71 -36.70 -41.54
C LYS C 651 18.90 -36.33 -42.42
N VAL C 652 18.70 -35.40 -43.36
CA VAL C 652 19.81 -34.99 -44.22
C VAL C 652 20.94 -34.41 -43.40
N SER C 653 20.62 -33.58 -42.40
CA SER C 653 21.66 -32.95 -41.60
C SER C 653 22.42 -33.96 -40.74
N SER C 654 21.74 -35.00 -40.26
CA SER C 654 22.36 -36.03 -39.45
C SER C 654 22.92 -37.19 -40.28
N ASN C 655 23.18 -36.96 -41.56
CA ASN C 655 23.78 -37.97 -42.44
C ASN C 655 22.93 -39.24 -42.51
N GLU C 656 21.63 -39.09 -42.27
CA GLU C 656 20.66 -40.18 -42.35
C GLU C 656 19.63 -39.92 -43.45
N ALA C 657 20.09 -39.45 -44.61
CA ALA C 657 19.19 -39.00 -45.67
C ALA C 657 18.56 -40.16 -46.41
N ASP C 658 18.37 -41.29 -45.73
CA ASP C 658 17.69 -42.44 -46.30
C ASP C 658 16.47 -42.81 -45.47
N LEU C 666 5.28 -33.69 -50.73
CA LEU C 666 6.39 -33.45 -51.64
C LEU C 666 5.94 -32.69 -52.87
N SER C 667 5.78 -31.37 -52.75
CA SER C 667 5.51 -30.56 -53.93
C SER C 667 6.76 -30.42 -54.80
N ASN C 668 7.94 -30.43 -54.18
CA ASN C 668 9.21 -30.35 -54.88
C ASN C 668 10.09 -31.51 -54.43
N PRO C 669 9.80 -32.73 -54.89
CA PRO C 669 10.66 -33.87 -54.55
C PRO C 669 12.04 -33.78 -55.19
N GLN C 670 12.26 -32.85 -56.12
CA GLN C 670 13.57 -32.67 -56.72
C GLN C 670 14.51 -31.84 -55.86
N SER C 671 13.98 -31.00 -54.97
CA SER C 671 14.82 -30.19 -54.11
C SER C 671 15.65 -31.06 -53.16
N VAL C 672 15.12 -32.22 -52.77
CA VAL C 672 15.77 -33.04 -51.75
C VAL C 672 17.19 -33.38 -52.17
N GLU C 673 17.40 -33.65 -53.47
CA GLU C 673 18.75 -33.91 -53.95
C GLU C 673 19.63 -32.68 -53.78
N GLY C 674 19.09 -31.50 -54.06
CA GLY C 674 19.86 -30.28 -53.86
C GLY C 674 20.15 -29.98 -52.41
N ILE C 675 19.26 -30.37 -51.50
CA ILE C 675 19.50 -30.16 -50.08
C ILE C 675 20.71 -30.97 -49.63
N ILE C 676 20.81 -32.21 -50.10
CA ILE C 676 21.91 -33.09 -49.67
C ILE C 676 23.23 -32.55 -50.19
N SER C 677 23.26 -32.08 -51.45
CA SER C 677 24.49 -31.56 -52.01
C SER C 677 24.91 -30.26 -51.31
N ALA C 678 23.95 -29.37 -51.07
CA ALA C 678 24.28 -28.11 -50.40
C ALA C 678 24.85 -28.37 -49.01
N PHE C 679 24.26 -29.34 -48.30
CA PHE C 679 24.79 -29.69 -46.98
C PHE C 679 26.17 -30.32 -47.08
N GLY C 680 26.36 -31.21 -48.07
CA GLY C 680 27.66 -31.86 -48.23
C GLY C 680 28.76 -30.90 -48.59
N ALA C 681 28.44 -29.82 -49.30
CA ALA C 681 29.46 -28.86 -49.71
C ALA C 681 29.75 -27.83 -48.63
N GLN C 682 28.70 -27.26 -48.03
CA GLN C 682 28.87 -26.12 -47.15
C GLN C 682 29.16 -26.51 -45.70
N PHE C 683 28.78 -27.70 -45.27
CA PHE C 683 28.99 -28.09 -43.88
C PHE C 683 30.48 -28.25 -43.60
CL CL D . -13.73 -6.68 20.43
C1 YHQ E . -37.30 7.16 1.93
C2 YHQ E . -38.82 7.14 1.80
C3 YHQ E . -38.99 6.16 0.64
C4 YHQ E . -38.26 3.76 1.07
C5 YHQ E . -40.04 2.92 1.91
C6 YHQ E . -40.33 4.24 1.64
O1 YHQ E . -36.79 8.28 2.64
C7 YHQ E . -42.39 4.05 2.40
C8 YHQ E . -41.06 2.14 2.48
C9 YHQ E . -36.88 7.15 0.47
C10 YHQ E . -35.46 6.73 0.18
C11 YHQ E . -34.31 2.98 -1.56
C12 YHQ E . -34.86 2.72 -2.92
C13 YHQ E . -34.82 2.05 -0.50
O2 YHQ E . -37.81 6.22 -0.14
O3 YHQ E . -39.28 8.41 1.38
O4 YHQ E . -35.22 6.73 -1.25
O5 YHQ E . -32.83 6.01 -1.12
N1 YHQ E . -39.18 4.78 1.09
O6 YHQ E . -34.72 4.34 -1.16
N4 YHQ E . -42.25 2.74 2.72
O7 YHQ E . -34.21 5.63 -3.27
N2 YHQ E . -38.73 2.63 1.55
N3 YHQ E . -41.50 4.87 1.86
N5 YHQ E . -40.92 0.86 2.79
P1 YHQ E . -34.13 5.69 -1.78
O1 PG4 F . -5.04 -0.38 4.12
C1 PG4 F . -3.68 -0.01 4.12
C2 PG4 F . -3.29 0.61 2.80
O2 PG4 F . -3.74 1.94 2.70
C3 PG4 F . -3.18 2.62 1.62
C4 PG4 F . -3.73 4.03 1.52
O3 PG4 F . -5.05 4.03 1.04
C5 PG4 F . -5.37 5.12 0.20
C6 PG4 F . -6.70 5.73 0.58
O4 PG4 F . -7.75 5.08 -0.10
C7 PG4 F . -8.37 4.05 0.63
C8 PG4 F . -9.84 3.97 0.30
O5 PG4 F . -10.04 3.68 -1.08
O1 PG4 G . -34.67 0.99 23.64
C1 PG4 G . -35.34 2.18 23.30
C2 PG4 G . -36.82 1.91 23.17
O2 PG4 G . -37.09 1.27 21.94
C3 PG4 G . -38.46 1.05 21.73
C4 PG4 G . -38.67 0.31 20.42
O3 PG4 G . -38.45 -1.05 20.62
C5 PG4 G . -38.58 -1.82 19.45
C6 PG4 G . -38.38 -3.28 19.76
O4 PG4 G . -39.38 -3.75 20.63
C7 PG4 G . -40.61 -3.99 20.01
C8 PG4 G . -41.52 -4.80 20.91
O5 PG4 G . -41.90 -4.03 22.04
C1 PGE H . -19.36 10.37 24.88
O1 PGE H . -18.28 11.09 25.44
C2 PGE H . -19.44 10.62 23.39
O2 PGE H . -18.42 9.93 22.73
C3 PGE H . -18.83 8.86 21.92
C4 PGE H . -17.73 8.15 21.18
O4 PGE H . -14.18 10.25 19.73
C6 PGE H . -14.95 9.18 19.21
C5 PGE H . -15.52 8.38 20.37
O3 PGE H . -16.68 9.03 20.84
S SO4 I . -0.64 -3.79 4.72
O1 SO4 I . -1.89 -3.41 5.46
O2 SO4 I . 0.52 -3.84 5.67
O3 SO4 I . -0.82 -5.13 4.07
O4 SO4 I . -0.37 -2.76 3.66
CL CL J . 9.27 -10.92 20.22
C1 YHQ K . 24.39 19.04 22.17
C2 YHQ K . 25.01 19.99 23.19
C3 YHQ K . 23.84 20.94 23.47
C4 YHQ K . 21.76 20.02 24.59
C5 YHQ K . 22.28 20.14 26.65
C6 YHQ K . 23.37 20.62 25.94
O1 YHQ K . 25.34 18.32 21.40
C7 YHQ K . 24.50 21.00 27.79
C8 YHQ K . 22.38 20.11 28.05
C9 YHQ K . 23.59 20.04 21.33
C10 YHQ K . 22.51 19.46 20.46
C11 YHQ K . 18.31 19.87 21.17
C12 YHQ K . 17.70 21.23 21.04
C13 YHQ K . 18.23 19.32 22.55
O2 YHQ K . 23.01 20.93 22.31
O3 YHQ K . 26.05 20.73 22.58
O4 YHQ K . 21.84 20.50 19.72
O5 YHQ K . 20.20 19.03 18.53
N1 YHQ K . 23.03 20.55 24.62
O6 YHQ K . 19.73 19.98 20.81
N4 YHQ K . 23.54 20.55 28.60
O7 YHQ K . 19.73 21.53 18.82
N2 YHQ K . 21.27 19.77 25.78
N3 YHQ K . 24.52 21.07 26.46
N5 YHQ K . 21.41 19.68 28.86
P1 YHQ K . 20.30 20.26 19.35
O1 PG4 L . 3.59 -0.90 3.56
C1 PG4 L . 3.42 -1.45 2.28
C2 PG4 L . 3.62 -0.39 1.23
O2 PG4 L . 4.94 0.10 1.30
C3 PG4 L . 5.16 1.22 0.50
C4 PG4 L . 6.55 1.77 0.77
O3 PG4 L . 6.56 3.16 0.55
C5 PG4 L . 7.86 3.70 0.49
C6 PG4 L . 8.41 3.89 1.87
O4 PG4 L . 7.80 5.00 2.49
C7 PG4 L . 7.73 4.88 3.88
C8 PG4 L . 7.50 6.26 4.49
O5 PG4 L . 6.78 6.15 5.70
O1 PG4 M . 26.84 -1.71 32.26
C1 PG4 M . 27.20 -0.46 31.72
C2 PG4 M . 27.79 0.44 32.77
O2 PG4 M . 26.98 1.57 32.94
C3 PG4 M . 27.42 2.45 33.94
C4 PG4 M . 26.42 3.57 34.12
O3 PG4 M . 25.50 3.24 35.14
C5 PG4 M . 24.44 4.16 35.23
C6 PG4 M . 23.67 3.92 36.51
O4 PG4 M . 24.49 4.16 37.63
C7 PG4 M . 23.77 4.38 38.81
C8 PG4 M . 24.70 4.43 39.99
O5 PG4 M . 25.83 3.63 39.75
C1 PGE N . 25.39 -8.65 16.05
O1 PGE N . 26.56 -8.28 15.36
C2 PGE N . 24.36 -7.54 15.94
O2 PGE N . 23.79 -7.52 14.64
C3 PGE N . 22.96 -8.61 14.31
C4 PGE N . 21.74 -8.26 13.50
O4 PGE N . 23.66 -7.46 9.27
C6 PGE N . 22.84 -6.92 10.28
C5 PGE N . 22.74 -7.96 11.38
O3 PGE N . 22.05 -7.37 12.45
CL CL O . -4.53 -23.40 7.69
C1 YHQ P . 12.45 -29.91 -20.54
C2 YHQ P . 13.30 -31.01 -21.18
C3 YHQ P . 14.71 -30.51 -20.84
C4 YHQ P . 15.42 -30.44 -18.40
C5 YHQ P . 16.07 -32.43 -18.08
C6 YHQ P . 15.66 -32.37 -19.40
O1 YHQ P . 11.12 -29.86 -21.02
C7 YHQ P . 16.14 -34.50 -19.73
C8 YHQ P . 16.55 -33.68 -17.61
C9 YHQ P . 13.27 -28.68 -20.89
C10 YHQ P . 12.97 -27.44 -20.07
C11 YHQ P . 15.56 -25.86 -17.08
C12 YHQ P . 16.89 -25.39 -17.57
C13 YHQ P . 15.65 -27.06 -16.19
O2 YHQ P . 14.62 -29.09 -20.67
O3 YHQ P . 13.13 -30.98 -22.58
O4 YHQ P . 13.83 -26.36 -20.50
O5 YHQ P . 12.95 -24.62 -18.91
N1 YHQ P . 15.24 -31.07 -19.60
O6 YHQ P . 14.78 -26.26 -18.26
N4 YHQ P . 16.57 -34.71 -18.48
O7 YHQ P . 15.31 -24.42 -19.89
N2 YHQ P . 15.92 -31.20 -17.46
N3 YHQ P . 15.67 -33.38 -20.28
N5 YHQ P . 16.98 -33.87 -16.36
P1 YHQ P . 14.21 -25.27 -19.38
O1 PG4 Q . -0.10 -6.75 -0.37
C1 PG4 Q . -0.46 -5.38 -0.31
C2 PG4 Q . -1.52 -5.10 -1.34
O2 PG4 Q . -1.05 -4.15 -2.27
C3 PG4 Q . -1.83 -4.05 -3.43
C4 PG4 Q . -0.98 -3.57 -4.59
O3 PG4 Q . -0.90 -4.56 -5.58
C5 PG4 Q . -0.17 -4.18 -6.71
C6 PG4 Q . 0.19 -5.40 -7.53
O4 PG4 Q . 1.24 -6.10 -6.88
C7 PG4 Q . 1.83 -7.11 -7.68
C8 PG4 Q . 3.17 -7.49 -7.10
O5 PG4 Q . 4.16 -7.51 -8.10
O1 PG4 R . -1.46 -41.80 -5.91
C1 PG4 R . -0.31 -41.34 -6.58
C2 PG4 R . 0.44 -42.52 -7.17
O2 PG4 R . 1.70 -42.11 -7.61
C3 PG4 R . 2.48 -43.17 -8.10
C4 PG4 R . 3.93 -42.73 -8.19
O3 PG4 R . 4.56 -43.01 -6.96
C5 PG4 R . 5.84 -42.42 -6.85
C6 PG4 R . 6.37 -42.66 -5.46
O4 PG4 R . 6.58 -44.04 -5.26
C7 PG4 R . 7.94 -44.35 -5.06
C8 PG4 R . 8.13 -45.80 -4.71
O5 PG4 R . 7.04 -46.57 -5.19
C1 PGE S . -11.63 -27.68 -6.99
O1 PGE S . -12.91 -27.66 -7.60
C2 PGE S . -11.18 -26.28 -6.67
O2 PGE S . -11.92 -25.78 -5.59
C3 PGE S . -11.34 -24.68 -4.91
C4 PGE S . -11.74 -23.33 -5.44
O4 PGE S . -12.45 -20.96 -8.91
C6 PGE S . -12.73 -21.58 -7.68
C5 PGE S . -12.18 -23.00 -7.73
O3 PGE S . -11.21 -23.12 -6.72
#